data_3U7B
#
_entry.id   3U7B
#
_cell.length_a   124.220
_cell.length_b   124.220
_cell.length_c   284.040
_cell.angle_alpha   90.00
_cell.angle_beta   90.00
_cell.angle_gamma   90.00
#
_symmetry.space_group_name_H-M   'P 41 21 2'
#
loop_
_entity.id
_entity.type
_entity.pdbx_description
1 polymer ENDO-1,4-BETA-XYLANASE
2 branched beta-D-mannopyranose-(1-4)-2-acetamido-2-deoxy-beta-D-glucopyranose-(1-4)-2-acetamido-2-deoxy-beta-D-glucopyranose
3 branched alpha-D-mannopyranose-(1-2)-alpha-D-mannopyranose-(1-3)-beta-D-mannopyranose-(1-4)-2-acetamido-2-deoxy-beta-D-glucopyranose-(1-4)-2-acetamido-2-deoxy-beta-D-glucopyranose
4 branched alpha-D-mannopyranose-(1-6)-beta-D-mannopyranose-(1-4)-2-acetamido-2-deoxy-beta-D-glucopyranose-(1-4)-2-acetamido-2-deoxy-beta-D-glucopyranose
5 non-polymer 1,2-ETHANEDIOL
6 water water
#
_entity_poly.entity_id   1
_entity_poly.type   'polypeptide(L)'
_entity_poly.pdbx_seq_one_letter_code
;AASGLEAAMKAAGKQYFGTALTVRNDQGEIDIINNKNEIGSITPENAMKWEAIQPNRGQFNWGPADQHAAAATSRGYELR
CHTLVWHSQLPSWVANGNWNNQTLQAVMRDHINAVMGRYRGKCTHWDVVNEALNEDGTYRDSVFLRVIGEAYIPIAFRMA
LAADPTTKLYYNDYNLEYGNAKTEGAKRIARLVKSYGLRIDGIGLQAHMTSESTPTQNTPTPSRAKLASVLQGLADLGVD
VAYTELDIRMNTPATQQKLQTNADAYARIVGSCMDVKRCVGITVWGISDKYSWVPGTFPGEGSALLWNDNFQKKPSYTST
LNTINRR
;
_entity_poly.pdbx_strand_id   A,B,C,D,E
#
loop_
_chem_comp.id
_chem_comp.type
_chem_comp.name
_chem_comp.formula
BMA D-saccharide, beta linking beta-D-mannopyranose 'C6 H12 O6'
EDO non-polymer 1,2-ETHANEDIOL 'C2 H6 O2'
MAN D-saccharide, alpha linking alpha-D-mannopyranose 'C6 H12 O6'
NAG D-saccharide, beta linking 2-acetamido-2-deoxy-beta-D-glucopyranose 'C8 H15 N O6'
#
# COMPACT_ATOMS: atom_id res chain seq x y z
N ALA A 1 -37.03 2.67 2.20
CA ALA A 1 -36.28 3.89 1.79
C ALA A 1 -34.92 3.54 1.19
N ALA A 2 -34.45 4.34 0.24
CA ALA A 2 -33.15 4.12 -0.39
C ALA A 2 -32.01 4.24 0.61
N SER A 3 -30.91 3.52 0.36
CA SER A 3 -29.82 3.38 1.33
C SER A 3 -28.56 4.19 0.98
N GLY A 4 -28.57 4.83 -0.18
CA GLY A 4 -27.49 5.71 -0.61
C GLY A 4 -28.05 7.02 -1.13
N LEU A 5 -27.22 8.06 -1.17
CA LEU A 5 -27.65 9.41 -1.50
C LEU A 5 -28.19 9.56 -2.94
N GLU A 6 -27.42 9.06 -3.92
CA GLU A 6 -27.87 9.06 -5.31
C GLU A 6 -29.20 8.32 -5.51
N ALA A 7 -29.32 7.11 -4.97
CA ALA A 7 -30.56 6.34 -5.08
C ALA A 7 -31.74 7.08 -4.45
N ALA A 8 -31.48 7.73 -3.31
CA ALA A 8 -32.50 8.52 -2.61
C ALA A 8 -32.97 9.70 -3.47
N MET A 9 -32.03 10.37 -4.13
CA MET A 9 -32.37 11.50 -4.99
C MET A 9 -33.22 11.05 -6.17
N LYS A 10 -32.82 9.94 -6.79
CA LYS A 10 -33.56 9.35 -7.92
C LYS A 10 -34.98 8.95 -7.51
N ALA A 11 -35.11 8.27 -6.38
CA ALA A 11 -36.40 7.82 -5.86
C ALA A 11 -37.33 8.99 -5.56
N ALA A 12 -36.74 10.11 -5.15
CA ALA A 12 -37.49 11.33 -4.82
C ALA A 12 -37.85 12.17 -6.05
N GLY A 13 -37.33 11.79 -7.22
CA GLY A 13 -37.61 12.50 -8.45
C GLY A 13 -36.57 13.55 -8.83
N LYS A 14 -35.46 13.58 -8.10
CA LYS A 14 -34.34 14.47 -8.42
C LYS A 14 -33.38 13.81 -9.42
N GLN A 15 -32.42 14.58 -9.94
CA GLN A 15 -31.54 14.08 -11.00
C GLN A 15 -30.28 13.35 -10.53
N TYR A 16 -29.69 13.80 -9.41
CA TYR A 16 -28.41 13.26 -8.95
C TYR A 16 -28.02 13.69 -7.55
N PHE A 17 -27.17 12.88 -6.92
CA PHE A 17 -26.33 13.35 -5.83
C PHE A 17 -24.88 13.18 -6.27
N GLY A 18 -24.09 14.25 -6.17
CA GLY A 18 -22.73 14.27 -6.69
C GLY A 18 -21.69 14.63 -5.66
N THR A 19 -20.42 14.53 -6.07
CA THR A 19 -19.31 15.00 -5.27
C THR A 19 -18.17 15.55 -6.12
N ALA A 20 -17.46 16.55 -5.58
CA ALA A 20 -16.16 16.95 -6.11
C ALA A 20 -15.18 15.80 -5.95
N LEU A 21 -14.23 15.68 -6.88
CA LEU A 21 -13.21 14.64 -6.81
C LEU A 21 -11.83 15.11 -7.26
N THR A 22 -10.82 14.75 -6.46
CA THR A 22 -9.44 14.72 -6.90
C THR A 22 -8.98 13.27 -6.90
N VAL A 23 -8.57 12.78 -8.07
CA VAL A 23 -8.02 11.44 -8.20
C VAL A 23 -6.66 11.42 -7.48
N ARG A 24 -6.48 10.49 -6.56
CA ARG A 24 -5.23 10.37 -5.80
C ARG A 24 -5.00 8.91 -5.42
N ASN A 25 -3.80 8.61 -4.92
CA ASN A 25 -3.44 7.23 -4.54
C ASN A 25 -4.29 6.67 -3.39
N ASP A 26 -4.68 7.55 -2.46
CA ASP A 26 -5.63 7.20 -1.39
C ASP A 26 -6.99 6.87 -1.99
N GLN A 27 -7.41 5.60 -1.87
CA GLN A 27 -8.63 5.10 -2.49
C GLN A 27 -9.89 5.31 -1.64
N GLY A 28 -9.72 5.89 -0.45
CA GLY A 28 -10.83 6.05 0.50
C GLY A 28 -12.10 6.67 -0.07
N GLU A 29 -11.97 7.80 -0.77
CA GLU A 29 -13.12 8.47 -1.37
C GLU A 29 -13.66 7.72 -2.59
N ILE A 30 -12.78 7.34 -3.52
CA ILE A 30 -13.23 6.67 -4.75
C ILE A 30 -13.98 5.36 -4.45
N ASP A 31 -13.53 4.61 -3.43
CA ASP A 31 -14.21 3.36 -3.08
C ASP A 31 -15.65 3.59 -2.61
N ILE A 32 -15.89 4.73 -1.97
CA ILE A 32 -17.24 5.17 -1.57
C ILE A 32 -18.05 5.61 -2.79
N ILE A 33 -17.39 6.34 -3.69
CA ILE A 33 -18.00 6.84 -4.92
C ILE A 33 -18.44 5.71 -5.86
N ASN A 34 -17.66 4.62 -5.89
CA ASN A 34 -17.95 3.44 -6.73
C ASN A 34 -19.36 2.87 -6.57
N ASN A 35 -19.92 3.06 -5.38
CA ASN A 35 -21.28 2.66 -5.07
C ASN A 35 -22.30 3.46 -5.90
N LYS A 36 -22.89 2.82 -6.90
CA LYS A 36 -23.83 3.48 -7.81
C LYS A 36 -25.10 3.99 -7.11
N ASN A 37 -25.40 3.43 -5.94
CA ASN A 37 -26.49 3.93 -5.12
C ASN A 37 -26.09 5.14 -4.26
N GLU A 38 -24.79 5.41 -4.16
CA GLU A 38 -24.28 6.52 -3.37
C GLU A 38 -24.09 7.83 -4.15
N ILE A 39 -23.41 7.75 -5.28
CA ILE A 39 -23.00 8.93 -6.06
C ILE A 39 -23.33 8.71 -7.54
N GLY A 40 -23.87 9.73 -8.20
CA GLY A 40 -24.18 9.65 -9.62
C GLY A 40 -23.66 10.81 -10.47
N SER A 41 -22.85 11.66 -9.87
CA SER A 41 -22.27 12.82 -10.57
C SER A 41 -20.93 13.19 -9.94
N ILE A 42 -20.00 13.64 -10.78
CA ILE A 42 -18.66 14.03 -10.36
C ILE A 42 -18.35 15.45 -10.83
N THR A 43 -17.77 16.26 -9.95
CA THR A 43 -17.15 17.53 -10.35
C THR A 43 -15.63 17.45 -10.14
N PRO A 44 -14.84 17.45 -11.23
CA PRO A 44 -13.39 17.51 -11.05
C PRO A 44 -13.01 18.73 -10.23
N GLU A 45 -12.31 18.52 -9.12
CA GLU A 45 -12.03 19.57 -8.16
C GLU A 45 -11.15 20.69 -8.74
N ASN A 46 -10.14 20.30 -9.51
CA ASN A 46 -9.16 21.26 -10.02
C ASN A 46 -8.78 21.08 -11.49
N ALA A 47 -9.01 19.88 -12.04
CA ALA A 47 -8.46 19.49 -13.35
C ALA A 47 -9.00 20.27 -14.56
N MET A 48 -10.11 21.00 -14.39
CA MET A 48 -10.73 21.69 -15.51
C MET A 48 -10.74 23.22 -15.42
N LYS A 49 -10.11 23.76 -14.38
CA LYS A 49 -9.91 25.21 -14.26
C LYS A 49 -8.93 25.71 -15.33
N TRP A 50 -8.98 27.01 -15.64
CA TRP A 50 -8.21 27.58 -16.76
C TRP A 50 -6.72 27.27 -16.65
N GLU A 51 -6.13 27.51 -15.48
CA GLU A 51 -4.71 27.21 -15.24
C GLU A 51 -4.35 25.76 -15.54
N ALA A 52 -5.22 24.81 -15.16
CA ALA A 52 -4.98 23.39 -15.38
C ALA A 52 -5.08 22.99 -16.85
N ILE A 53 -6.01 23.62 -17.57
CA ILE A 53 -6.34 23.27 -18.95
C ILE A 53 -5.46 23.98 -19.98
N GLN A 54 -5.12 25.24 -19.72
CA GLN A 54 -4.26 26.00 -20.64
C GLN A 54 -3.26 26.86 -19.86
N PRO A 55 -2.25 26.22 -19.23
CA PRO A 55 -1.30 26.94 -18.36
C PRO A 55 -0.41 27.91 -19.14
N ASN A 56 -0.12 27.57 -20.39
CA ASN A 56 0.59 28.44 -21.31
C ASN A 56 -0.23 28.60 -22.58
N ARG A 57 -0.14 29.78 -23.19
CA ARG A 57 -0.98 30.12 -24.35
C ARG A 57 -0.79 29.16 -25.53
N GLY A 58 -1.89 28.51 -25.93
CA GLY A 58 -1.89 27.59 -27.05
C GLY A 58 -1.44 26.18 -26.70
N GLN A 59 -1.02 25.98 -25.45
CA GLN A 59 -0.49 24.69 -25.01
C GLN A 59 -1.42 24.07 -23.97
N PHE A 60 -2.36 23.29 -24.46
CA PHE A 60 -3.37 22.68 -23.61
C PHE A 60 -2.83 21.46 -22.87
N ASN A 61 -3.38 21.23 -21.68
CA ASN A 61 -2.91 20.19 -20.77
C ASN A 61 -4.09 19.29 -20.43
N TRP A 62 -4.29 18.26 -21.26
CA TRP A 62 -5.51 17.45 -21.21
C TRP A 62 -5.46 16.30 -20.22
N GLY A 63 -4.25 15.84 -19.90
CA GLY A 63 -4.06 14.67 -19.02
C GLY A 63 -4.95 14.59 -17.78
N PRO A 64 -4.83 15.55 -16.85
CA PRO A 64 -5.65 15.51 -15.63
C PRO A 64 -7.16 15.59 -15.90
N ALA A 65 -7.57 16.49 -16.80
CA ALA A 65 -8.99 16.62 -17.15
C ALA A 65 -9.57 15.34 -17.76
N ASP A 66 -8.82 14.74 -18.70
CA ASP A 66 -9.18 13.43 -19.28
C ASP A 66 -9.35 12.38 -18.20
N GLN A 67 -8.42 12.36 -17.24
CA GLN A 67 -8.43 11.38 -16.14
C GLN A 67 -9.65 11.54 -15.24
N HIS A 68 -9.98 12.77 -14.89
CA HIS A 68 -11.15 13.06 -14.06
C HIS A 68 -12.48 12.85 -14.80
N ALA A 69 -12.53 13.26 -16.08
CA ALA A 69 -13.70 12.99 -16.92
C ALA A 69 -13.94 11.49 -17.06
N ALA A 70 -12.86 10.71 -17.23
CA ALA A 70 -12.95 9.25 -17.35
C ALA A 70 -13.46 8.58 -16.08
N ALA A 71 -13.15 9.15 -14.92
CA ALA A 71 -13.67 8.66 -13.65
C ALA A 71 -15.20 8.65 -13.64
N ALA A 72 -15.80 9.64 -14.28
CA ALA A 72 -17.25 9.71 -14.38
C ALA A 72 -17.80 8.85 -15.53
N THR A 73 -17.24 9.00 -16.73
CA THR A 73 -17.74 8.28 -17.90
C THR A 73 -17.63 6.75 -17.77
N SER A 74 -16.53 6.27 -17.20
CA SER A 74 -16.31 4.82 -17.02
C SER A 74 -17.32 4.19 -16.07
N ARG A 75 -17.93 5.02 -15.23
CA ARG A 75 -18.95 4.56 -14.28
C ARG A 75 -20.37 4.91 -14.73
N GLY A 76 -20.49 5.59 -15.88
CA GLY A 76 -21.77 6.05 -16.39
C GLY A 76 -22.37 7.18 -15.56
N TYR A 77 -21.52 7.97 -14.92
CA TYR A 77 -21.95 9.05 -14.04
C TYR A 77 -22.02 10.36 -14.82
N GLU A 78 -22.81 11.29 -14.30
CA GLU A 78 -22.85 12.65 -14.83
C GLU A 78 -21.56 13.39 -14.45
N LEU A 79 -21.32 14.51 -15.14
CA LEU A 79 -20.10 15.27 -14.94
C LEU A 79 -20.42 16.76 -14.95
N ARG A 80 -20.14 17.44 -13.85
CA ARG A 80 -20.21 18.91 -13.82
C ARG A 80 -18.81 19.44 -14.12
N CYS A 81 -18.70 20.15 -15.23
CA CYS A 81 -17.41 20.67 -15.65
C CYS A 81 -17.20 22.08 -15.11
N HIS A 82 -16.04 22.28 -14.50
CA HIS A 82 -15.77 23.41 -13.62
C HIS A 82 -14.31 23.85 -13.79
N THR A 83 -14.04 25.03 -14.34
CA THR A 83 -15.00 26.07 -14.74
C THR A 83 -14.33 26.93 -15.81
N LEU A 84 -15.12 27.60 -16.65
CA LEU A 84 -14.54 28.39 -17.75
C LEU A 84 -13.99 29.76 -17.31
N VAL A 85 -14.87 30.74 -17.23
CA VAL A 85 -14.47 32.12 -16.94
C VAL A 85 -14.54 32.43 -15.44
N TRP A 86 -13.36 32.55 -14.84
CA TRP A 86 -13.21 32.69 -13.39
C TRP A 86 -11.99 33.54 -13.08
N HIS A 87 -12.12 34.45 -12.11
CA HIS A 87 -11.04 35.37 -11.73
C HIS A 87 -9.88 34.70 -10.98
N SER A 88 -10.19 33.61 -10.28
CA SER A 88 -9.24 32.97 -9.41
C SER A 88 -8.35 31.99 -10.18
N GLN A 89 -7.07 32.00 -9.82
CA GLN A 89 -6.05 31.12 -10.39
C GLN A 89 -6.01 31.19 -11.91
N LEU A 90 -6.15 32.39 -12.47
CA LEU A 90 -5.94 32.57 -13.89
C LEU A 90 -4.45 32.42 -14.16
N PRO A 91 -4.08 31.81 -15.29
CA PRO A 91 -2.68 31.79 -15.66
C PRO A 91 -2.15 33.21 -15.80
N SER A 92 -0.88 33.39 -15.47
CA SER A 92 -0.24 34.71 -15.53
C SER A 92 -0.42 35.36 -16.90
N TRP A 93 -0.31 34.58 -17.97
CA TRP A 93 -0.44 35.10 -19.33
C TRP A 93 -1.81 35.69 -19.64
N VAL A 94 -2.85 35.24 -18.93
CA VAL A 94 -4.18 35.82 -19.07
C VAL A 94 -4.35 37.01 -18.12
N ALA A 95 -4.07 36.80 -16.84
CA ALA A 95 -4.28 37.82 -15.80
C ALA A 95 -3.43 39.08 -16.03
N ASN A 96 -2.18 38.89 -16.42
CA ASN A 96 -1.24 40.01 -16.63
C ASN A 96 -1.03 40.39 -18.09
N GLY A 97 -1.88 39.86 -18.97
CA GLY A 97 -1.79 40.14 -20.40
C GLY A 97 -2.13 41.58 -20.74
N ASN A 98 -1.58 42.07 -21.86
CA ASN A 98 -1.89 43.40 -22.37
C ASN A 98 -3.01 43.29 -23.38
N TRP A 99 -4.25 43.36 -22.90
CA TRP A 99 -5.42 43.06 -23.74
C TRP A 99 -6.18 44.29 -24.19
N ASN A 100 -6.78 44.18 -25.36
CA ASN A 100 -7.91 45.04 -25.73
C ASN A 100 -9.16 44.17 -25.84
N ASN A 101 -10.32 44.82 -25.93
CA ASN A 101 -11.61 44.13 -25.99
C ASN A 101 -11.62 42.95 -26.96
N GLN A 102 -11.17 43.18 -28.19
CA GLN A 102 -11.18 42.15 -29.23
C GLN A 102 -10.22 40.98 -28.98
N THR A 103 -9.02 41.29 -28.49
CA THR A 103 -7.99 40.26 -28.32
C THR A 103 -8.25 39.34 -27.12
N LEU A 104 -8.82 39.89 -26.03
CA LEU A 104 -9.22 39.07 -24.89
C LEU A 104 -10.39 38.14 -25.24
N GLN A 105 -11.32 38.64 -26.06
CA GLN A 105 -12.45 37.83 -26.52
C GLN A 105 -12.00 36.66 -27.40
N ALA A 106 -11.01 36.90 -28.25
CA ALA A 106 -10.43 35.85 -29.09
C ALA A 106 -9.78 34.76 -28.21
N VAL A 107 -9.14 35.19 -27.13
CA VAL A 107 -8.55 34.29 -26.14
C VAL A 107 -9.62 33.48 -25.40
N MET A 108 -10.69 34.15 -24.99
CA MET A 108 -11.85 33.48 -24.40
C MET A 108 -12.42 32.42 -25.34
N ARG A 109 -12.64 32.83 -26.60
CA ARG A 109 -13.22 31.96 -27.62
C ARG A 109 -12.39 30.71 -27.86
N ASP A 110 -11.08 30.89 -27.97
CA ASP A 110 -10.17 29.77 -28.23
C ASP A 110 -10.18 28.78 -27.07
N HIS A 111 -10.12 29.30 -25.84
CA HIS A 111 -10.15 28.47 -24.64
C HIS A 111 -11.46 27.69 -24.53
N ILE A 112 -12.57 28.42 -24.58
CA ILE A 112 -13.92 27.84 -24.51
C ILE A 112 -14.16 26.80 -25.61
N ASN A 113 -13.82 27.15 -26.85
CA ASN A 113 -13.95 26.20 -27.98
C ASN A 113 -13.21 24.88 -27.75
N ALA A 114 -11.95 24.97 -27.33
CA ALA A 114 -11.12 23.78 -27.18
C ALA A 114 -11.55 22.88 -26.02
N VAL A 115 -11.83 23.47 -24.86
CA VAL A 115 -12.17 22.67 -23.68
C VAL A 115 -13.61 22.13 -23.71
N MET A 116 -14.58 22.96 -24.09
CA MET A 116 -15.95 22.47 -24.26
C MET A 116 -16.05 21.47 -25.40
N GLY A 117 -15.31 21.71 -26.47
CA GLY A 117 -15.30 20.82 -27.63
C GLY A 117 -14.79 19.42 -27.32
N ARG A 118 -13.72 19.35 -26.54
CA ARG A 118 -13.13 18.06 -26.18
C ARG A 118 -14.09 17.17 -25.38
N TYR A 119 -14.79 17.79 -24.42
CA TYR A 119 -15.65 17.04 -23.48
C TYR A 119 -17.14 17.10 -23.81
N ARG A 120 -17.45 17.47 -25.06
CA ARG A 120 -18.82 17.52 -25.55
C ARG A 120 -19.45 16.13 -25.54
N GLY A 121 -20.63 16.02 -24.92
CA GLY A 121 -21.31 14.74 -24.73
C GLY A 121 -20.89 14.04 -23.45
N LYS A 122 -19.99 14.67 -22.70
CA LYS A 122 -19.54 14.14 -21.40
C LYS A 122 -19.88 15.10 -20.27
N CYS A 123 -19.76 16.40 -20.53
CA CYS A 123 -20.08 17.43 -19.55
C CYS A 123 -21.60 17.62 -19.49
N THR A 124 -22.19 17.16 -18.38
CA THR A 124 -23.64 17.32 -18.14
C THR A 124 -23.97 18.80 -17.89
N HIS A 125 -23.16 19.44 -17.03
CA HIS A 125 -23.25 20.87 -16.75
C HIS A 125 -21.88 21.51 -16.99
N TRP A 126 -21.90 22.79 -17.33
CA TRP A 126 -20.69 23.61 -17.35
C TRP A 126 -20.91 24.84 -16.47
N ASP A 127 -19.98 25.10 -15.56
CA ASP A 127 -19.95 26.37 -14.85
C ASP A 127 -19.25 27.38 -15.76
N VAL A 128 -20.06 28.07 -16.57
CA VAL A 128 -19.56 28.97 -17.63
C VAL A 128 -18.84 30.20 -17.06
N VAL A 129 -19.51 30.87 -16.13
CA VAL A 129 -18.91 31.97 -15.38
C VAL A 129 -19.02 31.61 -13.91
N ASN A 130 -17.94 31.86 -13.17
CA ASN A 130 -17.85 31.53 -11.77
C ASN A 130 -17.47 32.74 -10.95
N GLU A 131 -18.22 32.98 -9.87
CA GLU A 131 -17.88 33.98 -8.84
C GLU A 131 -17.64 35.39 -9.40
N ALA A 132 -18.55 35.86 -10.24
CA ALA A 132 -18.45 37.16 -10.90
C ALA A 132 -18.88 38.35 -10.03
N LEU A 133 -19.25 38.10 -8.78
CA LEU A 133 -19.87 39.11 -7.94
C LEU A 133 -19.11 39.39 -6.65
N ASN A 134 -19.10 40.67 -6.25
CA ASN A 134 -18.69 41.06 -4.91
C ASN A 134 -19.79 40.71 -3.91
N GLU A 135 -19.47 40.77 -2.62
CA GLU A 135 -20.43 40.47 -1.55
C GLU A 135 -21.63 41.42 -1.52
N ASP A 136 -21.45 42.64 -2.02
CA ASP A 136 -22.53 43.64 -2.09
C ASP A 136 -23.33 43.58 -3.39
N GLY A 137 -23.05 42.56 -4.21
CA GLY A 137 -23.80 42.34 -5.44
C GLY A 137 -23.28 43.06 -6.67
N THR A 138 -22.32 43.96 -6.49
CA THR A 138 -21.67 44.60 -7.65
C THR A 138 -20.72 43.61 -8.31
N TYR A 139 -20.32 43.91 -9.55
CA TYR A 139 -19.43 43.03 -10.30
C TYR A 139 -18.01 43.02 -9.73
N ARG A 140 -17.50 41.82 -9.48
CA ARG A 140 -16.14 41.62 -9.01
C ARG A 140 -15.13 42.08 -10.07
N ASP A 141 -14.13 42.84 -9.64
CA ASP A 141 -13.09 43.32 -10.53
C ASP A 141 -12.17 42.17 -10.94
N SER A 142 -12.02 42.01 -12.25
CA SER A 142 -11.10 41.05 -12.85
C SER A 142 -10.68 41.57 -14.22
N VAL A 143 -9.74 40.89 -14.86
CA VAL A 143 -9.28 41.28 -16.20
C VAL A 143 -10.43 41.28 -17.22
N PHE A 144 -11.37 40.34 -17.06
CA PHE A 144 -12.53 40.24 -17.94
C PHE A 144 -13.45 41.47 -17.83
N LEU A 145 -13.69 41.93 -16.60
CA LEU A 145 -14.53 43.10 -16.36
C LEU A 145 -13.83 44.39 -16.80
N ARG A 146 -12.55 44.53 -16.46
CA ARG A 146 -11.77 45.70 -16.81
C ARG A 146 -11.69 45.95 -18.33
N VAL A 147 -11.50 44.88 -19.08
CA VAL A 147 -11.22 44.96 -20.51
C VAL A 147 -12.48 44.90 -21.38
N ILE A 148 -13.42 44.03 -21.02
CA ILE A 148 -14.65 43.82 -21.80
C ILE A 148 -15.87 44.51 -21.17
N GLY A 149 -15.81 44.76 -19.86
CA GLY A 149 -16.94 45.33 -19.12
C GLY A 149 -17.98 44.27 -18.77
N GLU A 150 -19.11 44.73 -18.24
CA GLU A 150 -20.25 43.87 -17.88
C GLU A 150 -20.59 42.84 -18.94
N ALA A 151 -20.42 43.21 -20.20
CA ALA A 151 -20.78 42.36 -21.34
C ALA A 151 -19.99 41.03 -21.44
N TYR A 152 -18.92 40.88 -20.66
CA TYR A 152 -18.12 39.64 -20.71
C TYR A 152 -18.94 38.42 -20.31
N ILE A 153 -19.87 38.62 -19.39
CA ILE A 153 -20.73 37.56 -18.88
C ILE A 153 -21.65 36.99 -19.97
N PRO A 154 -22.49 37.83 -20.60
CA PRO A 154 -23.29 37.31 -21.72
C PRO A 154 -22.46 36.79 -22.89
N ILE A 155 -21.34 37.45 -23.21
CA ILE A 155 -20.44 36.99 -24.26
C ILE A 155 -19.90 35.58 -23.97
N ALA A 156 -19.47 35.35 -22.73
CA ALA A 156 -19.04 34.01 -22.30
C ALA A 156 -20.12 32.98 -22.54
N PHE A 157 -21.35 33.30 -22.15
CA PHE A 157 -22.50 32.43 -22.39
C PHE A 157 -22.79 32.22 -23.88
N ARG A 158 -22.59 33.26 -24.69
CA ARG A 158 -22.76 33.12 -26.16
C ARG A 158 -21.72 32.17 -26.74
N MET A 159 -20.47 32.31 -26.31
CA MET A 159 -19.39 31.43 -26.76
C MET A 159 -19.61 29.99 -26.32
N ALA A 160 -20.10 29.82 -25.09
CA ALA A 160 -20.35 28.50 -24.54
C ALA A 160 -21.46 27.76 -25.28
N LEU A 161 -22.55 28.48 -25.57
CA LEU A 161 -23.66 27.95 -26.38
C LEU A 161 -23.20 27.49 -27.77
N ALA A 162 -22.31 28.27 -28.38
CA ALA A 162 -21.75 27.92 -29.69
C ALA A 162 -20.90 26.66 -29.63
N ALA A 163 -20.07 26.55 -28.58
CA ALA A 163 -19.12 25.44 -28.44
C ALA A 163 -19.79 24.12 -28.09
N ASP A 164 -20.79 24.17 -27.21
CA ASP A 164 -21.52 22.98 -26.80
C ASP A 164 -22.94 23.34 -26.35
N PRO A 165 -23.91 23.30 -27.28
CA PRO A 165 -25.30 23.58 -26.92
C PRO A 165 -25.99 22.42 -26.16
N THR A 166 -25.36 21.24 -26.15
CA THR A 166 -25.98 20.05 -25.52
C THR A 166 -25.83 20.01 -24.00
N THR A 167 -24.91 20.81 -23.47
CA THR A 167 -24.68 20.90 -22.02
C THR A 167 -25.64 21.90 -21.37
N LYS A 168 -25.70 21.89 -20.03
CA LYS A 168 -26.44 22.89 -19.29
C LYS A 168 -25.52 24.02 -18.87
N LEU A 169 -25.84 25.24 -19.29
CA LEU A 169 -24.99 26.40 -19.05
C LEU A 169 -25.35 27.07 -17.73
N TYR A 170 -24.44 26.98 -16.77
CA TYR A 170 -24.68 27.46 -15.41
C TYR A 170 -23.89 28.72 -15.07
N TYR A 171 -24.50 29.61 -14.31
CA TYR A 171 -23.75 30.60 -13.55
C TYR A 171 -23.57 30.05 -12.15
N ASN A 172 -22.33 30.07 -11.65
CA ASN A 172 -22.00 29.50 -10.35
C ASN A 172 -21.43 30.54 -9.40
N ASP A 173 -21.87 30.54 -8.13
CA ASP A 173 -21.38 31.48 -7.13
C ASP A 173 -21.70 31.05 -5.70
N TYR A 174 -20.93 31.60 -4.75
CA TYR A 174 -21.16 31.36 -3.32
C TYR A 174 -21.89 32.54 -2.67
N ASN A 175 -22.39 32.29 -1.46
CA ASN A 175 -23.13 33.29 -0.66
C ASN A 175 -24.37 33.89 -1.34
N LEU A 176 -25.04 33.10 -2.17
CA LEU A 176 -26.32 33.51 -2.78
C LEU A 176 -27.51 33.05 -1.95
N GLU A 177 -27.25 32.20 -0.95
CA GLU A 177 -28.28 31.51 -0.18
C GLU A 177 -29.06 32.39 0.81
N TYR A 178 -28.54 33.59 1.08
CA TYR A 178 -29.04 34.44 2.15
C TYR A 178 -30.11 35.47 1.73
N GLY A 179 -30.41 35.51 0.44
CA GLY A 179 -31.48 36.37 -0.10
C GLY A 179 -31.20 37.85 0.02
N ASN A 180 -29.97 38.24 -0.32
CA ASN A 180 -29.54 39.63 -0.16
C ASN A 180 -29.08 40.24 -1.48
N ALA A 181 -28.26 41.29 -1.39
CA ALA A 181 -27.73 41.99 -2.56
C ALA A 181 -26.97 41.08 -3.54
N LYS A 182 -26.24 40.10 -3.02
CA LYS A 182 -25.51 39.17 -3.88
C LYS A 182 -26.46 38.26 -4.66
N THR A 183 -27.49 37.74 -3.98
CA THR A 183 -28.56 36.98 -4.63
C THR A 183 -29.14 37.79 -5.80
N GLU A 184 -29.40 39.07 -5.52
CA GLU A 184 -29.92 40.01 -6.51
C GLU A 184 -28.99 40.15 -7.70
N GLY A 185 -27.68 40.19 -7.43
CA GLY A 185 -26.65 40.23 -8.46
C GLY A 185 -26.72 39.04 -9.40
N ALA A 186 -26.92 37.85 -8.83
CA ALA A 186 -27.05 36.63 -9.64
C ALA A 186 -28.27 36.72 -10.54
N LYS A 187 -29.36 37.27 -10.02
CA LYS A 187 -30.56 37.51 -10.80
C LYS A 187 -30.31 38.51 -11.92
N ARG A 188 -29.56 39.57 -11.61
CA ARG A 188 -29.18 40.57 -12.61
C ARG A 188 -28.38 39.92 -13.76
N ILE A 189 -27.47 39.03 -13.38
CA ILE A 189 -26.69 38.26 -14.36
C ILE A 189 -27.58 37.41 -15.26
N ALA A 190 -28.52 36.66 -14.67
CA ALA A 190 -29.46 35.84 -15.43
C ALA A 190 -30.35 36.67 -16.37
N ARG A 191 -30.88 37.77 -15.84
CA ARG A 191 -31.66 38.73 -16.63
C ARG A 191 -30.85 39.23 -17.84
N LEU A 192 -29.60 39.63 -17.58
CA LEU A 192 -28.70 40.17 -18.62
C LEU A 192 -28.44 39.17 -19.76
N VAL A 193 -28.21 37.90 -19.43
CA VAL A 193 -27.99 36.87 -20.43
C VAL A 193 -29.25 36.66 -21.27
N LYS A 194 -30.39 36.61 -20.60
CA LYS A 194 -31.67 36.46 -21.30
C LYS A 194 -32.01 37.67 -22.20
N SER A 195 -31.64 38.87 -21.75
CA SER A 195 -31.81 40.12 -22.53
C SER A 195 -31.11 40.08 -23.89
N TYR A 196 -29.99 39.37 -23.95
CA TYR A 196 -29.23 39.22 -25.19
C TYR A 196 -29.84 38.15 -26.07
N GLY A 197 -30.94 37.54 -25.61
CA GLY A 197 -31.58 36.46 -26.34
C GLY A 197 -30.80 35.17 -26.22
N LEU A 198 -29.97 35.09 -25.18
CA LEU A 198 -29.08 33.95 -24.98
C LEU A 198 -29.63 33.00 -23.92
N ARG A 199 -28.98 31.84 -23.80
CA ARG A 199 -29.46 30.77 -22.94
C ARG A 199 -28.63 30.67 -21.67
N ILE A 200 -29.31 30.80 -20.54
CA ILE A 200 -28.75 30.39 -19.26
C ILE A 200 -29.66 29.29 -18.70
N ASP A 201 -29.09 28.12 -18.49
CA ASP A 201 -29.86 26.93 -18.12
C ASP A 201 -30.02 26.76 -16.62
N GLY A 202 -29.10 27.32 -15.85
CA GLY A 202 -29.11 27.14 -14.40
C GLY A 202 -28.25 28.10 -13.59
N ILE A 203 -28.58 28.22 -12.31
CA ILE A 203 -27.78 28.98 -11.37
C ILE A 203 -27.29 28.00 -10.29
N GLY A 204 -25.97 27.93 -10.15
CA GLY A 204 -25.34 27.09 -9.15
C GLY A 204 -25.09 27.83 -7.85
N LEU A 205 -25.70 27.37 -6.77
CA LEU A 205 -25.43 27.90 -5.45
C LEU A 205 -24.40 26.98 -4.80
N GLN A 206 -23.19 27.50 -4.64
CA GLN A 206 -22.08 26.71 -4.10
C GLN A 206 -22.41 26.08 -2.75
N ALA A 207 -23.09 26.84 -1.89
CA ALA A 207 -23.51 26.35 -0.57
C ALA A 207 -22.32 25.99 0.34
N HIS A 208 -21.32 26.86 0.37
CA HIS A 208 -20.29 26.77 1.40
C HIS A 208 -20.83 27.49 2.63
N MET A 209 -21.45 26.72 3.51
CA MET A 209 -22.17 27.25 4.67
C MET A 209 -21.42 26.96 5.97
N THR A 210 -21.98 27.46 7.08
CA THR A 210 -21.53 27.09 8.41
C THR A 210 -22.70 26.55 9.23
N SER A 211 -22.40 25.85 10.31
CA SER A 211 -23.44 25.35 11.20
C SER A 211 -23.45 26.14 12.51
N GLU A 212 -22.45 27.02 12.64
CA GLU A 212 -22.33 27.95 13.75
C GLU A 212 -21.57 29.16 13.25
N SER A 213 -21.57 30.25 14.00
CA SER A 213 -20.80 31.43 13.65
CA SER A 213 -20.80 31.43 13.66
C SER A 213 -19.31 31.11 13.62
N THR A 214 -18.65 31.46 12.52
CA THR A 214 -17.18 31.34 12.42
C THR A 214 -16.63 32.73 12.06
N PRO A 215 -15.29 32.93 12.18
CA PRO A 215 -14.74 34.24 11.82
C PRO A 215 -15.00 34.69 10.37
N THR A 216 -15.14 33.73 9.45
CA THR A 216 -15.37 34.06 8.04
C THR A 216 -16.84 34.14 7.66
N GLN A 217 -17.70 33.50 8.44
CA GLN A 217 -19.13 33.49 8.15
C GLN A 217 -19.98 33.46 9.42
N ASN A 218 -20.51 34.62 9.81
CA ASN A 218 -21.24 34.79 11.06
C ASN A 218 -22.67 34.20 11.05
N THR A 219 -23.29 34.19 9.88
CA THR A 219 -24.65 33.68 9.72
C THR A 219 -24.67 32.19 9.37
N PRO A 220 -25.16 31.35 10.31
CA PRO A 220 -25.25 29.90 10.07
C PRO A 220 -26.33 29.59 9.04
N THR A 221 -26.32 28.36 8.54
CA THR A 221 -27.28 27.91 7.54
C THR A 221 -28.71 28.37 7.92
N PRO A 222 -29.35 29.16 7.03
CA PRO A 222 -30.70 29.68 7.29
C PRO A 222 -31.77 28.59 7.39
N SER A 223 -33.00 29.00 7.68
CA SER A 223 -34.10 28.05 7.84
C SER A 223 -34.40 27.34 6.52
N ARG A 224 -34.95 26.13 6.63
CA ARG A 224 -35.37 25.39 5.45
C ARG A 224 -36.28 26.24 4.56
N ALA A 225 -37.26 26.91 5.17
CA ALA A 225 -38.23 27.73 4.42
C ALA A 225 -37.59 28.95 3.73
N LYS A 226 -36.65 29.61 4.41
CA LYS A 226 -35.93 30.74 3.81
C LYS A 226 -35.11 30.29 2.59
N LEU A 227 -34.37 29.21 2.74
CA LEU A 227 -33.57 28.67 1.64
C LEU A 227 -34.46 28.26 0.46
N ALA A 228 -35.61 27.66 0.76
CA ALA A 228 -36.58 27.29 -0.28
C ALA A 228 -37.08 28.51 -1.06
N SER A 229 -37.36 29.60 -0.36
CA SER A 229 -37.81 30.83 -1.02
C SER A 229 -36.73 31.46 -1.90
N VAL A 230 -35.48 31.40 -1.44
CA VAL A 230 -34.34 31.89 -2.24
C VAL A 230 -34.21 31.07 -3.53
N LEU A 231 -34.21 29.74 -3.39
CA LEU A 231 -34.15 28.81 -4.51
C LEU A 231 -35.26 29.05 -5.53
N GLN A 232 -36.50 29.17 -5.05
CA GLN A 232 -37.65 29.38 -5.94
C GLN A 232 -37.55 30.74 -6.64
N GLY A 233 -37.09 31.76 -5.91
CA GLY A 233 -36.90 33.11 -6.47
C GLY A 233 -35.95 33.12 -7.66
N LEU A 234 -34.90 32.30 -7.57
CA LEU A 234 -33.95 32.13 -8.68
C LEU A 234 -34.59 31.31 -9.80
N ALA A 235 -35.30 30.26 -9.44
CA ALA A 235 -36.04 29.43 -10.40
C ALA A 235 -37.08 30.23 -11.18
N ASP A 236 -37.63 31.26 -10.57
CA ASP A 236 -38.65 32.11 -11.19
C ASP A 236 -38.22 32.68 -12.55
N LEU A 237 -36.93 32.94 -12.67
CA LEU A 237 -36.35 33.50 -13.90
C LEU A 237 -36.39 32.56 -15.10
N GLY A 238 -36.72 31.30 -14.86
CA GLY A 238 -36.75 30.31 -15.92
C GLY A 238 -35.43 29.55 -16.02
N VAL A 239 -34.85 29.22 -14.88
CA VAL A 239 -33.64 28.42 -14.81
C VAL A 239 -33.79 27.29 -13.79
N ASP A 240 -33.03 26.21 -13.98
CA ASP A 240 -32.87 25.20 -12.95
C ASP A 240 -31.95 25.79 -11.89
N VAL A 241 -32.04 25.26 -10.67
CA VAL A 241 -31.06 25.56 -9.63
C VAL A 241 -30.46 24.27 -9.10
N ALA A 242 -29.29 24.39 -8.46
CA ALA A 242 -28.56 23.25 -7.91
C ALA A 242 -27.58 23.73 -6.87
N TYR A 243 -27.44 22.97 -5.79
CA TYR A 243 -26.36 23.19 -4.84
C TYR A 243 -25.15 22.44 -5.38
N THR A 244 -24.08 23.21 -5.66
CA THR A 244 -22.97 22.69 -6.45
C THR A 244 -21.69 22.33 -5.68
N GLU A 245 -21.48 22.93 -4.52
CA GLU A 245 -20.23 22.74 -3.77
C GLU A 245 -20.49 22.61 -2.27
N LEU A 246 -21.58 21.93 -1.94
CA LEU A 246 -22.08 21.87 -0.56
C LEU A 246 -21.06 21.35 0.46
N ASP A 247 -20.78 22.18 1.44
CA ASP A 247 -20.13 21.77 2.68
C ASP A 247 -20.53 22.73 3.78
N ILE A 248 -20.52 22.25 5.02
CA ILE A 248 -20.98 23.04 6.15
C ILE A 248 -19.98 22.98 7.27
N ARG A 249 -19.21 24.06 7.41
CA ARG A 249 -18.08 24.11 8.33
C ARG A 249 -18.42 24.63 9.73
N MET A 250 -17.55 24.29 10.68
CA MET A 250 -17.69 24.71 12.07
C MET A 250 -16.31 25.09 12.59
N ASN A 251 -16.26 25.66 13.80
CA ASN A 251 -15.00 25.86 14.49
C ASN A 251 -14.51 24.54 15.10
N THR A 252 -13.33 24.11 14.70
CA THR A 252 -12.78 22.84 15.15
C THR A 252 -12.14 22.97 16.53
N PRO A 253 -12.04 21.86 17.28
CA PRO A 253 -12.46 20.50 16.91
C PRO A 253 -13.96 20.26 17.04
N ALA A 254 -14.46 19.27 16.31
CA ALA A 254 -15.84 18.83 16.45
C ALA A 254 -16.08 18.20 17.82
N THR A 255 -17.31 18.29 18.29
CA THR A 255 -17.79 17.57 19.47
C THR A 255 -19.09 16.90 19.04
N GLN A 256 -19.61 15.97 19.85
CA GLN A 256 -20.89 15.34 19.50
C GLN A 256 -22.01 16.38 19.35
N GLN A 257 -22.03 17.38 20.24
CA GLN A 257 -23.00 18.48 20.15
C GLN A 257 -22.90 19.20 18.81
N LYS A 258 -21.68 19.59 18.43
CA LYS A 258 -21.43 20.29 17.17
C LYS A 258 -21.78 19.43 15.95
N LEU A 259 -21.47 18.15 16.02
CA LEU A 259 -21.82 17.22 14.94
C LEU A 259 -23.33 17.08 14.74
N GLN A 260 -24.09 17.08 15.83
CA GLN A 260 -25.56 17.03 15.74
C GLN A 260 -26.14 18.34 15.20
N THR A 261 -25.61 19.46 15.68
CA THR A 261 -26.00 20.78 15.20
C THR A 261 -25.71 20.93 13.71
N ASN A 262 -24.56 20.39 13.30
CA ASN A 262 -24.17 20.34 11.89
C ASN A 262 -25.12 19.47 11.07
N ALA A 263 -25.50 18.31 11.62
CA ALA A 263 -26.49 17.44 10.97
C ALA A 263 -27.83 18.16 10.73
N ASP A 264 -28.28 18.94 11.71
CA ASP A 264 -29.51 19.74 11.58
C ASP A 264 -29.38 20.74 10.45
N ALA A 265 -28.22 21.37 10.34
CA ALA A 265 -27.94 22.31 9.25
C ALA A 265 -28.01 21.64 7.88
N TYR A 266 -27.47 20.42 7.77
CA TYR A 266 -27.57 19.68 6.51
C TYR A 266 -29.02 19.39 6.16
N ALA A 267 -29.81 18.94 7.14
CA ALA A 267 -31.24 18.68 6.93
C ALA A 267 -31.97 19.89 6.35
N ARG A 268 -31.67 21.09 6.87
CA ARG A 268 -32.32 22.32 6.39
C ARG A 268 -32.04 22.64 4.92
N ILE A 269 -30.76 22.66 4.55
CA ILE A 269 -30.38 23.02 3.18
C ILE A 269 -30.72 21.92 2.18
N VAL A 270 -30.51 20.65 2.56
CA VAL A 270 -30.91 19.53 1.71
C VAL A 270 -32.43 19.55 1.51
N GLY A 271 -33.16 19.79 2.60
CA GLY A 271 -34.62 19.89 2.56
C GLY A 271 -35.10 20.98 1.64
N SER A 272 -34.39 22.11 1.62
CA SER A 272 -34.74 23.23 0.76
C SER A 272 -34.74 22.83 -0.72
N CYS A 273 -33.76 22.01 -1.10
CA CYS A 273 -33.72 21.47 -2.46
C CYS A 273 -34.91 20.56 -2.73
N MET A 274 -35.26 19.72 -1.75
CA MET A 274 -36.41 18.82 -1.88
C MET A 274 -37.72 19.59 -2.11
N ASP A 275 -37.78 20.79 -1.55
CA ASP A 275 -38.98 21.64 -1.61
C ASP A 275 -39.20 22.36 -2.94
N VAL A 276 -38.13 22.49 -3.74
CA VAL A 276 -38.19 23.27 -4.98
C VAL A 276 -38.03 22.36 -6.20
N LYS A 277 -39.07 22.34 -7.04
CA LYS A 277 -39.13 21.46 -8.22
C LYS A 277 -37.91 21.60 -9.14
N ARG A 278 -37.48 22.86 -9.34
CA ARG A 278 -36.40 23.16 -10.27
C ARG A 278 -34.99 22.96 -9.68
N CYS A 279 -34.91 22.61 -8.40
CA CYS A 279 -33.63 22.20 -7.81
C CYS A 279 -33.32 20.78 -8.25
N VAL A 280 -32.40 20.64 -9.20
CA VAL A 280 -32.20 19.36 -9.89
C VAL A 280 -31.34 18.35 -9.11
N GLY A 281 -30.45 18.85 -8.26
CA GLY A 281 -29.52 17.97 -7.57
C GLY A 281 -28.60 18.68 -6.61
N ILE A 282 -27.83 17.88 -5.88
CA ILE A 282 -26.88 18.38 -4.89
C ILE A 282 -25.52 17.74 -5.13
N THR A 283 -24.48 18.57 -5.11
CA THR A 283 -23.09 18.11 -5.15
C THR A 283 -22.40 18.57 -3.88
N VAL A 284 -21.82 17.63 -3.13
CA VAL A 284 -20.99 18.00 -1.98
C VAL A 284 -19.56 18.22 -2.46
N TRP A 285 -18.81 19.09 -1.77
CA TRP A 285 -17.45 19.40 -2.22
C TRP A 285 -16.43 18.43 -1.62
N GLY A 286 -16.56 17.17 -2.00
CA GLY A 286 -15.67 16.11 -1.51
C GLY A 286 -16.41 15.13 -0.62
N ILE A 287 -15.89 13.91 -0.56
CA ILE A 287 -16.45 12.87 0.29
C ILE A 287 -15.97 13.01 1.75
N SER A 288 -14.66 13.11 1.93
CA SER A 288 -14.08 13.05 3.28
C SER A 288 -13.44 14.34 3.74
N ASP A 289 -13.64 14.67 5.02
CA ASP A 289 -12.96 15.78 5.70
C ASP A 289 -11.43 15.76 5.50
N LYS A 290 -10.86 14.57 5.33
CA LYS A 290 -9.40 14.38 5.16
C LYS A 290 -8.80 15.31 4.09
N TYR A 291 -9.55 15.56 3.03
CA TYR A 291 -9.02 16.30 1.88
C TYR A 291 -9.79 17.58 1.55
N SER A 292 -10.55 18.08 2.52
CA SER A 292 -11.34 19.29 2.35
C SER A 292 -10.44 20.53 2.29
N TRP A 293 -10.80 21.48 1.44
CA TRP A 293 -10.11 22.78 1.33
C TRP A 293 -10.15 23.61 2.61
N VAL A 294 -11.12 23.32 3.49
CA VAL A 294 -11.45 24.25 4.58
C VAL A 294 -10.33 24.55 5.61
N PRO A 295 -9.77 23.51 6.27
CA PRO A 295 -8.77 23.81 7.32
C PRO A 295 -7.51 24.52 6.82
N GLY A 296 -7.14 24.32 5.56
CA GLY A 296 -5.96 24.97 4.98
C GLY A 296 -6.24 26.42 4.61
N THR A 297 -7.43 26.68 4.09
CA THR A 297 -7.81 28.03 3.67
C THR A 297 -8.14 28.88 4.91
N PHE A 298 -8.95 28.32 5.80
CA PHE A 298 -9.33 28.99 7.05
C PHE A 298 -8.99 28.14 8.27
N PRO A 299 -7.72 28.19 8.73
CA PRO A 299 -7.32 27.45 9.92
C PRO A 299 -8.22 27.74 11.13
N GLY A 300 -8.62 26.67 11.83
CA GLY A 300 -9.56 26.77 12.94
C GLY A 300 -10.98 26.41 12.53
N GLU A 301 -11.22 26.33 11.22
CA GLU A 301 -12.51 25.92 10.69
C GLU A 301 -12.39 24.58 9.98
N GLY A 302 -13.49 23.83 9.88
CA GLY A 302 -13.45 22.50 9.25
C GLY A 302 -14.61 21.57 9.57
N SER A 303 -14.33 20.27 9.53
CA SER A 303 -15.33 19.21 9.77
C SER A 303 -16.59 19.41 8.92
N ALA A 304 -16.41 19.77 7.66
CA ALA A 304 -17.50 20.29 6.84
C ALA A 304 -18.27 19.29 5.99
N LEU A 305 -17.75 18.06 5.88
CA LEU A 305 -18.29 17.07 4.94
C LEU A 305 -19.07 15.94 5.61
N LEU A 306 -19.55 15.00 4.81
CA LEU A 306 -20.44 13.94 5.29
C LEU A 306 -19.71 12.71 5.84
N TRP A 307 -18.47 12.52 5.42
CA TRP A 307 -17.63 11.45 5.97
C TRP A 307 -16.41 12.08 6.67
N ASN A 308 -15.99 11.47 7.78
CA ASN A 308 -14.84 12.00 8.53
C ASN A 308 -13.49 11.57 7.92
N ASP A 309 -12.40 11.84 8.66
CA ASP A 309 -11.02 11.57 8.20
C ASP A 309 -10.73 10.09 8.01
N ASN A 310 -11.49 9.25 8.71
CA ASN A 310 -11.39 7.80 8.64
C ASN A 310 -12.36 7.18 7.64
N PHE A 311 -12.99 8.02 6.82
CA PHE A 311 -13.99 7.57 5.83
C PHE A 311 -15.18 6.87 6.50
N GLN A 312 -15.57 7.37 7.68
CA GLN A 312 -16.77 6.90 8.39
C GLN A 312 -17.86 7.96 8.29
N LYS A 313 -19.11 7.51 8.08
CA LYS A 313 -20.25 8.41 7.98
C LYS A 313 -20.44 9.20 9.26
N LYS A 314 -20.62 10.52 9.11
CA LYS A 314 -20.89 11.39 10.26
C LYS A 314 -22.42 11.51 10.46
N PRO A 315 -22.87 12.10 11.58
CA PRO A 315 -24.33 12.29 11.77
C PRO A 315 -25.01 13.04 10.62
N SER A 316 -24.27 13.97 10.00
CA SER A 316 -24.78 14.70 8.84
C SER A 316 -25.18 13.81 7.66
N TYR A 317 -24.44 12.70 7.45
CA TYR A 317 -24.80 11.75 6.39
C TYR A 317 -26.23 11.21 6.60
N THR A 318 -26.50 10.74 7.81
CA THR A 318 -27.81 10.19 8.18
C THR A 318 -28.93 11.24 8.06
N SER A 319 -28.70 12.44 8.57
CA SER A 319 -29.69 13.51 8.45
C SER A 319 -29.96 13.89 7.00
N THR A 320 -28.91 13.95 6.18
CA THR A 320 -29.05 14.16 4.72
C THR A 320 -29.90 13.07 4.06
N LEU A 321 -29.53 11.80 4.25
CA LEU A 321 -30.24 10.69 3.63
C LEU A 321 -31.71 10.64 4.06
N ASN A 322 -31.96 10.82 5.35
CA ASN A 322 -33.33 10.83 5.88
C ASN A 322 -34.17 11.97 5.28
N THR A 323 -33.56 13.14 5.13
CA THR A 323 -34.23 14.31 4.58
C THR A 323 -34.64 14.10 3.12
N ILE A 324 -33.75 13.53 2.32
CA ILE A 324 -34.09 13.18 0.94
C ILE A 324 -35.24 12.17 0.90
N ASN A 325 -35.17 11.16 1.78
CA ASN A 325 -36.17 10.08 1.81
C ASN A 325 -37.53 10.46 2.41
N ARG A 326 -37.62 11.62 3.07
CA ARG A 326 -38.84 12.03 3.77
C ARG A 326 -40.07 12.12 2.85
N ARG A 327 -41.14 11.43 3.26
CA ARG A 327 -42.43 11.40 2.57
C ARG A 327 -42.37 11.46 1.04
N ALA B 1 -22.65 -5.56 -19.32
CA ALA B 1 -22.05 -6.43 -18.26
C ALA B 1 -22.19 -5.77 -16.89
N ALA B 2 -22.39 -6.59 -15.85
CA ALA B 2 -22.53 -6.09 -14.47
C ALA B 2 -21.20 -5.53 -13.94
N SER B 3 -21.29 -4.55 -13.04
CA SER B 3 -20.12 -3.76 -12.62
C SER B 3 -19.51 -4.17 -11.27
N GLY B 4 -20.24 -4.97 -10.50
CA GLY B 4 -19.74 -5.50 -9.23
C GLY B 4 -19.91 -7.01 -9.17
N LEU B 5 -19.19 -7.65 -8.25
CA LEU B 5 -19.15 -9.12 -8.16
C LEU B 5 -20.51 -9.75 -7.82
N GLU B 6 -21.18 -9.22 -6.80
CA GLU B 6 -22.53 -9.67 -6.42
C GLU B 6 -23.54 -9.53 -7.58
N ALA B 7 -23.60 -8.35 -8.20
CA ALA B 7 -24.50 -8.14 -9.33
C ALA B 7 -24.20 -9.09 -10.49
N ALA B 8 -22.91 -9.34 -10.74
CA ALA B 8 -22.51 -10.29 -11.77
C ALA B 8 -22.98 -11.71 -11.45
N MET B 9 -22.81 -12.15 -10.20
CA MET B 9 -23.27 -13.48 -9.79
C MET B 9 -24.78 -13.65 -9.99
N LYS B 10 -25.56 -12.66 -9.56
CA LYS B 10 -27.01 -12.71 -9.71
C LYS B 10 -27.46 -12.76 -11.18
N ALA B 11 -26.81 -11.96 -12.01
CA ALA B 11 -27.14 -11.90 -13.43
C ALA B 11 -26.83 -13.23 -14.11
N ALA B 12 -25.83 -13.93 -13.58
CA ALA B 12 -25.43 -15.23 -14.10
C ALA B 12 -26.28 -16.39 -13.57
N GLY B 13 -27.23 -16.09 -12.68
CA GLY B 13 -28.08 -17.13 -12.10
C GLY B 13 -27.53 -17.74 -10.82
N LYS B 14 -26.45 -17.17 -10.29
CA LYS B 14 -25.88 -17.63 -9.02
C LYS B 14 -26.53 -16.91 -7.84
N GLN B 15 -26.23 -17.37 -6.63
CA GLN B 15 -26.91 -16.85 -5.44
C GLN B 15 -26.24 -15.63 -4.79
N TYR B 16 -24.91 -15.61 -4.76
CA TYR B 16 -24.17 -14.54 -4.06
C TYR B 16 -22.69 -14.49 -4.40
N PHE B 17 -22.11 -13.30 -4.21
CA PHE B 17 -20.67 -13.18 -4.00
C PHE B 17 -20.46 -12.58 -2.62
N GLY B 18 -19.69 -13.27 -1.79
CA GLY B 18 -19.52 -12.86 -0.41
C GLY B 18 -18.08 -12.63 0.00
N THR B 19 -17.92 -12.16 1.24
CA THR B 19 -16.60 -12.05 1.83
C THR B 19 -16.62 -12.34 3.33
N ALA B 20 -15.49 -12.86 3.82
CA ALA B 20 -15.23 -12.86 5.24
C ALA B 20 -15.09 -11.42 5.73
N LEU B 21 -15.41 -11.20 7.00
CA LEU B 21 -15.36 -9.85 7.55
C LEU B 21 -14.98 -9.87 9.02
N THR B 22 -14.01 -9.04 9.38
CA THR B 22 -13.79 -8.65 10.76
C THR B 22 -14.14 -7.17 10.88
N VAL B 23 -15.06 -6.85 11.77
CA VAL B 23 -15.42 -5.45 12.03
C VAL B 23 -14.25 -4.79 12.77
N ARG B 24 -13.79 -3.65 12.26
CA ARG B 24 -12.67 -2.91 12.87
C ARG B 24 -12.78 -1.42 12.56
N ASN B 25 -11.95 -0.61 13.22
CA ASN B 25 -11.94 0.84 13.04
C ASN B 25 -11.58 1.31 11.64
N ASP B 26 -10.65 0.59 10.99
CA ASP B 26 -10.31 0.81 9.58
C ASP B 26 -11.54 0.50 8.70
N GLN B 27 -12.11 1.54 8.08
CA GLN B 27 -13.33 1.39 7.29
C GLN B 27 -13.09 0.96 5.84
N GLY B 28 -11.84 0.66 5.50
CA GLY B 28 -11.45 0.36 4.11
C GLY B 28 -12.26 -0.74 3.47
N GLU B 29 -12.40 -1.86 4.19
CA GLU B 29 -13.12 -3.03 3.69
C GLU B 29 -14.64 -2.85 3.70
N ILE B 30 -15.16 -2.36 4.83
CA ILE B 30 -16.61 -2.17 4.94
C ILE B 30 -17.16 -1.18 3.90
N ASP B 31 -16.38 -0.14 3.59
CA ASP B 31 -16.84 0.85 2.59
C ASP B 31 -17.02 0.23 1.19
N ILE B 32 -16.18 -0.77 0.88
CA ILE B 32 -16.29 -1.57 -0.35
C ILE B 32 -17.49 -2.52 -0.27
N ILE B 33 -17.69 -3.14 0.89
CA ILE B 33 -18.79 -4.08 1.14
C ILE B 33 -20.17 -3.41 1.05
N ASN B 34 -20.22 -2.12 1.41
CA ASN B 34 -21.47 -1.33 1.38
C ASN B 34 -22.16 -1.30 0.04
N ASN B 35 -21.36 -1.42 -1.02
CA ASN B 35 -21.84 -1.47 -2.39
C ASN B 35 -22.63 -2.76 -2.61
N LYS B 36 -23.95 -2.62 -2.73
CA LYS B 36 -24.85 -3.77 -2.86
C LYS B 36 -24.68 -4.51 -4.18
N ASN B 37 -24.02 -3.87 -5.15
CA ASN B 37 -23.66 -4.54 -6.39
C ASN B 37 -22.36 -5.33 -6.28
N GLU B 38 -21.62 -5.10 -5.20
CA GLU B 38 -20.32 -5.77 -5.00
C GLU B 38 -20.41 -7.04 -4.16
N ILE B 39 -21.04 -6.93 -2.98
CA ILE B 39 -21.07 -8.02 -2.01
C ILE B 39 -22.53 -8.25 -1.56
N GLY B 40 -22.95 -9.50 -1.48
CA GLY B 40 -24.28 -9.82 -0.95
C GLY B 40 -24.33 -10.87 0.14
N SER B 41 -23.16 -11.24 0.66
CA SER B 41 -23.05 -12.27 1.70
C SER B 41 -21.82 -11.99 2.56
N ILE B 42 -21.92 -12.25 3.85
CA ILE B 42 -20.84 -12.02 4.81
C ILE B 42 -20.59 -13.30 5.62
N THR B 43 -19.31 -13.64 5.80
CA THR B 43 -18.91 -14.66 6.76
C THR B 43 -18.11 -14.02 7.90
N PRO B 44 -18.67 -14.00 9.12
CA PRO B 44 -17.87 -13.47 10.25
C PRO B 44 -16.57 -14.26 10.39
N GLU B 45 -15.43 -13.57 10.35
CA GLU B 45 -14.12 -14.23 10.28
C GLU B 45 -13.80 -15.06 11.53
N ASN B 46 -14.13 -14.51 12.71
CA ASN B 46 -13.77 -15.16 13.97
C ASN B 46 -14.87 -15.18 15.03
N ALA B 47 -15.87 -14.31 14.90
CA ALA B 47 -16.86 -14.08 15.97
C ALA B 47 -17.77 -15.27 16.30
N MET B 48 -17.86 -16.24 15.39
CA MET B 48 -18.79 -17.36 15.60
C MET B 48 -18.12 -18.72 15.85
N LYS B 49 -16.79 -18.74 15.97
CA LYS B 49 -16.07 -19.96 16.32
C LYS B 49 -16.33 -20.29 17.80
N TRP B 50 -16.16 -21.57 18.16
CA TRP B 50 -16.53 -22.05 19.51
C TRP B 50 -15.91 -21.22 20.63
N GLU B 51 -14.61 -20.98 20.57
CA GLU B 51 -13.91 -20.18 21.59
C GLU B 51 -14.53 -18.79 21.76
N ALA B 52 -14.83 -18.13 20.64
CA ALA B 52 -15.41 -16.78 20.65
C ALA B 52 -16.81 -16.76 21.27
N ILE B 53 -17.59 -17.80 20.97
CA ILE B 53 -19.01 -17.90 21.32
C ILE B 53 -19.27 -18.44 22.73
N GLN B 54 -18.47 -19.44 23.13
CA GLN B 54 -18.60 -20.02 24.46
C GLN B 54 -17.23 -20.27 25.08
N PRO B 55 -16.51 -19.19 25.47
CA PRO B 55 -15.13 -19.34 25.97
C PRO B 55 -15.04 -20.05 27.32
N ASN B 56 -16.12 -19.98 28.10
CA ASN B 56 -16.22 -20.73 29.35
C ASN B 56 -17.54 -21.50 29.35
N ARG B 57 -17.55 -22.68 29.96
CA ARG B 57 -18.71 -23.56 29.89
C ARG B 57 -19.97 -22.89 30.46
N GLY B 58 -21.01 -22.83 29.62
CA GLY B 58 -22.28 -22.21 29.99
C GLY B 58 -22.24 -20.70 30.09
N GLN B 59 -21.17 -20.08 29.58
CA GLN B 59 -21.03 -18.63 29.60
C GLN B 59 -20.83 -18.13 28.19
N PHE B 60 -21.93 -17.79 27.53
CA PHE B 60 -21.89 -17.39 26.13
C PHE B 60 -21.47 -15.93 25.97
N ASN B 61 -20.75 -15.68 24.88
CA ASN B 61 -20.20 -14.36 24.57
C ASN B 61 -20.82 -13.88 23.26
N TRP B 62 -22.00 -13.27 23.38
CA TRP B 62 -22.81 -12.97 22.20
C TRP B 62 -22.43 -11.68 21.45
N GLY B 63 -21.77 -10.77 22.16
CA GLY B 63 -21.45 -9.44 21.60
C GLY B 63 -20.82 -9.39 20.21
N PRO B 64 -19.64 -10.02 20.04
CA PRO B 64 -19.00 -9.98 18.71
C PRO B 64 -19.83 -10.63 17.60
N ALA B 65 -20.40 -11.80 17.89
CA ALA B 65 -21.26 -12.49 16.93
C ALA B 65 -22.49 -11.66 16.54
N ASP B 66 -23.16 -11.05 17.52
CA ASP B 66 -24.29 -10.15 17.28
C ASP B 66 -23.90 -8.99 16.35
N GLN B 67 -22.74 -8.41 16.65
CA GLN B 67 -22.19 -7.28 15.89
C GLN B 67 -21.94 -7.65 14.42
N HIS B 68 -21.36 -8.83 14.20
CA HIS B 68 -21.05 -9.29 12.85
C HIS B 68 -22.29 -9.74 12.07
N ALA B 69 -23.22 -10.39 12.75
CA ALA B 69 -24.51 -10.73 12.16
C ALA B 69 -25.27 -9.48 11.74
N ALA B 70 -25.24 -8.46 12.59
CA ALA B 70 -25.93 -7.19 12.31
C ALA B 70 -25.34 -6.48 11.09
N ALA B 71 -24.03 -6.63 10.89
CA ALA B 71 -23.38 -6.08 9.69
C ALA B 71 -24.05 -6.62 8.43
N ALA B 72 -24.45 -7.89 8.45
CA ALA B 72 -25.18 -8.49 7.32
C ALA B 72 -26.67 -8.10 7.32
N THR B 73 -27.34 -8.30 8.45
CA THR B 73 -28.79 -8.05 8.59
C THR B 73 -29.18 -6.62 8.21
N SER B 74 -28.42 -5.64 8.73
CA SER B 74 -28.68 -4.23 8.49
C SER B 74 -28.55 -3.83 7.00
N ARG B 75 -27.86 -4.67 6.24
CA ARG B 75 -27.63 -4.41 4.82
C ARG B 75 -28.48 -5.31 3.93
N GLY B 76 -29.22 -6.23 4.55
CA GLY B 76 -30.07 -7.17 3.82
C GLY B 76 -29.25 -8.27 3.16
N TYR B 77 -28.05 -8.53 3.67
CA TYR B 77 -27.15 -9.51 3.07
C TYR B 77 -27.32 -10.89 3.69
N GLU B 78 -26.86 -11.90 2.95
CA GLU B 78 -26.81 -13.26 3.47
C GLU B 78 -25.69 -13.39 4.49
N LEU B 79 -25.72 -14.46 5.27
CA LEU B 79 -24.74 -14.69 6.33
C LEU B 79 -24.34 -16.17 6.36
N ARG B 80 -23.05 -16.44 6.19
CA ARG B 80 -22.53 -17.81 6.38
C ARG B 80 -21.93 -17.88 7.78
N CYS B 81 -22.50 -18.74 8.60
CA CYS B 81 -22.08 -18.84 9.99
C CYS B 81 -21.05 -19.94 10.19
N HIS B 82 -19.94 -19.55 10.80
CA HIS B 82 -18.71 -20.32 10.80
C HIS B 82 -18.08 -20.21 12.19
N THR B 83 -17.99 -21.30 12.96
CA THR B 83 -18.35 -22.67 12.58
C THR B 83 -18.64 -23.43 13.87
N LEU B 84 -19.35 -24.55 13.79
CA LEU B 84 -19.73 -25.29 15.00
C LEU B 84 -18.63 -26.25 15.50
N VAL B 85 -18.55 -27.43 14.90
CA VAL B 85 -17.63 -28.47 15.36
C VAL B 85 -16.32 -28.40 14.58
N TRP B 86 -15.24 -28.01 15.28
CA TRP B 86 -13.94 -27.74 14.68
C TRP B 86 -12.84 -27.99 15.70
N HIS B 87 -11.78 -28.70 15.28
CA HIS B 87 -10.66 -29.06 16.16
C HIS B 87 -9.82 -27.85 16.59
N SER B 88 -9.80 -26.82 15.74
CA SER B 88 -8.90 -25.70 15.94
C SER B 88 -9.44 -24.67 16.91
N GLN B 89 -8.51 -24.15 17.72
CA GLN B 89 -8.77 -23.22 18.83
C GLN B 89 -10.05 -23.50 19.62
N LEU B 90 -10.25 -24.76 19.97
CA LEU B 90 -11.29 -25.14 20.91
C LEU B 90 -10.93 -24.53 22.24
N PRO B 91 -11.92 -24.07 23.01
CA PRO B 91 -11.57 -23.62 24.36
C PRO B 91 -10.96 -24.77 25.15
N SER B 92 -10.09 -24.43 26.10
CA SER B 92 -9.45 -25.41 26.95
C SER B 92 -10.46 -26.35 27.64
N TRP B 93 -11.56 -25.79 28.13
CA TRP B 93 -12.58 -26.62 28.80
C TRP B 93 -13.14 -27.75 27.94
N VAL B 94 -13.17 -27.55 26.61
CA VAL B 94 -13.57 -28.61 25.69
C VAL B 94 -12.38 -29.52 25.39
N ALA B 95 -11.29 -28.92 24.90
CA ALA B 95 -10.13 -29.69 24.43
C ALA B 95 -9.49 -30.55 25.53
N ASN B 96 -9.43 -30.03 26.74
CA ASN B 96 -8.78 -30.71 27.87
C ASN B 96 -9.75 -31.29 28.90
N GLY B 97 -11.04 -31.33 28.55
CA GLY B 97 -12.07 -31.86 29.44
C GLY B 97 -11.96 -33.36 29.63
N ASN B 98 -12.51 -33.84 30.74
CA ASN B 98 -12.59 -35.26 31.03
C ASN B 98 -13.96 -35.78 30.57
N TRP B 99 -14.01 -36.30 29.35
CA TRP B 99 -15.27 -36.66 28.71
C TRP B 99 -15.47 -38.16 28.57
N ASN B 100 -16.74 -38.56 28.53
CA ASN B 100 -17.12 -39.82 27.93
C ASN B 100 -18.04 -39.50 26.76
N ASN B 101 -18.39 -40.51 25.98
CA ASN B 101 -19.23 -40.34 24.79
C ASN B 101 -20.48 -39.49 25.06
N GLN B 102 -21.23 -39.85 26.09
CA GLN B 102 -22.46 -39.13 26.42
C GLN B 102 -22.25 -37.69 26.93
N THR B 103 -21.27 -37.47 27.79
CA THR B 103 -21.05 -36.11 28.34
C THR B 103 -20.55 -35.11 27.30
N LEU B 104 -19.70 -35.56 26.38
CA LEU B 104 -19.27 -34.70 25.26
C LEU B 104 -20.41 -34.41 24.29
N GLN B 105 -21.24 -35.40 24.00
CA GLN B 105 -22.41 -35.18 23.16
C GLN B 105 -23.35 -34.15 23.78
N ALA B 106 -23.49 -34.20 25.10
CA ALA B 106 -24.36 -33.26 25.82
C ALA B 106 -23.85 -31.83 25.64
N VAL B 107 -22.53 -31.67 25.68
CA VAL B 107 -21.87 -30.38 25.49
C VAL B 107 -22.06 -29.86 24.06
N MET B 108 -21.91 -30.76 23.09
CA MET B 108 -22.17 -30.45 21.68
C MET B 108 -23.59 -29.95 21.49
N ARG B 109 -24.55 -30.66 22.09
CA ARG B 109 -25.98 -30.33 21.93
C ARG B 109 -26.32 -28.96 22.51
N ASP B 110 -25.79 -28.67 23.70
CA ASP B 110 -26.02 -27.37 24.34
C ASP B 110 -25.42 -26.21 23.54
N HIS B 111 -24.21 -26.41 23.03
CA HIS B 111 -23.53 -25.38 22.21
C HIS B 111 -24.31 -25.14 20.91
N ILE B 112 -24.59 -26.22 20.18
CA ILE B 112 -25.31 -26.15 18.90
C ILE B 112 -26.72 -25.57 19.07
N ASN B 113 -27.47 -26.04 20.06
CA ASN B 113 -28.77 -25.47 20.38
C ASN B 113 -28.75 -23.96 20.59
N ALA B 114 -27.83 -23.49 21.42
CA ALA B 114 -27.78 -22.08 21.79
C ALA B 114 -27.36 -21.16 20.63
N VAL B 115 -26.30 -21.55 19.94
CA VAL B 115 -25.73 -20.72 18.87
C VAL B 115 -26.63 -20.69 17.64
N MET B 116 -27.04 -21.87 17.15
CA MET B 116 -27.96 -21.92 16.01
C MET B 116 -29.31 -21.28 16.32
N GLY B 117 -29.82 -21.53 17.53
CA GLY B 117 -31.09 -20.97 17.99
C GLY B 117 -31.12 -19.45 17.97
N ARG B 118 -30.03 -18.83 18.42
CA ARG B 118 -29.94 -17.37 18.46
C ARG B 118 -30.01 -16.71 17.08
N TYR B 119 -29.40 -17.34 16.08
CA TYR B 119 -29.29 -16.74 14.74
C TYR B 119 -30.21 -17.33 13.67
N ARG B 120 -31.17 -18.15 14.12
CA ARG B 120 -32.20 -18.68 13.23
C ARG B 120 -32.86 -17.55 12.44
N GLY B 121 -32.88 -17.70 11.12
CA GLY B 121 -33.45 -16.70 10.24
C GLY B 121 -32.43 -15.68 9.75
N LYS B 122 -31.25 -15.68 10.36
CA LYS B 122 -30.14 -14.80 9.95
C LYS B 122 -29.05 -15.61 9.25
N CYS B 123 -28.69 -16.77 9.82
CA CYS B 123 -27.70 -17.65 9.20
C CYS B 123 -28.26 -18.37 7.96
N THR B 124 -27.80 -17.93 6.79
CA THR B 124 -28.17 -18.55 5.51
C THR B 124 -27.57 -19.95 5.39
N HIS B 125 -26.29 -20.07 5.76
CA HIS B 125 -25.57 -21.35 5.82
C HIS B 125 -24.93 -21.49 7.20
N TRP B 126 -24.74 -22.73 7.63
CA TRP B 126 -23.88 -23.04 8.76
C TRP B 126 -22.79 -24.03 8.35
N ASP B 127 -21.55 -23.73 8.69
CA ASP B 127 -20.48 -24.73 8.63
C ASP B 127 -20.57 -25.61 9.88
N VAL B 128 -21.27 -26.73 9.76
CA VAL B 128 -21.62 -27.59 10.90
C VAL B 128 -20.38 -28.31 11.43
N VAL B 129 -19.62 -28.91 10.52
CA VAL B 129 -18.33 -29.51 10.87
C VAL B 129 -17.31 -28.92 9.91
N ASN B 130 -16.14 -28.57 10.44
CA ASN B 130 -15.08 -27.92 9.68
C ASN B 130 -13.79 -28.72 9.82
N GLU B 131 -13.16 -29.01 8.67
CA GLU B 131 -11.80 -29.56 8.63
C GLU B 131 -11.62 -30.87 9.40
N ALA B 132 -12.51 -31.82 9.12
CA ALA B 132 -12.51 -33.12 9.83
C ALA B 132 -11.53 -34.15 9.25
N LEU B 133 -10.85 -33.79 8.16
CA LEU B 133 -10.02 -34.74 7.42
C LEU B 133 -8.53 -34.42 7.45
N ASN B 134 -7.70 -35.46 7.55
CA ASN B 134 -6.27 -35.34 7.27
C ASN B 134 -6.06 -35.22 5.75
N GLU B 135 -4.85 -34.84 5.34
CA GLU B 135 -4.55 -34.71 3.91
C GLU B 135 -4.72 -36.01 3.10
N ASP B 136 -4.51 -37.15 3.75
CA ASP B 136 -4.70 -38.46 3.12
C ASP B 136 -6.16 -38.97 3.12
N GLY B 137 -7.09 -38.15 3.59
CA GLY B 137 -8.51 -38.52 3.57
C GLY B 137 -9.01 -39.26 4.79
N THR B 138 -8.10 -39.62 5.70
CA THR B 138 -8.49 -40.23 6.98
C THR B 138 -9.02 -39.15 7.94
N TYR B 139 -9.69 -39.57 9.02
CA TYR B 139 -10.24 -38.60 9.98
C TYR B 139 -9.18 -37.93 10.84
N ARG B 140 -9.22 -36.61 10.89
CA ARG B 140 -8.31 -35.83 11.70
C ARG B 140 -8.56 -36.10 13.18
N ASP B 141 -7.49 -36.41 13.89
CA ASP B 141 -7.54 -36.61 15.34
C ASP B 141 -8.03 -35.34 16.02
N SER B 142 -8.99 -35.51 16.94
CA SER B 142 -9.46 -34.43 17.81
C SER B 142 -10.26 -35.04 18.95
N VAL B 143 -10.54 -34.23 19.97
CA VAL B 143 -11.33 -34.71 21.11
C VAL B 143 -12.65 -35.35 20.64
N PHE B 144 -13.25 -34.81 19.58
CA PHE B 144 -14.52 -35.35 19.07
C PHE B 144 -14.37 -36.76 18.51
N LEU B 145 -13.33 -36.96 17.69
CA LEU B 145 -13.07 -38.28 17.11
C LEU B 145 -12.68 -39.30 18.20
N ARG B 146 -11.83 -38.88 19.12
CA ARG B 146 -11.34 -39.76 20.17
C ARG B 146 -12.45 -40.26 21.09
N VAL B 147 -13.33 -39.34 21.50
CA VAL B 147 -14.36 -39.65 22.48
C VAL B 147 -15.61 -40.30 21.86
N ILE B 148 -16.04 -39.79 20.71
CA ILE B 148 -17.29 -40.21 20.09
C ILE B 148 -17.09 -41.17 18.90
N GLY B 149 -15.91 -41.11 18.27
CA GLY B 149 -15.64 -41.88 17.05
C GLY B 149 -16.14 -41.17 15.81
N GLU B 150 -16.03 -41.83 14.66
CA GLU B 150 -16.53 -41.32 13.38
C GLU B 150 -17.96 -40.75 13.47
N ALA B 151 -18.79 -41.37 14.30
CA ALA B 151 -20.19 -40.96 14.51
C ALA B 151 -20.39 -39.49 14.91
N TYR B 152 -19.35 -38.83 15.43
CA TYR B 152 -19.49 -37.43 15.86
C TYR B 152 -19.95 -36.53 14.73
N ILE B 153 -19.57 -36.90 13.51
CA ILE B 153 -19.90 -36.11 12.33
C ILE B 153 -21.39 -36.16 12.01
N PRO B 154 -21.97 -37.37 11.79
CA PRO B 154 -23.42 -37.39 11.58
C PRO B 154 -24.21 -36.91 12.81
N ILE B 155 -23.71 -37.19 14.01
CA ILE B 155 -24.37 -36.71 15.24
C ILE B 155 -24.44 -35.17 15.26
N ALA B 156 -23.35 -34.50 14.88
CA ALA B 156 -23.36 -33.03 14.77
C ALA B 156 -24.42 -32.54 13.79
N PHE B 157 -24.52 -33.22 12.65
CA PHE B 157 -25.54 -32.89 11.66
C PHE B 157 -26.96 -33.13 12.16
N ARG B 158 -27.17 -34.20 12.92
CA ARG B 158 -28.47 -34.46 13.56
C ARG B 158 -28.86 -33.36 14.55
N MET B 159 -27.89 -32.93 15.36
CA MET B 159 -28.09 -31.86 16.32
C MET B 159 -28.36 -30.52 15.64
N ALA B 160 -27.64 -30.26 14.56
CA ALA B 160 -27.78 -29.02 13.80
C ALA B 160 -29.16 -28.94 13.14
N LEU B 161 -29.58 -30.04 12.53
CA LEU B 161 -30.92 -30.12 11.93
C LEU B 161 -32.03 -29.82 12.95
N ALA B 162 -31.89 -30.37 14.17
CA ALA B 162 -32.84 -30.12 15.25
C ALA B 162 -32.83 -28.67 15.73
N ALA B 163 -31.63 -28.09 15.86
CA ALA B 163 -31.46 -26.73 16.37
C ALA B 163 -31.93 -25.63 15.42
N ASP B 164 -31.72 -25.82 14.11
CA ASP B 164 -32.20 -24.87 13.10
C ASP B 164 -32.31 -25.52 11.72
N PRO B 165 -33.49 -26.10 11.40
CA PRO B 165 -33.71 -26.74 10.10
C PRO B 165 -33.88 -25.76 8.92
N THR B 166 -34.00 -24.47 9.21
CA THR B 166 -34.20 -23.45 8.15
C THR B 166 -32.91 -23.05 7.43
N THR B 167 -31.77 -23.31 8.06
CA THR B 167 -30.47 -23.00 7.45
C THR B 167 -30.03 -24.13 6.50
N LYS B 168 -28.99 -23.85 5.71
CA LYS B 168 -28.30 -24.89 4.93
C LYS B 168 -27.15 -25.46 5.74
N LEU B 169 -27.15 -26.79 5.92
CA LEU B 169 -26.12 -27.46 6.72
C LEU B 169 -24.95 -27.90 5.84
N TYR B 170 -23.78 -27.29 6.05
CA TYR B 170 -22.60 -27.52 5.23
C TYR B 170 -21.51 -28.28 5.97
N TYR B 171 -20.82 -29.16 5.24
CA TYR B 171 -19.51 -29.63 5.67
C TYR B 171 -18.47 -28.78 4.93
N ASN B 172 -17.46 -28.30 5.63
CA ASN B 172 -16.49 -27.35 5.09
C ASN B 172 -15.05 -27.84 5.28
N ASP B 173 -14.22 -27.74 4.23
CA ASP B 173 -12.82 -28.18 4.34
C ASP B 173 -11.95 -27.57 3.25
N TYR B 174 -10.64 -27.55 3.49
CA TYR B 174 -9.67 -27.12 2.46
C TYR B 174 -9.03 -28.32 1.76
N ASN B 175 -8.38 -28.02 0.63
CA ASN B 175 -7.68 -29.03 -0.19
C ASN B 175 -8.56 -30.16 -0.72
N LEU B 176 -9.84 -29.85 -0.99
CA LEU B 176 -10.72 -30.81 -1.64
C LEU B 176 -10.74 -30.62 -3.16
N GLU B 177 -10.10 -29.55 -3.63
CA GLU B 177 -10.17 -29.13 -5.03
C GLU B 177 -9.38 -30.02 -6.00
N TYR B 178 -8.50 -30.85 -5.46
CA TYR B 178 -7.50 -31.55 -6.28
C TYR B 178 -7.92 -32.96 -6.73
N GLY B 179 -9.11 -33.38 -6.31
CA GLY B 179 -9.69 -34.66 -6.76
C GLY B 179 -8.92 -35.88 -6.32
N ASN B 180 -8.50 -35.89 -5.06
CA ASN B 180 -7.65 -36.94 -4.52
C ASN B 180 -8.31 -37.62 -3.32
N ALA B 181 -7.50 -38.25 -2.46
CA ALA B 181 -8.02 -38.96 -1.29
C ALA B 181 -8.76 -38.06 -0.29
N LYS B 182 -8.35 -36.80 -0.15
CA LYS B 182 -9.09 -35.87 0.72
C LYS B 182 -10.50 -35.56 0.17
N THR B 183 -10.59 -35.38 -1.15
CA THR B 183 -11.89 -35.20 -1.82
C THR B 183 -12.79 -36.39 -1.51
N GLU B 184 -12.22 -37.58 -1.62
CA GLU B 184 -12.94 -38.82 -1.35
C GLU B 184 -13.42 -38.89 0.11
N GLY B 185 -12.59 -38.39 1.03
CA GLY B 185 -12.97 -38.27 2.45
C GLY B 185 -14.19 -37.40 2.68
N ALA B 186 -14.30 -36.31 1.92
CA ALA B 186 -15.45 -35.42 1.99
C ALA B 186 -16.72 -36.13 1.53
N LYS B 187 -16.58 -36.91 0.45
CA LYS B 187 -17.68 -37.74 -0.05
C LYS B 187 -18.09 -38.80 0.97
N ARG B 188 -17.10 -39.42 1.61
CA ARG B 188 -17.36 -40.41 2.68
C ARG B 188 -18.21 -39.80 3.78
N ILE B 189 -17.88 -38.57 4.18
CA ILE B 189 -18.64 -37.81 5.19
C ILE B 189 -20.08 -37.54 4.74
N ALA B 190 -20.25 -37.03 3.52
CA ALA B 190 -21.58 -36.77 2.97
C ALA B 190 -22.43 -38.06 2.84
N ARG B 191 -21.80 -39.14 2.36
CA ARG B 191 -22.47 -40.44 2.27
C ARG B 191 -22.95 -40.91 3.65
N LEU B 192 -22.06 -40.78 4.64
CA LEU B 192 -22.36 -41.17 6.03
C LEU B 192 -23.54 -40.42 6.65
N VAL B 193 -23.59 -39.10 6.46
CA VAL B 193 -24.71 -38.29 6.93
C VAL B 193 -26.02 -38.76 6.29
N LYS B 194 -25.99 -38.95 4.98
CA LYS B 194 -27.16 -39.43 4.24
C LYS B 194 -27.59 -40.84 4.67
N SER B 195 -26.62 -41.70 5.00
CA SER B 195 -26.86 -43.08 5.48
C SER B 195 -27.60 -43.13 6.80
N TYR B 196 -27.38 -42.12 7.65
CA TYR B 196 -28.13 -41.98 8.90
C TYR B 196 -29.55 -41.46 8.66
N GLY B 197 -29.89 -41.18 7.41
CA GLY B 197 -31.19 -40.59 7.06
C GLY B 197 -31.23 -39.10 7.38
N LEU B 198 -30.06 -38.49 7.50
CA LEU B 198 -29.96 -37.09 7.90
C LEU B 198 -29.80 -36.16 6.70
N ARG B 199 -29.72 -34.87 6.98
CA ARG B 199 -29.66 -33.87 5.92
C ARG B 199 -28.28 -33.20 5.90
N ILE B 200 -27.62 -33.27 4.74
CA ILE B 200 -26.49 -32.40 4.46
C ILE B 200 -26.80 -31.65 3.18
N ASP B 201 -26.81 -30.32 3.26
CA ASP B 201 -27.25 -29.48 2.15
C ASP B 201 -26.13 -29.08 1.21
N GLY B 202 -24.90 -29.06 1.71
CA GLY B 202 -23.78 -28.56 0.93
C GLY B 202 -22.42 -29.01 1.40
N ILE B 203 -21.46 -28.99 0.48
CA ILE B 203 -20.05 -29.16 0.80
C ILE B 203 -19.35 -27.86 0.44
N GLY B 204 -18.66 -27.27 1.42
CA GLY B 204 -17.92 -26.04 1.21
C GLY B 204 -16.48 -26.35 0.89
N LEU B 205 -16.02 -25.85 -0.25
CA LEU B 205 -14.61 -25.99 -0.62
C LEU B 205 -13.93 -24.65 -0.30
N GLN B 206 -13.09 -24.66 0.72
CA GLN B 206 -12.49 -23.43 1.22
C GLN B 206 -11.75 -22.64 0.14
N ALA B 207 -11.06 -23.35 -0.74
CA ALA B 207 -10.37 -22.74 -1.89
C ALA B 207 -9.25 -21.79 -1.46
N HIS B 208 -8.47 -22.22 -0.46
CA HIS B 208 -7.21 -21.56 -0.17
C HIS B 208 -6.19 -22.16 -1.15
N MET B 209 -5.95 -21.44 -2.24
CA MET B 209 -5.14 -21.95 -3.36
C MET B 209 -3.85 -21.17 -3.51
N THR B 210 -3.01 -21.58 -4.46
CA THR B 210 -1.85 -20.78 -4.84
C THR B 210 -1.87 -20.48 -6.35
N SER B 211 -1.13 -19.46 -6.77
CA SER B 211 -1.00 -19.17 -8.20
C SER B 211 0.35 -19.64 -8.75
N GLU B 212 1.19 -20.16 -7.86
CA GLU B 212 2.54 -20.62 -8.14
C GLU B 212 2.95 -21.53 -6.99
N SER B 213 3.96 -22.36 -7.19
CA SER B 213 4.45 -23.23 -6.13
CA SER B 213 4.46 -23.23 -6.14
C SER B 213 4.96 -22.43 -4.95
N THR B 214 4.43 -22.73 -3.76
CA THR B 214 4.93 -22.16 -2.51
C THR B 214 5.35 -23.34 -1.62
N PRO B 215 6.07 -23.07 -0.52
CA PRO B 215 6.50 -24.18 0.34
C PRO B 215 5.34 -24.98 0.96
N THR B 216 4.19 -24.33 1.17
CA THR B 216 3.04 -25.00 1.79
C THR B 216 2.13 -25.68 0.78
N GLN B 217 2.16 -25.23 -0.47
CA GLN B 217 1.33 -25.79 -1.53
C GLN B 217 2.08 -25.73 -2.87
N ASN B 218 2.64 -26.86 -3.28
CA ASN B 218 3.44 -26.95 -4.50
C ASN B 218 2.60 -26.89 -5.78
N THR B 219 1.34 -27.33 -5.68
CA THR B 219 0.46 -27.38 -6.85
C THR B 219 -0.38 -26.11 -6.99
N PRO B 220 -0.18 -25.36 -8.09
CA PRO B 220 -0.99 -24.15 -8.34
C PRO B 220 -2.44 -24.50 -8.66
N THR B 221 -3.32 -23.51 -8.60
CA THR B 221 -4.74 -23.68 -8.90
C THR B 221 -4.91 -24.54 -10.16
N PRO B 222 -5.64 -25.67 -10.07
CA PRO B 222 -5.83 -26.54 -11.23
C PRO B 222 -6.63 -25.92 -12.38
N SER B 223 -6.73 -26.63 -13.50
CA SER B 223 -7.47 -26.12 -14.66
C SER B 223 -8.94 -25.97 -14.33
N ARG B 224 -9.59 -25.02 -15.00
CA ARG B 224 -11.03 -24.82 -14.88
C ARG B 224 -11.80 -26.14 -15.09
N ALA B 225 -11.41 -26.90 -16.13
CA ALA B 225 -12.06 -28.18 -16.45
C ALA B 225 -11.90 -29.20 -15.32
N LYS B 226 -10.70 -29.30 -14.75
CA LYS B 226 -10.49 -30.26 -13.67
C LYS B 226 -11.23 -29.87 -12.40
N LEU B 227 -11.23 -28.58 -12.08
CA LEU B 227 -11.99 -28.07 -10.92
C LEU B 227 -13.49 -28.27 -11.08
N ALA B 228 -14.01 -28.02 -12.28
CA ALA B 228 -15.44 -28.19 -12.54
C ALA B 228 -15.85 -29.66 -12.36
N SER B 229 -15.00 -30.57 -12.82
CA SER B 229 -15.22 -32.01 -12.65
C SER B 229 -15.21 -32.42 -11.17
N VAL B 230 -14.31 -31.85 -10.36
CA VAL B 230 -14.30 -32.11 -8.90
C VAL B 230 -15.59 -31.61 -8.26
N LEU B 231 -15.97 -30.36 -8.56
CA LEU B 231 -17.22 -29.77 -8.08
C LEU B 231 -18.46 -30.61 -8.41
N GLN B 232 -18.60 -31.03 -9.67
CA GLN B 232 -19.75 -31.84 -10.08
C GLN B 232 -19.74 -33.22 -9.41
N GLY B 233 -18.54 -33.78 -9.26
CA GLY B 233 -18.34 -35.04 -8.54
C GLY B 233 -18.92 -35.02 -7.13
N LEU B 234 -18.71 -33.89 -6.45
CA LEU B 234 -19.30 -33.66 -5.13
C LEU B 234 -20.81 -33.42 -5.22
N ALA B 235 -21.23 -32.58 -6.16
CA ALA B 235 -22.65 -32.27 -6.38
C ALA B 235 -23.47 -33.51 -6.74
N ASP B 236 -22.84 -34.49 -7.40
CA ASP B 236 -23.49 -35.77 -7.76
C ASP B 236 -24.20 -36.42 -6.57
N LEU B 237 -23.62 -36.29 -5.37
CA LEU B 237 -24.18 -36.89 -4.15
C LEU B 237 -25.53 -36.32 -3.70
N GLY B 238 -25.94 -35.20 -4.29
CA GLY B 238 -27.19 -34.56 -3.92
C GLY B 238 -26.96 -33.43 -2.93
N VAL B 239 -25.92 -32.65 -3.16
CA VAL B 239 -25.61 -31.46 -2.36
C VAL B 239 -25.29 -30.28 -3.28
N ASP B 240 -25.50 -29.08 -2.75
CA ASP B 240 -24.95 -27.87 -3.35
C ASP B 240 -23.46 -27.83 -3.02
N VAL B 241 -22.70 -27.08 -3.81
CA VAL B 241 -21.31 -26.81 -3.45
C VAL B 241 -21.09 -25.29 -3.47
N ALA B 242 -20.03 -24.85 -2.79
CA ALA B 242 -19.68 -23.44 -2.75
C ALA B 242 -18.19 -23.29 -2.48
N TYR B 243 -17.57 -22.26 -3.05
CA TYR B 243 -16.24 -21.86 -2.62
C TYR B 243 -16.43 -20.90 -1.45
N THR B 244 -15.90 -21.27 -0.28
CA THR B 244 -16.30 -20.60 0.96
C THR B 244 -15.27 -19.66 1.57
N GLU B 245 -14.00 -19.85 1.21
CA GLU B 245 -12.93 -19.04 1.82
C GLU B 245 -11.86 -18.70 0.79
N LEU B 246 -12.30 -18.36 -0.42
CA LEU B 246 -11.39 -18.22 -1.57
C LEU B 246 -10.29 -17.18 -1.37
N ASP B 247 -9.05 -17.65 -1.45
CA ASP B 247 -7.89 -16.78 -1.65
C ASP B 247 -6.81 -17.55 -2.39
N ILE B 248 -5.96 -16.82 -3.10
CA ILE B 248 -4.96 -17.44 -3.95
C ILE B 248 -3.62 -16.75 -3.71
N ARG B 249 -2.77 -17.43 -2.93
CA ARG B 249 -1.53 -16.86 -2.45
C ARG B 249 -0.35 -17.12 -3.38
N MET B 250 0.69 -16.32 -3.19
CA MET B 250 1.92 -16.41 -3.99
C MET B 250 3.07 -16.16 -3.04
N ASN B 251 4.29 -16.39 -3.52
CA ASN B 251 5.47 -15.97 -2.78
C ASN B 251 5.67 -14.46 -2.94
N THR B 252 5.70 -13.73 -1.83
CA THR B 252 5.80 -12.27 -1.84
C THR B 252 7.26 -11.82 -2.00
N PRO B 253 7.48 -10.58 -2.49
CA PRO B 253 6.46 -9.59 -2.83
C PRO B 253 5.81 -9.86 -4.18
N ALA B 254 4.60 -9.36 -4.36
CA ALA B 254 3.95 -9.38 -5.66
C ALA B 254 4.74 -8.57 -6.67
N THR B 255 4.70 -9.01 -7.93
CA THR B 255 5.27 -8.24 -9.04
C THR B 255 4.18 -8.13 -10.11
N GLN B 256 4.44 -7.31 -11.12
CA GLN B 256 3.53 -7.18 -12.26
C GLN B 256 3.20 -8.56 -12.88
N GLN B 257 4.23 -9.35 -13.15
CA GLN B 257 4.04 -10.69 -13.73
C GLN B 257 3.26 -11.63 -12.80
N LYS B 258 3.64 -11.67 -11.52
CA LYS B 258 2.94 -12.53 -10.56
C LYS B 258 1.46 -12.17 -10.40
N LEU B 259 1.15 -10.87 -10.46
CA LEU B 259 -0.24 -10.42 -10.35
C LEU B 259 -1.07 -10.86 -11.55
N GLN B 260 -0.47 -10.90 -12.74
CA GLN B 260 -1.18 -11.39 -13.94
C GLN B 260 -1.42 -12.89 -13.85
N THR B 261 -0.40 -13.63 -13.40
CA THR B 261 -0.51 -15.07 -13.22
C THR B 261 -1.55 -15.38 -12.14
N ASN B 262 -1.57 -14.58 -11.09
CA ASN B 262 -2.59 -14.69 -10.05
C ASN B 262 -4.00 -14.46 -10.61
N ALA B 263 -4.14 -13.46 -11.49
CA ALA B 263 -5.42 -13.18 -12.15
C ALA B 263 -5.88 -14.35 -13.03
N ASP B 264 -4.94 -15.00 -13.72
CA ASP B 264 -5.23 -16.22 -14.49
C ASP B 264 -5.79 -17.33 -13.60
N ALA B 265 -5.16 -17.52 -12.43
CA ALA B 265 -5.59 -18.52 -11.46
C ALA B 265 -7.00 -18.26 -10.92
N TYR B 266 -7.29 -17.00 -10.58
CA TYR B 266 -8.67 -16.63 -10.22
C TYR B 266 -9.68 -17.00 -11.29
N ALA B 267 -9.38 -16.67 -12.55
CA ALA B 267 -10.30 -16.98 -13.66
C ALA B 267 -10.59 -18.49 -13.76
N ARG B 268 -9.58 -19.32 -13.47
CA ARG B 268 -9.74 -20.78 -13.53
C ARG B 268 -10.75 -21.27 -12.49
N ILE B 269 -10.55 -20.87 -11.22
CA ILE B 269 -11.38 -21.39 -10.15
C ILE B 269 -12.77 -20.75 -10.15
N VAL B 270 -12.83 -19.45 -10.40
CA VAL B 270 -14.12 -18.74 -10.52
C VAL B 270 -14.92 -19.33 -11.69
N GLY B 271 -14.22 -19.58 -12.81
CA GLY B 271 -14.80 -20.26 -13.97
C GLY B 271 -15.44 -21.61 -13.66
N SER B 272 -14.79 -22.41 -12.81
CA SER B 272 -15.29 -23.74 -12.47
C SER B 272 -16.65 -23.69 -11.77
N CYS B 273 -16.85 -22.68 -10.92
CA CYS B 273 -18.15 -22.47 -10.28
C CYS B 273 -19.22 -22.15 -11.33
N MET B 274 -18.90 -21.25 -12.26
CA MET B 274 -19.81 -20.90 -13.35
C MET B 274 -20.24 -22.13 -14.17
N ASP B 275 -19.36 -23.11 -14.27
CA ASP B 275 -19.59 -24.32 -15.07
C ASP B 275 -20.52 -25.33 -14.40
N VAL B 276 -20.72 -25.19 -13.09
CA VAL B 276 -21.46 -26.19 -12.31
C VAL B 276 -22.73 -25.61 -11.71
N LYS B 277 -23.88 -26.15 -12.14
CA LYS B 277 -25.18 -25.60 -11.74
C LYS B 277 -25.36 -25.52 -10.22
N ARG B 278 -24.93 -26.57 -9.52
CA ARG B 278 -25.10 -26.63 -8.07
C ARG B 278 -24.05 -25.85 -7.27
N CYS B 279 -23.12 -25.19 -7.95
CA CYS B 279 -22.22 -24.25 -7.27
C CYS B 279 -22.97 -22.94 -7.06
N VAL B 280 -23.37 -22.68 -5.83
CA VAL B 280 -24.33 -21.60 -5.57
C VAL B 280 -23.69 -20.22 -5.42
N GLY B 281 -22.42 -20.18 -5.05
CA GLY B 281 -21.76 -18.91 -4.78
C GLY B 281 -20.31 -19.04 -4.39
N ILE B 282 -19.67 -17.86 -4.29
CA ILE B 282 -18.27 -17.74 -3.95
C ILE B 282 -18.15 -16.74 -2.81
N THR B 283 -17.39 -17.10 -1.78
CA THR B 283 -17.00 -16.17 -0.73
C THR B 283 -15.48 -16.08 -0.73
N VAL B 284 -14.95 -14.87 -0.84
CA VAL B 284 -13.51 -14.62 -0.69
C VAL B 284 -13.18 -14.42 0.78
N TRP B 285 -11.98 -14.80 1.21
CA TRP B 285 -11.64 -14.69 2.64
C TRP B 285 -11.08 -13.31 2.98
N GLY B 286 -11.93 -12.30 2.83
CA GLY B 286 -11.56 -10.92 3.11
C GLY B 286 -11.52 -10.09 1.82
N ILE B 287 -11.71 -8.78 1.98
CA ILE B 287 -11.62 -7.85 0.86
C ILE B 287 -10.14 -7.52 0.55
N SER B 288 -9.38 -7.14 1.58
CA SER B 288 -8.05 -6.57 1.37
C SER B 288 -6.88 -7.41 1.92
N ASP B 289 -5.81 -7.48 1.13
CA ASP B 289 -4.54 -8.08 1.55
C ASP B 289 -4.03 -7.56 2.90
N LYS B 290 -4.40 -6.32 3.24
CA LYS B 290 -3.96 -5.66 4.48
C LYS B 290 -4.25 -6.50 5.73
N TYR B 291 -5.36 -7.24 5.71
CA TYR B 291 -5.82 -7.97 6.91
C TYR B 291 -5.94 -9.49 6.70
N SER B 292 -5.26 -9.99 5.68
CA SER B 292 -5.28 -11.43 5.34
C SER B 292 -4.47 -12.26 6.34
N TRP B 293 -4.98 -13.45 6.65
CA TRP B 293 -4.30 -14.41 7.54
C TRP B 293 -2.96 -14.91 7.00
N VAL B 294 -2.76 -14.80 5.68
CA VAL B 294 -1.66 -15.53 5.01
C VAL B 294 -0.25 -15.21 5.51
N PRO B 295 0.19 -13.93 5.44
CA PRO B 295 1.59 -13.62 5.81
C PRO B 295 1.95 -13.91 7.26
N GLY B 296 0.99 -13.83 8.18
CA GLY B 296 1.24 -14.15 9.59
C GLY B 296 1.44 -15.65 9.81
N THR B 297 0.62 -16.45 9.14
CA THR B 297 0.67 -17.90 9.26
C THR B 297 1.85 -18.47 8.46
N PHE B 298 1.99 -18.01 7.22
CA PHE B 298 3.06 -18.47 6.33
C PHE B 298 3.92 -17.30 5.83
N PRO B 299 4.84 -16.81 6.69
CA PRO B 299 5.69 -15.69 6.27
C PRO B 299 6.35 -15.98 4.92
N GLY B 300 6.36 -14.99 4.03
CA GLY B 300 6.89 -15.17 2.67
C GLY B 300 5.84 -15.55 1.64
N GLU B 301 4.63 -15.86 2.11
CA GLU B 301 3.47 -16.04 1.22
C GLU B 301 2.45 -14.93 1.45
N GLY B 302 1.63 -14.63 0.46
CA GLY B 302 0.67 -13.53 0.57
C GLY B 302 0.11 -13.01 -0.72
N SER B 303 -0.27 -11.72 -0.71
CA SER B 303 -0.96 -11.06 -1.83
C SER B 303 -2.07 -11.92 -2.44
N ALA B 304 -2.92 -12.47 -1.57
CA ALA B 304 -3.87 -13.52 -1.97
C ALA B 304 -5.29 -13.06 -2.34
N LEU B 305 -5.61 -11.79 -2.09
CA LEU B 305 -6.99 -11.31 -2.24
C LEU B 305 -7.19 -10.39 -3.46
N LEU B 306 -8.42 -9.91 -3.64
CA LEU B 306 -8.79 -9.13 -4.84
C LEU B 306 -8.46 -7.64 -4.74
N TRP B 307 -8.40 -7.11 -3.52
CA TRP B 307 -7.95 -5.73 -3.31
C TRP B 307 -6.61 -5.74 -2.58
N ASN B 308 -5.71 -4.84 -2.96
CA ASN B 308 -4.40 -4.75 -2.31
C ASN B 308 -4.44 -4.04 -0.95
N ASP B 309 -3.26 -3.82 -0.36
CA ASP B 309 -3.09 -3.15 0.94
C ASP B 309 -3.65 -1.72 0.99
N ASN B 310 -3.72 -1.08 -0.18
CA ASN B 310 -4.24 0.29 -0.31
C ASN B 310 -5.71 0.31 -0.73
N PHE B 311 -6.37 -0.84 -0.62
CA PHE B 311 -7.79 -1.00 -1.02
C PHE B 311 -8.03 -0.67 -2.49
N GLN B 312 -7.05 -0.97 -3.34
CA GLN B 312 -7.18 -0.82 -4.80
C GLN B 312 -7.38 -2.20 -5.44
N LYS B 313 -8.25 -2.25 -6.45
CA LYS B 313 -8.49 -3.51 -7.17
C LYS B 313 -7.22 -4.00 -7.85
N LYS B 314 -6.92 -5.29 -7.67
CA LYS B 314 -5.80 -5.95 -8.33
C LYS B 314 -6.29 -6.55 -9.66
N PRO B 315 -5.37 -7.00 -10.54
CA PRO B 315 -5.78 -7.62 -11.80
C PRO B 315 -6.75 -8.80 -11.62
N SER B 316 -6.62 -9.52 -10.51
CA SER B 316 -7.53 -10.62 -10.18
C SER B 316 -9.00 -10.20 -10.02
N TYR B 317 -9.24 -8.96 -9.57
CA TYR B 317 -10.62 -8.46 -9.49
C TYR B 317 -11.25 -8.46 -10.88
N THR B 318 -10.51 -7.92 -11.86
CA THR B 318 -10.99 -7.81 -13.23
C THR B 318 -11.21 -9.18 -13.90
N SER B 319 -10.26 -10.09 -13.74
CA SER B 319 -10.42 -11.43 -14.31
C SER B 319 -11.58 -12.18 -13.64
N THR B 320 -11.78 -11.95 -12.36
CA THR B 320 -12.91 -12.56 -11.64
C THR B 320 -14.24 -12.05 -12.19
N LEU B 321 -14.39 -10.73 -12.24
CA LEU B 321 -15.60 -10.10 -12.75
C LEU B 321 -15.88 -10.50 -14.21
N ASN B 322 -14.85 -10.44 -15.05
CA ASN B 322 -14.97 -10.83 -16.46
C ASN B 322 -15.39 -12.29 -16.61
N THR B 323 -14.82 -13.17 -15.78
CA THR B 323 -15.16 -14.60 -15.82
C THR B 323 -16.62 -14.86 -15.45
N ILE B 324 -17.10 -14.20 -14.39
CA ILE B 324 -18.50 -14.33 -13.99
C ILE B 324 -19.41 -13.84 -15.13
N ASN B 325 -19.05 -12.70 -15.73
CA ASN B 325 -19.84 -12.10 -16.81
C ASN B 325 -19.82 -12.83 -18.16
N ARG B 326 -18.81 -13.66 -18.41
CA ARG B 326 -18.69 -14.33 -19.72
C ARG B 326 -19.90 -15.18 -20.05
N ALA C 1 13.98 14.61 31.58
CA ALA C 1 13.26 13.31 31.36
C ALA C 1 13.28 12.93 29.87
N ALA C 2 13.67 11.69 29.60
CA ALA C 2 13.74 11.17 28.22
C ALA C 2 12.36 11.17 27.53
N SER C 3 12.36 11.33 26.21
CA SER C 3 11.12 11.54 25.45
C SER C 3 10.64 10.32 24.65
N GLY C 4 11.44 9.26 24.65
CA GLY C 4 11.08 8.00 24.00
C GLY C 4 11.38 6.83 24.92
N LEU C 5 10.75 5.69 24.65
CA LEU C 5 10.85 4.52 25.54
C LEU C 5 12.26 3.91 25.61
N GLU C 6 12.91 3.73 24.46
CA GLU C 6 14.30 3.26 24.42
C GLU C 6 15.24 4.19 25.18
N ALA C 7 15.18 5.49 24.88
CA ALA C 7 16.01 6.49 25.56
C ALA C 7 15.80 6.48 27.06
N ALA C 8 14.54 6.33 27.49
CA ALA C 8 14.20 6.29 28.91
C ALA C 8 14.74 5.05 29.61
N MET C 9 14.64 3.90 28.95
CA MET C 9 15.22 2.65 29.49
C MET C 9 16.73 2.76 29.66
N LYS C 10 17.41 3.29 28.64
CA LYS C 10 18.86 3.49 28.68
C LYS C 10 19.30 4.42 29.82
N ALA C 11 18.58 5.53 30.00
CA ALA C 11 18.88 6.50 31.06
C ALA C 11 18.64 5.93 32.47
N ALA C 12 17.71 4.99 32.58
CA ALA C 12 17.44 4.34 33.85
C ALA C 12 18.38 3.16 34.12
N GLY C 13 19.32 2.92 33.20
CA GLY C 13 20.29 1.84 33.36
C GLY C 13 19.79 0.47 32.89
N LYS C 14 18.71 0.45 32.12
CA LYS C 14 18.21 -0.78 31.51
C LYS C 14 18.83 -0.95 30.12
N GLN C 15 18.57 -2.09 29.48
CA GLN C 15 19.21 -2.40 28.19
C GLN C 15 18.44 -1.97 26.93
N TYR C 16 17.11 -2.08 26.95
CA TYR C 16 16.31 -1.79 25.76
C TYR C 16 14.81 -1.66 26.04
N PHE C 17 14.14 -0.94 25.14
CA PHE C 17 12.71 -1.10 24.93
C PHE C 17 12.50 -1.60 23.50
N GLY C 18 11.79 -2.71 23.36
CA GLY C 18 11.63 -3.35 22.07
C GLY C 18 10.19 -3.52 21.65
N THR C 19 9.99 -3.97 20.41
CA THR C 19 8.67 -4.35 19.94
C THR C 19 8.73 -5.53 18.97
N ALA C 20 7.68 -6.35 18.98
CA ALA C 20 7.47 -7.31 17.93
C ALA C 20 7.21 -6.54 16.63
N LEU C 21 7.57 -7.15 15.50
CA LEU C 21 7.34 -6.52 14.21
C LEU C 21 7.03 -7.53 13.13
N THR C 22 5.97 -7.25 12.37
CA THR C 22 5.73 -7.86 11.07
C THR C 22 5.99 -6.78 10.04
N VAL C 23 6.87 -7.07 9.09
CA VAL C 23 7.12 -6.18 7.96
C VAL C 23 5.94 -6.22 6.99
N ARG C 24 5.38 -5.05 6.70
CA ARG C 24 4.21 -4.93 5.82
C ARG C 24 4.26 -3.58 5.09
N ASN C 25 3.42 -3.45 4.06
CA ASN C 25 3.37 -2.22 3.26
C ASN C 25 2.93 -0.99 4.07
N ASP C 26 2.03 -1.20 5.04
CA ASP C 26 1.65 -0.14 6.01
C ASP C 26 2.88 0.28 6.83
N GLN C 27 3.34 1.52 6.62
CA GLN C 27 4.56 2.03 7.26
C GLN C 27 4.32 2.63 8.65
N GLY C 28 3.08 2.58 9.12
CA GLY C 28 2.69 3.25 10.37
C GLY C 28 3.54 2.86 11.57
N GLU C 29 3.77 1.55 11.72
CA GLU C 29 4.55 1.04 12.84
C GLU C 29 6.05 1.27 12.66
N ILE C 30 6.59 0.91 11.49
CA ILE C 30 8.03 1.05 11.25
C ILE C 30 8.50 2.51 11.34
N ASP C 31 7.65 3.45 10.95
CA ASP C 31 7.99 4.87 11.04
C ASP C 31 8.20 5.33 12.48
N ILE C 32 7.43 4.73 13.39
CA ILE C 32 7.56 4.97 14.84
C ILE C 32 8.84 4.29 15.37
N ILE C 33 9.05 3.06 14.91
CA ILE C 33 10.21 2.24 15.28
C ILE C 33 11.55 2.90 14.88
N ASN C 34 11.54 3.60 13.74
CA ASN C 34 12.73 4.28 13.19
C ASN C 34 13.35 5.35 14.12
N ASN C 35 12.54 5.84 15.05
CA ASN C 35 12.98 6.78 16.07
C ASN C 35 13.89 6.03 17.06
N LYS C 36 15.18 6.30 17.00
CA LYS C 36 16.17 5.63 17.85
C LYS C 36 15.99 5.90 19.35
N ASN C 37 15.28 6.97 19.70
CA ASN C 37 14.96 7.24 21.09
C ASN C 37 13.70 6.49 21.58
N GLU C 38 12.99 5.87 20.64
CA GLU C 38 11.75 5.14 20.94
C GLU C 38 11.97 3.62 21.12
N ILE C 39 12.61 3.00 20.15
CA ILE C 39 12.77 1.54 20.11
C ILE C 39 14.25 1.19 19.83
N GLY C 40 14.76 0.18 20.53
CA GLY C 40 16.14 -0.28 20.32
C GLY C 40 16.29 -1.78 20.18
N SER C 41 15.16 -2.48 20.11
CA SER C 41 15.15 -3.94 19.91
C SER C 41 13.90 -4.36 19.12
N ILE C 42 14.06 -5.38 18.28
CA ILE C 42 12.96 -5.94 17.49
C ILE C 42 12.82 -7.45 17.72
N THR C 43 11.58 -7.92 17.82
CA THR C 43 11.29 -9.34 17.80
C THR C 43 10.45 -9.62 16.54
N PRO C 44 11.03 -10.36 15.57
CA PRO C 44 10.22 -10.75 14.42
C PRO C 44 9.04 -11.56 14.90
N GLU C 45 7.84 -11.12 14.54
CA GLU C 45 6.60 -11.71 15.08
C GLU C 45 6.39 -13.16 14.67
N ASN C 46 6.66 -13.46 13.40
CA ASN C 46 6.40 -14.79 12.84
C ASN C 46 7.54 -15.37 11.99
N ALA C 47 8.42 -14.52 11.47
CA ALA C 47 9.43 -14.93 10.47
C ALA C 47 10.46 -15.97 10.94
N MET C 48 10.65 -16.09 12.25
CA MET C 48 11.69 -16.98 12.78
C MET C 48 11.20 -18.26 13.47
N LYS C 49 9.88 -18.49 13.47
CA LYS C 49 9.34 -19.75 13.96
C LYS C 49 9.73 -20.90 13.04
N TRP C 50 9.71 -22.12 13.57
CA TRP C 50 10.13 -23.32 12.83
C TRP C 50 9.47 -23.44 11.45
N GLU C 51 8.14 -23.30 11.40
CA GLU C 51 7.41 -23.42 10.12
C GLU C 51 7.90 -22.39 9.09
N ALA C 52 8.14 -21.16 9.53
CA ALA C 52 8.65 -20.11 8.65
C ALA C 52 10.07 -20.41 8.13
N ILE C 53 10.92 -20.95 9.01
CA ILE C 53 12.34 -21.18 8.73
C ILE C 53 12.61 -22.46 7.93
N GLN C 54 11.91 -23.53 8.27
CA GLN C 54 12.10 -24.81 7.60
C GLN C 54 10.76 -25.51 7.36
N PRO C 55 9.96 -24.97 6.42
CA PRO C 55 8.60 -25.47 6.16
C PRO C 55 8.57 -26.92 5.64
N ASN C 56 9.61 -27.29 4.89
CA ASN C 56 9.81 -28.66 4.43
C ASN C 56 11.20 -29.11 4.83
N ARG C 57 11.35 -30.41 5.09
CA ARG C 57 12.61 -30.94 5.59
C ARG C 57 13.78 -30.66 4.67
N GLY C 58 14.81 -30.03 5.22
CA GLY C 58 16.03 -29.71 4.49
C GLY C 58 15.94 -28.48 3.59
N GLN C 59 14.76 -27.86 3.55
CA GLN C 59 14.53 -26.73 2.65
C GLN C 59 14.28 -25.45 3.46
N PHE C 60 15.37 -24.75 3.77
CA PHE C 60 15.28 -23.55 4.60
C PHE C 60 14.76 -22.34 3.83
N ASN C 61 13.96 -21.54 4.52
CA ASN C 61 13.25 -20.43 3.90
C ASN C 61 13.70 -19.13 4.56
N TRP C 62 14.74 -18.52 4.00
CA TRP C 62 15.44 -17.44 4.68
C TRP C 62 14.88 -16.04 4.41
N GLY C 63 14.12 -15.89 3.33
CA GLY C 63 13.65 -14.57 2.91
C GLY C 63 13.02 -13.72 3.99
N PRO C 64 11.91 -14.21 4.60
CA PRO C 64 11.20 -13.40 5.60
C PRO C 64 12.06 -13.12 6.85
N ALA C 65 12.78 -14.13 7.34
CA ALA C 65 13.64 -13.93 8.49
C ALA C 65 14.77 -12.92 8.21
N ASP C 66 15.37 -12.97 7.02
CA ASP C 66 16.39 -12.00 6.61
C ASP C 66 15.84 -10.57 6.60
N GLN C 67 14.64 -10.43 6.04
CA GLN C 67 13.92 -9.16 5.95
CA GLN C 67 13.97 -9.14 5.96
C GLN C 67 13.69 -8.56 7.34
N HIS C 68 13.23 -9.41 8.26
CA HIS C 68 12.96 -8.96 9.63
C HIS C 68 14.22 -8.70 10.44
N ALA C 69 15.24 -9.53 10.27
CA ALA C 69 16.55 -9.30 10.90
C ALA C 69 17.16 -8.00 10.39
N ALA C 70 17.06 -7.76 9.08
CA ALA C 70 17.62 -6.55 8.46
C ALA C 70 16.99 -5.26 8.98
N ALA C 71 15.71 -5.33 9.37
CA ALA C 71 15.01 -4.17 9.95
C ALA C 71 15.69 -3.70 11.23
N ALA C 72 16.24 -4.66 11.99
CA ALA C 72 16.99 -4.37 13.20
C ALA C 72 18.45 -3.98 12.89
N THR C 73 19.13 -4.81 12.11
CA THR C 73 20.57 -4.62 11.86
C THR C 73 20.89 -3.33 11.10
N SER C 74 20.03 -2.95 10.16
CA SER C 74 20.21 -1.70 9.41
C SER C 74 20.07 -0.46 10.29
N ARG C 75 19.46 -0.63 11.46
CA ARG C 75 19.25 0.46 12.41
C ARG C 75 20.16 0.38 13.63
N GLY C 76 20.99 -0.67 13.68
CA GLY C 76 21.87 -0.92 14.84
C GLY C 76 21.11 -1.36 16.07
N TYR C 77 19.94 -1.97 15.85
CA TYR C 77 19.08 -2.40 16.96
C TYR C 77 19.39 -3.83 17.37
N GLU C 78 18.99 -4.16 18.60
CA GLU C 78 19.06 -5.52 19.11
C GLU C 78 17.94 -6.35 18.48
N LEU C 79 18.08 -7.67 18.55
CA LEU C 79 17.12 -8.57 17.95
C LEU C 79 16.86 -9.76 18.89
N ARG C 80 15.60 -9.99 19.23
CA ARG C 80 15.21 -11.19 19.97
C ARG C 80 14.68 -12.20 18.96
N CYS C 81 15.37 -13.32 18.84
CA CYS C 81 15.02 -14.32 17.85
C CYS C 81 14.11 -15.37 18.46
N HIS C 82 12.98 -15.60 17.81
CA HIS C 82 11.82 -16.28 18.37
C HIS C 82 11.22 -17.14 17.26
N THR C 83 11.25 -18.47 17.38
CA THR C 83 11.71 -19.25 18.54
C THR C 83 12.12 -20.64 18.04
N LEU C 84 12.98 -21.33 18.79
CA LEU C 84 13.47 -22.65 18.33
C LEU C 84 12.48 -23.78 18.62
N VAL C 85 12.49 -24.28 19.85
CA VAL C 85 11.66 -25.43 20.22
C VAL C 85 10.32 -24.97 20.79
N TRP C 86 9.25 -25.27 20.05
CA TRP C 86 7.90 -24.79 20.38
C TRP C 86 6.87 -25.74 19.80
N HIS C 87 5.89 -26.14 20.63
CA HIS C 87 4.85 -27.09 20.22
C HIS C 87 3.93 -26.54 19.13
N SER C 88 3.81 -25.22 19.08
CA SER C 88 2.75 -24.60 18.27
C SER C 88 3.21 -24.31 16.86
N GLN C 89 2.30 -24.55 15.91
CA GLN C 89 2.55 -24.31 14.49
C GLN C 89 3.81 -25.01 13.96
N LEU C 90 4.06 -26.23 14.44
CA LEU C 90 5.15 -27.02 13.89
C LEU C 90 4.78 -27.44 12.48
N PRO C 91 5.78 -27.46 11.57
CA PRO C 91 5.48 -28.04 10.26
C PRO C 91 4.98 -29.47 10.39
N SER C 92 4.12 -29.87 9.46
CA SER C 92 3.55 -31.21 9.48
C SER C 92 4.63 -32.31 9.49
N TRP C 93 5.72 -32.10 8.76
CA TRP C 93 6.80 -33.09 8.72
C TRP C 93 7.45 -33.34 10.10
N VAL C 94 7.39 -32.35 10.98
CA VAL C 94 7.90 -32.51 12.34
C VAL C 94 6.81 -33.10 13.25
N ALA C 95 5.66 -32.43 13.31
CA ALA C 95 4.57 -32.82 14.20
C ALA C 95 4.09 -34.24 13.96
N ASN C 96 3.95 -34.60 12.68
CA ASN C 96 3.40 -35.90 12.28
C ASN C 96 4.47 -36.92 11.87
N GLY C 97 5.74 -36.60 12.08
CA GLY C 97 6.83 -37.47 11.68
C GLY C 97 6.91 -38.76 12.48
N ASN C 98 7.53 -39.78 11.88
CA ASN C 98 7.77 -41.04 12.56
C ASN C 98 9.16 -41.02 13.17
N TRP C 99 9.22 -40.61 14.44
CA TRP C 99 10.51 -40.37 15.10
C TRP C 99 10.82 -41.39 16.18
N ASN C 100 12.12 -41.61 16.39
CA ASN C 100 12.63 -42.15 17.64
C ASN C 100 13.50 -41.08 18.28
N ASN C 101 13.94 -41.32 19.52
CA ASN C 101 14.73 -40.36 20.28
C ASN C 101 15.89 -39.76 19.48
N GLN C 102 16.68 -40.59 18.82
CA GLN C 102 17.88 -40.12 18.14
C GLN C 102 17.62 -39.40 16.79
N THR C 103 16.59 -39.83 16.06
CA THR C 103 16.25 -39.18 14.79
C THR C 103 15.61 -37.81 14.98
N LEU C 104 14.80 -37.66 16.03
CA LEU C 104 14.22 -36.35 16.36
C LEU C 104 15.31 -35.38 16.84
N GLN C 105 16.21 -35.87 17.68
CA GLN C 105 17.36 -35.08 18.14
C GLN C 105 18.21 -34.55 16.97
N ALA C 106 18.43 -35.41 15.97
CA ALA C 106 19.15 -35.03 14.76
C ALA C 106 18.44 -33.89 14.01
N VAL C 107 17.11 -33.99 13.92
CA VAL C 107 16.28 -32.95 13.33
C VAL C 107 16.36 -31.62 14.11
N MET C 108 16.30 -31.70 15.44
CA MET C 108 16.50 -30.52 16.29
C MET C 108 17.87 -29.88 16.04
N ARG C 109 18.92 -30.72 16.08
CA ARG C 109 20.29 -30.25 15.89
C ARG C 109 20.48 -29.54 14.55
N ASP C 110 19.98 -30.12 13.47
CA ASP C 110 20.11 -29.54 12.13
C ASP C 110 19.41 -28.18 12.03
N HIS C 111 18.19 -28.10 12.55
CA HIS C 111 17.40 -26.86 12.55
C HIS C 111 18.07 -25.76 13.38
N ILE C 112 18.41 -26.10 14.62
CA ILE C 112 19.09 -25.16 15.53
C ILE C 112 20.42 -24.68 14.94
N ASN C 113 21.22 -25.62 14.41
CA ASN C 113 22.49 -25.26 13.76
C ASN C 113 22.34 -24.27 12.60
N ALA C 114 21.36 -24.51 11.74
CA ALA C 114 21.15 -23.68 10.55
C ALA C 114 20.69 -22.26 10.87
N VAL C 115 19.65 -22.15 11.72
CA VAL C 115 19.06 -20.84 11.99
C VAL C 115 19.90 -20.00 12.96
N MET C 116 20.43 -20.59 14.03
CA MET C 116 21.30 -19.83 14.94
C MET C 116 22.59 -19.44 14.25
N GLY C 117 23.11 -20.36 13.43
CA GLY C 117 24.33 -20.12 12.65
C GLY C 117 24.18 -18.95 11.69
N ARG C 118 23.05 -18.89 10.99
CA ARG C 118 22.84 -17.82 10.02
C ARG C 118 22.80 -16.44 10.70
N TYR C 119 22.18 -16.37 11.87
CA TYR C 119 21.97 -15.07 12.52
C TYR C 119 22.89 -14.78 13.71
N ARG C 120 23.96 -15.55 13.86
CA ARG C 120 24.94 -15.26 14.93
C ARG C 120 25.56 -13.87 14.71
N GLY C 121 25.65 -13.10 15.79
CA GLY C 121 26.09 -11.71 15.69
C GLY C 121 24.93 -10.75 15.48
N LYS C 122 23.78 -11.28 15.10
CA LYS C 122 22.57 -10.47 14.92
C LYS C 122 21.55 -10.73 16.02
N CYS C 123 21.34 -12.00 16.36
CA CYS C 123 20.42 -12.38 17.44
C CYS C 123 21.04 -12.08 18.82
N THR C 124 20.47 -11.08 19.50
CA THR C 124 20.89 -10.69 20.84
C THR C 124 20.43 -11.72 21.88
N HIS C 125 19.18 -12.16 21.73
CA HIS C 125 18.55 -13.19 22.56
C HIS C 125 17.93 -14.24 21.65
N TRP C 126 17.91 -15.49 22.11
CA TRP C 126 17.13 -16.55 21.47
C TRP C 126 16.16 -17.14 22.46
N ASP C 127 14.90 -17.23 22.08
CA ASP C 127 13.93 -18.04 22.80
C ASP C 127 14.16 -19.49 22.37
N VAL C 128 14.92 -20.21 23.18
CA VAL C 128 15.37 -21.57 22.83
C VAL C 128 14.22 -22.56 22.95
N VAL C 129 13.47 -22.46 24.05
CA VAL C 129 12.27 -23.26 24.25
C VAL C 129 11.15 -22.32 24.67
N ASN C 130 9.99 -22.52 24.05
CA ASN C 130 8.85 -21.64 24.24
C ASN C 130 7.65 -22.45 24.73
N GLU C 131 7.01 -21.97 25.79
CA GLU C 131 5.71 -22.49 26.25
C GLU C 131 5.70 -24.01 26.51
N ALA C 132 6.67 -24.47 27.28
CA ALA C 132 6.83 -25.91 27.57
C ALA C 132 5.96 -26.40 28.72
N LEU C 133 5.19 -25.49 29.32
CA LEU C 133 4.45 -25.80 30.55
C LEU C 133 2.94 -25.70 30.38
N ASN C 134 2.23 -26.66 31.00
CA ASN C 134 0.80 -26.54 31.21
C ASN C 134 0.51 -25.48 32.26
N GLU C 135 -0.75 -25.06 32.37
CA GLU C 135 -1.13 -24.02 33.34
C GLU C 135 -0.88 -24.43 34.79
N ASP C 136 -0.91 -25.74 35.07
CA ASP C 136 -0.66 -26.28 36.42
C ASP C 136 0.83 -26.56 36.69
N GLY C 137 1.69 -26.16 35.77
CA GLY C 137 3.14 -26.32 35.95
C GLY C 137 3.73 -27.62 35.47
N THR C 138 2.88 -28.57 35.07
CA THR C 138 3.37 -29.83 34.46
C THR C 138 3.87 -29.55 33.04
N TYR C 139 4.60 -30.50 32.46
CA TYR C 139 5.12 -30.34 31.11
C TYR C 139 4.02 -30.49 30.07
N ARG C 140 3.92 -29.51 29.18
CA ARG C 140 2.99 -29.55 28.07
C ARG C 140 3.33 -30.71 27.14
N ASP C 141 2.32 -31.49 26.78
CA ASP C 141 2.45 -32.58 25.83
C ASP C 141 2.83 -32.02 24.46
N SER C 142 3.86 -32.60 23.85
CA SER C 142 4.29 -32.25 22.50
C SER C 142 5.10 -33.41 21.93
N VAL C 143 5.35 -33.39 20.62
CA VAL C 143 6.19 -34.41 20.00
C VAL C 143 7.56 -34.50 20.71
N PHE C 144 8.10 -33.35 21.11
CA PHE C 144 9.40 -33.29 21.80
C PHE C 144 9.37 -34.00 23.16
N LEU C 145 8.31 -33.76 23.93
CA LEU C 145 8.16 -34.41 25.24
C LEU C 145 7.90 -35.91 25.07
N ARG C 146 7.03 -36.26 24.13
CA ARG C 146 6.66 -37.66 23.90
C ARG C 146 7.86 -38.51 23.49
N VAL C 147 8.70 -37.98 22.62
CA VAL C 147 9.77 -38.76 21.99
C VAL C 147 11.07 -38.74 22.78
N ILE C 148 11.41 -37.59 23.36
CA ILE C 148 12.69 -37.40 24.05
C ILE C 148 12.53 -37.38 25.57
N GLY C 149 11.32 -37.06 26.04
CA GLY C 149 11.07 -36.86 27.47
C GLY C 149 11.52 -35.49 27.96
N GLU C 150 11.43 -35.29 29.27
CA GLU C 150 11.82 -34.05 29.96
C GLU C 150 13.16 -33.49 29.46
N ALA C 151 14.07 -34.42 29.15
CA ALA C 151 15.42 -34.12 28.71
C ALA C 151 15.52 -33.26 27.44
N TYR C 152 14.44 -33.18 26.65
CA TYR C 152 14.47 -32.37 25.42
C TYR C 152 14.80 -30.90 25.69
N ILE C 153 14.40 -30.43 26.87
CA ILE C 153 14.63 -29.02 27.26
C ILE C 153 16.13 -28.72 27.46
N PRO C 154 16.83 -29.48 28.34
CA PRO C 154 18.28 -29.24 28.45
C PRO C 154 19.06 -29.58 27.18
N ILE C 155 18.61 -30.59 26.44
CA ILE C 155 19.23 -30.96 25.17
C ILE C 155 19.16 -29.78 24.18
N ALA C 156 17.98 -29.18 24.05
CA ALA C 156 17.82 -27.96 23.23
C ALA C 156 18.78 -26.85 23.66
N PHE C 157 18.90 -26.63 24.97
CA PHE C 157 19.87 -25.65 25.47
C PHE C 157 21.31 -26.01 25.17
N ARG C 158 21.64 -27.30 25.22
CA ARG C 158 22.98 -27.76 24.84
C ARG C 158 23.30 -27.49 23.37
N MET C 159 22.36 -27.83 22.50
CA MET C 159 22.52 -27.60 21.06
C MET C 159 22.62 -26.11 20.75
N ALA C 160 21.81 -25.31 21.45
CA ALA C 160 21.81 -23.87 21.27
C ALA C 160 23.14 -23.26 21.66
N LEU C 161 23.66 -23.67 22.83
CA LEU C 161 24.95 -23.22 23.32
C LEU C 161 26.09 -23.53 22.33
N ALA C 162 26.03 -24.70 21.70
CA ALA C 162 27.04 -25.11 20.72
C ALA C 162 26.95 -24.29 19.43
N ALA C 163 25.73 -24.00 18.99
CA ALA C 163 25.51 -23.25 17.75
C ALA C 163 25.90 -21.77 17.85
N ASP C 164 25.51 -21.10 18.93
CA ASP C 164 25.92 -19.70 19.14
C ASP C 164 26.01 -19.35 20.63
N PRO C 165 27.21 -19.53 21.21
CA PRO C 165 27.42 -19.18 22.62
C PRO C 165 27.43 -17.67 22.89
N THR C 166 27.47 -16.84 21.85
CA THR C 166 27.49 -15.37 22.03
C THR C 166 26.11 -14.75 22.27
N THR C 167 25.05 -15.52 22.07
CA THR C 167 23.68 -15.02 22.29
C THR C 167 23.24 -15.27 23.74
N LYS C 168 22.14 -14.63 24.15
CA LYS C 168 21.52 -14.94 25.45
C LYS C 168 20.46 -16.04 25.24
N LEU C 169 20.64 -17.15 25.95
CA LEU C 169 19.77 -18.31 25.80
C LEU C 169 18.61 -18.23 26.78
N TYR C 170 17.41 -18.05 26.26
CA TYR C 170 16.21 -17.81 27.07
C TYR C 170 15.19 -18.96 27.05
N TYR C 171 14.55 -19.18 28.20
CA TYR C 171 13.28 -19.91 28.24
C TYR C 171 12.17 -18.86 28.29
N ASN C 172 11.14 -19.03 27.46
CA ASN C 172 10.07 -18.04 27.31
C ASN C 172 8.69 -18.67 27.54
N ASP C 173 7.83 -17.99 28.30
CA ASP C 173 6.49 -18.52 28.59
C ASP C 173 5.52 -17.44 29.09
N TYR C 174 4.22 -17.73 28.99
CA TYR C 174 3.18 -16.81 29.46
C TYR C 174 2.59 -17.30 30.78
N ASN C 175 1.87 -16.40 31.45
CA ASN C 175 1.21 -16.68 32.74
C ASN C 175 2.16 -17.13 33.86
N LEU C 176 3.38 -16.60 33.84
CA LEU C 176 4.35 -16.84 34.92
C LEU C 176 4.32 -15.71 35.94
N GLU C 177 3.56 -14.66 35.64
CA GLU C 177 3.58 -13.41 36.41
C GLU C 177 2.85 -13.50 37.74
N TYR C 178 2.07 -14.56 37.93
CA TYR C 178 1.12 -14.63 39.04
C TYR C 178 1.65 -15.34 40.29
N GLY C 179 2.88 -15.85 40.21
CA GLY C 179 3.55 -16.49 41.34
C GLY C 179 2.79 -17.72 41.82
N ASN C 180 2.62 -18.68 40.90
CA ASN C 180 1.86 -19.90 41.20
C ASN C 180 2.60 -21.14 40.70
N ALA C 181 1.86 -22.22 40.47
CA ALA C 181 2.45 -23.50 40.02
C ALA C 181 3.19 -23.39 38.68
N LYS C 182 2.69 -22.53 37.79
CA LYS C 182 3.38 -22.35 36.49
C LYS C 182 4.70 -21.63 36.68
N THR C 183 4.73 -20.61 37.54
CA THR C 183 5.97 -19.92 37.88
C THR C 183 7.00 -20.91 38.42
N GLU C 184 6.55 -21.79 39.30
CA GLU C 184 7.41 -22.82 39.89
C GLU C 184 7.94 -23.80 38.83
N GLY C 185 7.12 -24.08 37.81
CA GLY C 185 7.52 -24.94 36.68
C GLY C 185 8.63 -24.34 35.85
N ALA C 186 8.60 -23.01 35.67
CA ALA C 186 9.67 -22.30 34.98
C ALA C 186 10.95 -22.40 35.79
N LYS C 187 10.82 -22.30 37.11
CA LYS C 187 11.97 -22.49 38.01
C LYS C 187 12.49 -23.93 37.89
N ARG C 188 11.58 -24.90 37.85
CA ARG C 188 11.96 -26.31 37.65
C ARG C 188 12.81 -26.46 36.38
N ILE C 189 12.38 -25.80 35.31
CA ILE C 189 13.07 -25.84 34.02
C ILE C 189 14.50 -25.27 34.11
N ALA C 190 14.65 -24.10 34.72
CA ALA C 190 15.97 -23.45 34.87
C ALA C 190 16.90 -24.29 35.73
N ARG C 191 16.37 -24.83 36.82
CA ARG C 191 17.12 -25.74 37.71
C ARG C 191 17.59 -26.97 36.95
N LEU C 192 16.71 -27.50 36.09
CA LEU C 192 17.02 -28.67 35.28
C LEU C 192 18.20 -28.41 34.35
N VAL C 193 18.12 -27.32 33.58
CA VAL C 193 19.22 -26.92 32.69
C VAL C 193 20.54 -26.76 33.45
N LYS C 194 20.50 -26.05 34.57
CA LYS C 194 21.71 -25.83 35.39
C LYS C 194 22.29 -27.11 35.99
N SER C 195 21.42 -28.08 36.30
CA SER C 195 21.85 -29.37 36.88
C SER C 195 22.62 -30.22 35.88
N TYR C 196 22.43 -29.90 34.59
CA TYR C 196 23.18 -30.54 33.51
C TYR C 196 24.53 -29.86 33.30
N GLY C 197 24.80 -28.81 34.07
CA GLY C 197 26.00 -27.99 33.87
C GLY C 197 25.89 -27.10 32.64
N LEU C 198 24.65 -26.89 32.18
CA LEU C 198 24.41 -26.11 30.97
C LEU C 198 24.01 -24.67 31.29
N ARG C 199 23.96 -23.84 30.25
CA ARG C 199 23.71 -22.42 30.43
C ARG C 199 22.27 -22.05 30.06
N ILE C 200 21.57 -21.46 31.03
CA ILE C 200 20.37 -20.68 30.73
C ILE C 200 20.61 -19.23 31.19
N ASP C 201 20.54 -18.31 30.24
CA ASP C 201 20.88 -16.91 30.49
C ASP C 201 19.70 -16.08 30.99
N GLY C 202 18.50 -16.47 30.59
CA GLY C 202 17.32 -15.70 30.91
C GLY C 202 16.01 -16.45 30.94
N ILE C 203 15.03 -15.88 31.64
CA ILE C 203 13.65 -16.31 31.58
C ILE C 203 12.81 -15.16 31.03
N GLY C 204 12.09 -15.43 29.94
CA GLY C 204 11.22 -14.45 29.33
C GLY C 204 9.80 -14.63 29.85
N LEU C 205 9.25 -13.57 30.43
CA LEU C 205 7.85 -13.56 30.83
C LEU C 205 7.08 -12.81 29.77
N GLN C 206 6.25 -13.52 29.02
CA GLN C 206 5.55 -12.93 27.88
C GLN C 206 4.72 -11.70 28.26
N ALA C 207 4.08 -11.75 29.43
CA ALA C 207 3.26 -10.64 29.93
C ALA C 207 2.09 -10.29 29.01
N HIS C 208 1.37 -11.31 28.56
CA HIS C 208 0.06 -11.10 27.96
C HIS C 208 -0.93 -10.99 29.11
N MET C 209 -1.21 -9.74 29.50
CA MET C 209 -1.99 -9.44 30.70
C MET C 209 -3.34 -8.83 30.36
N THR C 210 -4.15 -8.59 31.40
CA THR C 210 -5.38 -7.81 31.26
C THR C 210 -5.41 -6.66 32.28
N SER C 211 -6.22 -5.65 31.99
CA SER C 211 -6.43 -4.52 32.91
C SER C 211 -7.78 -4.64 33.63
N GLU C 212 -8.54 -5.67 33.27
CA GLU C 212 -9.83 -5.98 33.90
C GLU C 212 -10.13 -7.46 33.62
N SER C 213 -11.07 -8.03 34.36
CA SER C 213 -11.50 -9.40 34.11
CA SER C 213 -11.51 -9.40 34.12
C SER C 213 -12.04 -9.52 32.69
N THR C 214 -11.52 -10.50 31.95
CA THR C 214 -12.06 -10.85 30.64
C THR C 214 -12.41 -12.33 30.68
N PRO C 215 -13.16 -12.83 29.68
CA PRO C 215 -13.52 -14.25 29.69
C PRO C 215 -12.32 -15.20 29.71
N THR C 216 -11.18 -14.77 29.16
CA THR C 216 -9.99 -15.62 29.07
C THR C 216 -9.03 -15.45 30.25
N GLN C 217 -9.13 -14.35 30.98
CA GLN C 217 -8.23 -14.08 32.10
C GLN C 217 -8.95 -13.23 33.15
N ASN C 218 -9.34 -13.87 34.25
CA ASN C 218 -10.16 -13.22 35.30
C ASN C 218 -9.33 -12.32 36.23
N THR C 219 -8.04 -12.60 36.33
CA THR C 219 -7.15 -11.85 37.22
C THR C 219 -6.47 -10.72 36.44
N PRO C 220 -6.76 -9.46 36.80
CA PRO C 220 -6.12 -8.30 36.19
C PRO C 220 -4.67 -8.19 36.62
N THR C 221 -3.88 -7.41 35.88
CA THR C 221 -2.47 -7.19 36.19
C THR C 221 -2.28 -6.95 37.69
N PRO C 222 -1.45 -7.78 38.35
CA PRO C 222 -1.24 -7.68 39.80
C PRO C 222 -0.58 -6.37 40.23
N SER C 223 -0.40 -6.20 41.54
CA SER C 223 0.27 -5.01 42.06
C SER C 223 1.74 -5.01 41.64
N ARG C 224 2.29 -3.80 41.52
CA ARG C 224 3.71 -3.64 41.21
C ARG C 224 4.59 -4.47 42.15
N ALA C 225 4.29 -4.42 43.45
CA ALA C 225 5.06 -5.15 44.47
C ALA C 225 5.06 -6.67 44.24
N LYS C 226 3.88 -7.23 43.97
CA LYS C 226 3.74 -8.65 43.73
C LYS C 226 4.50 -9.06 42.46
N LEU C 227 4.36 -8.27 41.40
CA LEU C 227 5.08 -8.53 40.16
C LEU C 227 6.58 -8.45 40.36
N ALA C 228 7.04 -7.44 41.11
CA ALA C 228 8.47 -7.31 41.42
C ALA C 228 9.01 -8.55 42.15
N SER C 229 8.25 -9.06 43.11
CA SER C 229 8.67 -10.23 43.88
C SER C 229 8.73 -11.50 43.02
N VAL C 230 7.80 -11.63 42.08
CA VAL C 230 7.78 -12.77 41.15
C VAL C 230 9.00 -12.69 40.23
N LEU C 231 9.23 -11.51 39.68
CA LEU C 231 10.36 -11.26 38.81
C LEU C 231 11.68 -11.54 39.53
N GLN C 232 11.81 -11.04 40.76
CA GLN C 232 13.03 -11.25 41.54
C GLN C 232 13.21 -12.73 41.94
N GLY C 233 12.09 -13.39 42.23
CA GLY C 233 12.09 -14.83 42.53
C GLY C 233 12.70 -15.68 41.42
N LEU C 234 12.40 -15.31 40.17
CA LEU C 234 12.99 -15.96 39.01
C LEU C 234 14.45 -15.55 38.81
N ALA C 235 14.75 -14.27 38.99
CA ALA C 235 16.13 -13.79 38.88
C ALA C 235 17.07 -14.49 39.88
N ASP C 236 16.51 -14.82 41.04
CA ASP C 236 17.26 -15.50 42.11
C ASP C 236 17.97 -16.78 41.65
N LEU C 237 17.40 -17.45 40.65
CA LEU C 237 17.96 -18.66 40.07
C LEU C 237 19.34 -18.45 39.47
N GLY C 238 19.68 -17.19 39.16
CA GLY C 238 20.92 -16.86 38.48
C GLY C 238 20.68 -16.67 36.99
N VAL C 239 19.64 -15.91 36.68
CA VAL C 239 19.27 -15.60 35.29
C VAL C 239 18.84 -14.14 35.19
N ASP C 240 18.98 -13.57 34.00
CA ASP C 240 18.31 -12.31 33.66
C ASP C 240 16.82 -12.59 33.46
N VAL C 241 16.00 -11.57 33.62
CA VAL C 241 14.57 -11.68 33.30
C VAL C 241 14.18 -10.55 32.36
N ALA C 242 13.10 -10.73 31.62
CA ALA C 242 12.61 -9.71 30.70
C ALA C 242 11.14 -9.95 30.43
N TYR C 243 10.41 -8.87 30.21
CA TYR C 243 9.06 -8.98 29.69
C TYR C 243 9.22 -8.97 28.16
N THR C 244 8.71 -10.00 27.51
CA THR C 244 9.08 -10.29 26.12
C THR C 244 7.98 -10.07 25.09
N GLU C 245 6.72 -10.08 25.53
CA GLU C 245 5.59 -9.96 24.60
C GLU C 245 4.46 -9.12 25.21
N LEU C 246 4.84 -8.08 25.94
CA LEU C 246 3.90 -7.31 26.75
C LEU C 246 2.74 -6.70 25.95
N ASP C 247 1.53 -7.06 26.36
CA ASP C 247 0.32 -6.32 26.00
C ASP C 247 -0.70 -6.51 27.11
N ILE C 248 -1.62 -5.57 27.24
CA ILE C 248 -2.59 -5.60 28.33
C ILE C 248 -3.98 -5.34 27.77
N ARG C 249 -4.75 -6.43 27.62
CA ARG C 249 -6.02 -6.38 26.91
C ARG C 249 -7.18 -6.10 27.85
N MET C 250 -8.27 -5.60 27.27
CA MET C 250 -9.50 -5.28 28.00
C MET C 250 -10.69 -5.79 27.19
N ASN C 251 -11.89 -5.68 27.74
CA ASN C 251 -13.12 -5.90 26.96
C ASN C 251 -13.45 -4.65 26.17
N THR C 252 -13.55 -4.80 24.84
CA THR C 252 -13.81 -3.66 23.95
C THR C 252 -15.31 -3.37 23.83
N PRO C 253 -15.68 -2.13 23.45
CA PRO C 253 -14.79 -1.00 23.09
C PRO C 253 -14.18 -0.33 24.32
N ALA C 254 -13.04 0.32 24.13
CA ALA C 254 -12.43 1.13 25.17
C ALA C 254 -13.27 2.37 25.44
N THR C 255 -13.23 2.84 26.70
CA THR C 255 -13.79 4.13 27.10
C THR C 255 -12.62 4.89 27.70
N GLN C 256 -12.79 6.19 27.94
CA GLN C 256 -11.73 6.97 28.58
C GLN C 256 -11.34 6.39 29.94
N GLN C 257 -12.32 5.93 30.71
CA GLN C 257 -12.05 5.29 32.00
C GLN C 257 -11.23 4.00 31.85
N LYS C 258 -11.63 3.15 30.89
CA LYS C 258 -10.93 1.90 30.62
C LYS C 258 -9.48 2.14 30.16
N LEU C 259 -9.27 3.18 29.36
CA LEU C 259 -7.92 3.56 28.92
C LEU C 259 -7.04 4.00 30.09
N GLN C 260 -7.61 4.72 31.04
CA GLN C 260 -6.85 5.13 32.24
C GLN C 260 -6.54 3.93 33.15
N THR C 261 -7.55 3.07 33.37
CA THR C 261 -7.36 1.83 34.13
C THR C 261 -6.26 0.96 33.49
N ASN C 262 -6.25 0.91 32.15
CA ASN C 262 -5.24 0.20 31.39
C ASN C 262 -3.85 0.83 31.56
N ALA C 263 -3.80 2.16 31.53
CA ALA C 263 -2.54 2.90 31.74
C ALA C 263 -1.96 2.60 33.11
N ASP C 264 -2.83 2.55 34.13
CA ASP C 264 -2.44 2.17 35.49
C ASP C 264 -1.83 0.77 35.52
N ALA C 265 -2.42 -0.16 34.77
CA ALA C 265 -1.90 -1.52 34.69
C ALA C 265 -0.49 -1.57 34.09
N TYR C 266 -0.30 -0.85 32.98
CA TYR C 266 1.02 -0.70 32.38
C TYR C 266 2.03 -0.16 33.39
N ALA C 267 1.64 0.87 34.13
CA ALA C 267 2.51 1.47 35.15
C ALA C 267 2.97 0.44 36.20
N ARG C 268 2.07 -0.45 36.60
CA ARG C 268 2.42 -1.49 37.59
C ARG C 268 3.46 -2.47 37.05
N ILE C 269 3.20 -3.04 35.87
CA ILE C 269 4.08 -4.06 35.31
C ILE C 269 5.41 -3.45 34.82
N VAL C 270 5.35 -2.27 34.20
CA VAL C 270 6.57 -1.59 33.77
C VAL C 270 7.40 -1.23 35.01
N GLY C 271 6.71 -0.75 36.05
CA GLY C 271 7.35 -0.46 37.34
C GLY C 271 8.06 -1.65 37.95
N SER C 272 7.48 -2.84 37.81
CA SER C 272 8.08 -4.05 38.39
C SER C 272 9.44 -4.36 37.77
N CYS C 273 9.60 -4.10 36.48
CA CYS C 273 10.90 -4.24 35.81
C CYS C 273 11.92 -3.26 36.39
N MET C 274 11.51 -2.00 36.58
CA MET C 274 12.37 -0.97 37.17
C MET C 274 12.85 -1.36 38.57
N ASP C 275 12.04 -2.13 39.30
CA ASP C 275 12.37 -2.55 40.66
C ASP C 275 13.33 -3.74 40.77
N VAL C 276 13.61 -4.39 39.64
CA VAL C 276 14.41 -5.61 39.64
C VAL C 276 15.66 -5.41 38.77
N LYS C 277 16.84 -5.44 39.41
CA LYS C 277 18.11 -5.14 38.72
C LYS C 277 18.34 -6.01 37.48
N ARG C 278 18.00 -7.28 37.60
CA ARG C 278 18.22 -8.27 36.53
C ARG C 278 17.13 -8.31 35.45
N CYS C 279 16.11 -7.47 35.58
CA CYS C 279 15.17 -7.25 34.47
C CYS C 279 15.84 -6.33 33.47
N VAL C 280 16.22 -6.88 32.32
CA VAL C 280 17.08 -6.17 31.37
C VAL C 280 16.31 -5.27 30.41
N GLY C 281 15.05 -5.60 30.16
CA GLY C 281 14.25 -4.83 29.22
C GLY C 281 12.83 -5.30 29.05
N ILE C 282 12.10 -4.56 28.23
CA ILE C 282 10.70 -4.81 27.96
C ILE C 282 10.50 -4.79 26.45
N THR C 283 9.77 -5.80 25.95
CA THR C 283 9.32 -5.82 24.57
C THR C 283 7.80 -5.86 24.57
N VAL C 284 7.18 -4.91 23.88
CA VAL C 284 5.72 -4.94 23.68
C VAL C 284 5.40 -5.74 22.43
N TRP C 285 4.26 -6.43 22.41
CA TRP C 285 3.92 -7.27 21.26
C TRP C 285 3.26 -6.48 20.12
N GLY C 286 4.01 -5.53 19.58
CA GLY C 286 3.52 -4.66 18.49
C GLY C 286 3.41 -3.21 18.91
N ILE C 287 3.45 -2.32 17.92
CA ILE C 287 3.28 -0.89 18.18
C ILE C 287 1.79 -0.51 18.24
N SER C 288 1.02 -0.92 17.23
CA SER C 288 -0.35 -0.45 17.08
C SER C 288 -1.41 -1.54 17.29
N ASP C 289 -2.48 -1.17 17.97
CA ASP C 289 -3.69 -1.98 18.11
C ASP C 289 -4.18 -2.49 16.76
N LYS C 290 -3.89 -1.76 15.68
CA LYS C 290 -4.36 -2.10 14.33
C LYS C 290 -4.00 -3.54 13.92
N TYR C 291 -2.82 -4.00 14.34
CA TYR C 291 -2.29 -5.29 13.92
C TYR C 291 -2.07 -6.30 15.07
N SER C 292 -2.74 -6.07 16.20
CA SER C 292 -2.65 -6.96 17.36
C SER C 292 -3.42 -8.25 17.14
N TRP C 293 -2.84 -9.35 17.61
CA TRP C 293 -3.45 -10.69 17.61
C TRP C 293 -4.75 -10.80 18.43
N VAL C 294 -4.93 -9.91 19.40
CA VAL C 294 -6.00 -10.10 20.40
C VAL C 294 -7.43 -10.21 19.84
N PRO C 295 -7.89 -9.18 19.08
CA PRO C 295 -9.31 -9.22 18.65
C PRO C 295 -9.66 -10.41 17.77
N GLY C 296 -8.71 -10.88 16.97
CA GLY C 296 -8.92 -12.05 16.11
C GLY C 296 -8.99 -13.36 16.88
N THR C 297 -8.07 -13.52 17.83
CA THR C 297 -8.00 -14.72 18.66
C THR C 297 -9.14 -14.77 19.67
N PHE C 298 -9.35 -13.66 20.40
CA PHE C 298 -10.44 -13.54 21.35
C PHE C 298 -11.37 -12.37 21.03
N PRO C 299 -12.35 -12.58 20.12
CA PRO C 299 -13.29 -11.51 19.80
C PRO C 299 -13.95 -10.94 21.05
N GLY C 300 -14.09 -9.62 21.12
CA GLY C 300 -14.59 -8.94 22.31
C GLY C 300 -13.49 -8.44 23.25
N GLU C 301 -12.26 -8.88 23.04
CA GLU C 301 -11.09 -8.40 23.79
C GLU C 301 -10.17 -7.61 22.86
N GLY C 302 -9.41 -6.67 23.41
CA GLY C 302 -8.49 -5.88 22.58
C GLY C 302 -7.93 -4.64 23.25
N SER C 303 -7.63 -3.63 22.44
CA SER C 303 -7.04 -2.36 22.87
C SER C 303 -5.85 -2.53 23.80
N ALA C 304 -4.97 -3.48 23.44
CA ALA C 304 -3.92 -3.97 24.34
C ALA C 304 -2.58 -3.25 24.27
N LEU C 305 -2.36 -2.43 23.25
CA LEU C 305 -1.02 -1.86 23.02
C LEU C 305 -0.92 -0.36 23.36
N LEU C 306 0.26 0.23 23.11
CA LEU C 306 0.56 1.61 23.49
C LEU C 306 0.12 2.68 22.48
N TRP C 307 -0.02 2.28 21.21
CA TRP C 307 -0.52 3.17 20.15
C TRP C 307 -1.83 2.61 19.62
N ASN C 308 -2.80 3.49 19.33
CA ASN C 308 -4.09 3.04 18.79
C ASN C 308 -4.07 2.74 17.28
N ASP C 309 -5.25 2.53 16.70
CA ASP C 309 -5.41 2.19 15.27
C ASP C 309 -4.97 3.31 14.34
N ASN C 310 -4.92 4.53 14.84
CA ASN C 310 -4.50 5.70 14.06
C ASN C 310 -3.03 6.03 14.30
N PHE C 311 -2.31 5.10 14.93
CA PHE C 311 -0.90 5.29 15.28
C PHE C 311 -0.69 6.51 16.18
N GLN C 312 -1.65 6.72 17.09
CA GLN C 312 -1.55 7.77 18.09
C GLN C 312 -1.33 7.17 19.47
N LYS C 313 -0.46 7.80 20.26
CA LYS C 313 -0.18 7.35 21.62
C LYS C 313 -1.44 7.34 22.49
N LYS C 314 -1.64 6.21 23.18
CA LYS C 314 -2.72 6.06 24.14
C LYS C 314 -2.22 6.50 25.53
N PRO C 315 -3.14 6.67 26.51
CA PRO C 315 -2.68 7.06 27.87
C PRO C 315 -1.62 6.12 28.47
N SER C 316 -1.71 4.84 28.13
CA SER C 316 -0.73 3.84 28.54
C SER C 316 0.70 4.14 28.08
N TYR C 317 0.85 4.79 26.93
CA TYR C 317 2.19 5.23 26.52
C TYR C 317 2.80 6.18 27.56
N THR C 318 2.04 7.20 27.94
CA THR C 318 2.47 8.20 28.92
C THR C 318 2.80 7.58 30.29
N SER C 319 1.93 6.68 30.76
CA SER C 319 2.16 6.03 32.06
C SER C 319 3.42 5.16 32.03
N THR C 320 3.63 4.44 30.91
CA THR C 320 4.84 3.67 30.70
C THR C 320 6.10 4.55 30.71
N LEU C 321 6.10 5.60 29.90
CA LEU C 321 7.24 6.52 29.82
C LEU C 321 7.54 7.17 31.18
N ASN C 322 6.51 7.69 31.83
CA ASN C 322 6.66 8.33 33.14
C ASN C 322 7.14 7.35 34.21
N THR C 323 6.67 6.10 34.14
CA THR C 323 7.10 5.06 35.09
C THR C 323 8.58 4.71 34.93
N ILE C 324 9.02 4.56 33.68
CA ILE C 324 10.45 4.35 33.39
C ILE C 324 11.30 5.52 33.88
N ASN C 325 10.86 6.74 33.60
CA ASN C 325 11.58 7.95 34.00
C ASN C 325 11.56 8.21 35.52
N ARG C 326 10.81 7.37 36.24
CA ARG C 326 10.70 7.39 37.71
C ARG C 326 9.85 8.55 38.23
N ALA D 1 28.38 7.98 9.96
CA ALA D 1 27.37 8.77 9.18
C ALA D 1 26.03 8.83 9.92
N ALA D 2 25.52 10.05 10.10
CA ALA D 2 24.21 10.28 10.73
C ALA D 2 23.08 9.61 9.95
N SER D 3 22.00 9.25 10.66
CA SER D 3 20.91 8.46 10.06
CA SER D 3 20.91 8.45 10.08
C SER D 3 19.61 9.23 9.87
N GLY D 4 19.59 10.50 10.30
CA GLY D 4 18.43 11.36 10.12
C GLY D 4 18.84 12.70 9.58
N LEU D 5 17.92 13.40 8.92
CA LEU D 5 18.25 14.67 8.25
C LEU D 5 18.73 15.75 9.20
N GLU D 6 18.01 15.99 10.29
CA GLU D 6 18.45 16.95 11.32
C GLU D 6 19.82 16.61 11.91
N ALA D 7 20.00 15.37 12.35
CA ALA D 7 21.29 14.91 12.89
C ALA D 7 22.44 15.10 11.90
N ALA D 8 22.17 14.80 10.62
CA ALA D 8 23.17 15.00 9.57
C ALA D 8 23.52 16.47 9.40
N MET D 9 22.50 17.34 9.40
CA MET D 9 22.73 18.78 9.30
C MET D 9 23.58 19.28 10.47
N LYS D 10 23.26 18.84 11.68
CA LYS D 10 24.02 19.22 12.87
C LYS D 10 25.48 18.74 12.81
N ALA D 11 25.68 17.50 12.39
CA ALA D 11 27.02 16.91 12.27
C ALA D 11 27.88 17.63 11.24
N ALA D 12 27.24 18.15 10.20
CA ALA D 12 27.94 18.85 9.12
C ALA D 12 28.16 20.34 9.43
N GLY D 13 27.71 20.80 10.59
CA GLY D 13 27.92 22.19 11.02
C GLY D 13 26.80 23.15 10.67
N LYS D 14 25.68 22.62 10.18
CA LYS D 14 24.50 23.43 9.87
C LYS D 14 23.57 23.54 11.07
N GLN D 15 22.51 24.35 10.95
CA GLN D 15 21.64 24.61 12.11
C GLN D 15 20.44 23.67 12.24
N TYR D 16 19.83 23.28 11.12
CA TYR D 16 18.60 22.50 11.16
C TYR D 16 18.22 21.88 9.83
N PHE D 17 17.43 20.81 9.91
CA PHE D 17 16.59 20.39 8.80
C PHE D 17 15.15 20.48 9.30
N GLY D 18 14.31 21.17 8.55
CA GLY D 18 12.94 21.44 8.97
C GLY D 18 11.90 20.98 7.98
N THR D 19 10.63 21.10 8.38
CA THR D 19 9.52 20.84 7.48
C THR D 19 8.33 21.76 7.78
N ALA D 20 7.58 22.12 6.75
CA ALA D 20 6.26 22.70 6.94
C ALA D 20 5.37 21.65 7.59
N LEU D 21 4.40 22.11 8.36
CA LEU D 21 3.43 21.20 8.99
C LEU D 21 2.03 21.78 9.09
N THR D 22 1.04 20.95 8.73
CA THR D 22 -0.34 21.17 9.12
C THR D 22 -0.72 20.07 10.11
N VAL D 23 -1.19 20.46 11.28
CA VAL D 23 -1.67 19.50 12.29
C VAL D 23 -3.01 18.94 11.81
N ARG D 24 -3.09 17.61 11.72
CA ARG D 24 -4.31 16.92 11.29
C ARG D 24 -4.44 15.56 12.00
N ASN D 25 -5.60 14.95 11.86
CA ASN D 25 -5.88 13.66 12.52
C ASN D 25 -4.99 12.51 12.01
N ASP D 26 -4.62 12.56 10.73
CA ASP D 26 -3.67 11.62 10.14
C ASP D 26 -2.27 11.87 10.75
N GLN D 27 -1.79 10.90 11.53
CA GLN D 27 -0.55 11.02 12.29
C GLN D 27 0.70 10.66 11.49
N GLY D 28 0.52 10.32 10.21
CA GLY D 28 1.63 9.83 9.38
C GLY D 28 2.84 10.76 9.37
N GLU D 29 2.61 12.06 9.18
CA GLU D 29 3.69 13.04 9.13
C GLU D 29 4.29 13.34 10.50
N ILE D 30 3.44 13.61 11.48
CA ILE D 30 3.91 13.94 12.83
C ILE D 30 4.73 12.81 13.45
N ASP D 31 4.36 11.56 13.17
CA ASP D 31 5.11 10.41 13.70
C ASP D 31 6.55 10.36 13.18
N ILE D 32 6.74 10.81 11.94
CA ILE D 32 8.09 10.94 11.36
C ILE D 32 8.84 12.13 11.98
N ILE D 33 8.12 13.24 12.13
CA ILE D 33 8.63 14.47 12.74
C ILE D 33 9.08 14.29 14.21
N ASN D 34 8.40 13.40 14.94
CA ASN D 34 8.78 13.08 16.34
C ASN D 34 10.21 12.60 16.53
N ASN D 35 10.79 12.03 15.47
CA ASN D 35 12.19 11.59 15.47
C ASN D 35 13.13 12.80 15.55
N LYS D 36 13.71 13.03 16.73
CA LYS D 36 14.57 14.20 16.95
C LYS D 36 15.85 14.16 16.12
N ASN D 37 16.19 13.01 15.57
CA ASN D 37 17.30 12.91 14.62
C ASN D 37 16.89 13.25 13.20
N GLU D 38 15.58 13.31 12.95
CA GLU D 38 15.05 13.56 11.62
C GLU D 38 14.77 15.05 11.36
N ILE D 39 14.03 15.67 12.27
CA ILE D 39 13.53 17.04 12.09
C ILE D 39 13.84 17.86 13.34
N GLY D 40 14.30 19.10 13.15
CA GLY D 40 14.55 19.99 14.29
C GLY D 40 13.97 21.39 14.14
N SER D 41 13.17 21.60 13.09
CA SER D 41 12.49 22.87 12.88
C SER D 41 11.14 22.64 12.18
N ILE D 42 10.17 23.49 12.51
CA ILE D 42 8.81 23.44 11.95
C ILE D 42 8.40 24.80 11.41
N THR D 43 7.81 24.81 10.21
CA THR D 43 7.12 25.98 9.69
C THR D 43 5.62 25.70 9.66
N PRO D 44 4.83 26.46 10.45
CA PRO D 44 3.38 26.28 10.30
C PRO D 44 2.95 26.60 8.87
N GLU D 45 2.30 25.65 8.22
CA GLU D 45 1.98 25.77 6.80
C GLU D 45 1.03 26.94 6.49
N ASN D 46 -0.01 27.08 7.32
CA ASN D 46 -1.05 28.07 7.08
C ASN D 46 -1.46 28.89 8.32
N ALA D 47 -1.18 28.37 9.51
CA ALA D 47 -1.72 28.94 10.77
C ALA D 47 -1.27 30.37 11.12
N MET D 48 -0.18 30.83 10.52
CA MET D 48 0.36 32.15 10.87
C MET D 48 0.27 33.21 9.77
N LYS D 49 -0.39 32.90 8.65
CA LYS D 49 -0.68 33.89 7.63
C LYS D 49 -1.71 34.91 8.15
N TRP D 50 -1.75 36.08 7.53
CA TRP D 50 -2.59 37.19 7.99
C TRP D 50 -4.07 36.79 8.16
N GLU D 51 -4.66 36.17 7.13
CA GLU D 51 -6.04 35.70 7.20
C GLU D 51 -6.31 34.81 8.43
N ALA D 52 -5.43 33.85 8.68
CA ALA D 52 -5.58 32.90 9.79
C ALA D 52 -5.47 33.58 11.15
N ILE D 53 -4.54 34.53 11.26
CA ILE D 53 -4.22 35.21 12.50
C ILE D 53 -5.15 36.39 12.85
N GLN D 54 -5.55 37.16 11.84
CA GLN D 54 -6.43 38.32 12.04
C GLN D 54 -7.49 38.40 10.95
N PRO D 55 -8.44 37.44 10.95
CA PRO D 55 -9.46 37.35 9.90
C PRO D 55 -10.42 38.55 9.86
N ASN D 56 -10.63 39.18 11.02
CA ASN D 56 -11.41 40.40 11.11
C ASN D 56 -10.60 41.45 11.88
N ARG D 57 -10.81 42.73 11.57
CA ARG D 57 -10.01 43.80 12.15
C ARG D 57 -10.04 43.82 13.68
N GLY D 58 -8.86 43.72 14.29
CA GLY D 58 -8.70 43.77 15.74
C GLY D 58 -9.17 42.52 16.47
N GLN D 59 -9.59 41.51 15.71
CA GLN D 59 -10.08 40.26 16.30
C GLN D 59 -9.16 39.12 15.91
N PHE D 60 -8.16 38.88 16.76
CA PHE D 60 -7.13 37.89 16.47
C PHE D 60 -7.61 36.48 16.77
N ASN D 61 -7.10 35.53 15.99
CA ASN D 61 -7.52 34.14 16.05
C ASN D 61 -6.31 33.27 16.37
N TRP D 62 -6.00 33.14 17.65
CA TRP D 62 -4.75 32.53 18.10
C TRP D 62 -4.72 31.00 18.10
N GLY D 63 -5.90 30.37 18.15
CA GLY D 63 -6.00 28.91 18.32
C GLY D 63 -5.06 28.07 17.46
N PRO D 64 -5.20 28.17 16.13
CA PRO D 64 -4.35 27.38 15.20
C PRO D 64 -2.85 27.70 15.29
N ALA D 65 -2.49 28.98 15.37
CA ALA D 65 -1.09 29.37 15.50
C ALA D 65 -0.46 28.87 16.81
N ASP D 66 -1.20 29.00 17.92
CA ASP D 66 -0.81 28.43 19.22
C ASP D 66 -0.55 26.93 19.12
N GLN D 67 -1.49 26.22 18.49
CA GLN D 67 -1.40 24.77 18.29
C GLN D 67 -0.15 24.36 17.49
N HIS D 68 0.11 25.07 16.40
CA HIS D 68 1.28 24.79 15.56
C HIS D 68 2.60 25.21 16.21
N ALA D 69 2.60 26.32 16.95
CA ALA D 69 3.79 26.73 17.69
C ALA D 69 4.14 25.71 18.79
N ALA D 70 3.10 25.21 19.46
CA ALA D 70 3.25 24.20 20.51
C ALA D 70 3.83 22.89 19.97
N ALA D 71 3.49 22.55 18.74
CA ALA D 71 4.05 21.35 18.10
C ALA D 71 5.58 21.43 18.07
N ALA D 72 6.12 22.63 17.87
CA ALA D 72 7.57 22.82 17.88
C ALA D 72 8.12 22.92 19.30
N THR D 73 7.52 23.78 20.13
CA THR D 73 8.05 24.04 21.48
C THR D 73 8.02 22.82 22.40
N SER D 74 6.96 22.00 22.28
CA SER D 74 6.85 20.78 23.08
C SER D 74 7.93 19.75 22.74
N ARG D 75 8.53 19.90 21.56
CA ARG D 75 9.58 19.00 21.08
C ARG D 75 10.98 19.62 21.18
N GLY D 76 11.06 20.88 21.60
CA GLY D 76 12.33 21.60 21.65
C GLY D 76 12.84 21.95 20.27
N TYR D 77 11.91 22.10 19.32
CA TYR D 77 12.27 22.39 17.94
C TYR D 77 12.25 23.88 17.66
N GLU D 78 13.03 24.28 16.67
CA GLU D 78 12.99 25.64 16.13
C GLU D 78 11.69 25.87 15.39
N LEU D 79 11.39 27.13 15.14
CA LEU D 79 10.14 27.51 14.51
C LEU D 79 10.38 28.65 13.53
N ARG D 80 10.04 28.42 12.27
CA ARG D 80 10.06 29.49 11.27
C ARG D 80 8.65 30.03 11.14
N CYS D 81 8.47 31.30 11.46
CA CYS D 81 7.14 31.88 11.47
C CYS D 81 6.85 32.59 10.16
N HIS D 82 5.69 32.27 9.60
CA HIS D 82 5.38 32.52 8.20
C HIS D 82 3.89 32.86 8.10
N THR D 83 3.53 34.06 7.66
CA THR D 83 4.41 35.16 7.25
C THR D 83 3.65 36.47 7.53
N LEU D 84 4.40 37.57 7.67
CA LEU D 84 3.77 38.86 8.01
C LEU D 84 3.16 39.57 6.80
N VAL D 85 3.99 40.27 6.03
CA VAL D 85 3.49 41.08 4.92
C VAL D 85 3.52 40.31 3.61
N TRP D 86 2.35 39.99 3.09
CA TRP D 86 2.22 39.12 1.92
C TRP D 86 0.94 39.49 1.16
N HIS D 87 1.05 39.54 -0.17
CA HIS D 87 -0.07 39.93 -1.02
C HIS D 87 -1.18 38.88 -1.06
N SER D 88 -0.82 37.63 -0.79
CA SER D 88 -1.70 36.50 -1.04
C SER D 88 -2.59 36.19 0.16
N GLN D 89 -3.83 35.81 -0.16
CA GLN D 89 -4.89 35.57 0.83
C GLN D 89 -4.87 36.51 2.04
N LEU D 90 -4.87 37.80 1.73
CA LEU D 90 -5.12 38.83 2.72
C LEU D 90 -6.61 38.81 3.02
N PRO D 91 -6.99 39.06 4.29
CA PRO D 91 -8.43 39.19 4.53
C PRO D 91 -9.00 40.34 3.70
N SER D 92 -10.25 40.22 3.29
CA SER D 92 -10.88 41.26 2.46
C SER D 92 -10.84 42.63 3.14
N TRP D 93 -10.89 42.66 4.48
CA TRP D 93 -10.82 43.94 5.20
C TRP D 93 -9.51 44.69 4.98
N VAL D 94 -8.43 43.96 4.72
CA VAL D 94 -7.15 44.57 4.35
C VAL D 94 -7.09 44.83 2.85
N ALA D 95 -7.29 43.79 2.05
CA ALA D 95 -7.17 43.86 0.59
C ALA D 95 -8.09 44.91 -0.04
N ASN D 96 -9.31 45.01 0.46
CA ASN D 96 -10.32 45.91 -0.10
C ASN D 96 -10.59 47.15 0.75
N GLY D 97 -9.80 47.33 1.80
CA GLY D 97 -9.95 48.48 2.69
C GLY D 97 -9.73 49.80 1.98
N ASN D 98 -10.34 50.85 2.50
CA ASN D 98 -10.10 52.21 1.99
C ASN D 98 -9.00 52.85 2.83
N TRP D 99 -7.77 52.76 2.34
CA TRP D 99 -6.61 53.18 3.12
C TRP D 99 -5.95 54.44 2.58
N ASN D 100 -5.28 55.15 3.48
CA ASN D 100 -4.23 56.07 3.08
C ASN D 100 -2.92 55.57 3.68
N ASN D 101 -1.82 56.19 3.31
CA ASN D 101 -0.49 55.80 3.80
C ASN D 101 -0.45 55.56 5.31
N GLN D 102 -0.93 56.52 6.09
CA GLN D 102 -0.86 56.45 7.55
C GLN D 102 -1.77 55.39 8.16
N THR D 103 -2.97 55.23 7.60
CA THR D 103 -3.93 54.26 8.12
C THR D 103 -3.51 52.80 7.86
N LEU D 104 -2.97 52.51 6.67
CA LEU D 104 -2.45 51.17 6.40
C LEU D 104 -1.22 50.83 7.24
N GLN D 105 -0.37 51.83 7.49
CA GLN D 105 0.82 51.62 8.34
C GLN D 105 0.43 51.24 9.77
N ALA D 106 -0.57 51.92 10.32
CA ALA D 106 -1.11 51.58 11.63
C ALA D 106 -1.62 50.14 11.67
N VAL D 107 -2.30 49.72 10.60
CA VAL D 107 -2.77 48.33 10.45
C VAL D 107 -1.60 47.34 10.44
N MET D 108 -0.55 47.65 9.68
CA MET D 108 0.67 46.85 9.64
C MET D 108 1.31 46.74 11.02
N ARG D 109 1.48 47.90 11.67
CA ARG D 109 2.06 47.98 13.01
C ARG D 109 1.29 47.15 14.03
N ASP D 110 -0.03 47.28 14.04
CA ASP D 110 -0.88 46.55 14.99
C ASP D 110 -0.79 45.03 14.77
N HIS D 111 -0.79 44.60 13.52
CA HIS D 111 -0.70 43.17 13.18
C HIS D 111 0.66 42.60 13.58
N ILE D 112 1.73 43.27 13.13
CA ILE D 112 3.10 42.89 13.45
C ILE D 112 3.36 42.88 14.96
N ASN D 113 2.98 43.96 15.65
CA ASN D 113 3.13 44.00 17.12
C ASN D 113 2.45 42.82 17.84
N ALA D 114 1.22 42.51 17.45
CA ALA D 114 0.44 41.47 18.12
C ALA D 114 1.00 40.06 17.86
N VAL D 115 1.19 39.71 16.58
CA VAL D 115 1.62 38.35 16.25
C VAL D 115 3.08 38.08 16.62
N MET D 116 3.99 39.00 16.29
CA MET D 116 5.38 38.84 16.69
C MET D 116 5.50 38.87 18.21
N GLY D 117 4.71 39.74 18.86
CA GLY D 117 4.71 39.87 20.31
C GLY D 117 4.33 38.59 21.04
N ARG D 118 3.28 37.93 20.56
CA ARG D 118 2.79 36.70 21.19
C ARG D 118 3.81 35.57 21.15
N TYR D 119 4.48 35.41 20.01
CA TYR D 119 5.40 34.28 19.81
C TYR D 119 6.88 34.61 20.02
N ARG D 120 7.17 35.78 20.58
CA ARG D 120 8.54 36.19 20.90
C ARG D 120 9.24 35.16 21.80
N GLY D 121 10.43 34.73 21.39
CA GLY D 121 11.18 33.68 22.09
C GLY D 121 10.88 32.29 21.55
N LYS D 122 9.88 32.18 20.69
CA LYS D 122 9.51 30.92 20.06
C LYS D 122 9.83 30.91 18.57
N CYS D 123 9.57 32.04 17.89
CA CYS D 123 9.89 32.19 16.47
C CYS D 123 11.38 32.38 16.27
N THR D 124 12.04 31.35 15.77
CA THR D 124 13.46 31.39 15.46
C THR D 124 13.69 32.34 14.28
N HIS D 125 12.87 32.19 13.24
CA HIS D 125 12.87 33.07 12.07
C HIS D 125 11.48 33.65 11.85
N TRP D 126 11.42 34.83 11.24
CA TRP D 126 10.18 35.37 10.72
C TRP D 126 10.35 35.73 9.25
N ASP D 127 9.45 35.23 8.40
CA ASP D 127 9.32 35.73 7.03
C ASP D 127 8.54 37.06 7.11
N VAL D 128 9.28 38.16 7.19
CA VAL D 128 8.71 39.49 7.42
C VAL D 128 7.94 39.99 6.20
N VAL D 129 8.58 39.88 5.03
CA VAL D 129 7.91 40.16 3.77
C VAL D 129 8.09 38.93 2.88
N ASN D 130 6.99 38.53 2.24
CA ASN D 130 6.96 37.34 1.40
C ASN D 130 6.56 37.72 -0.03
N GLU D 131 7.34 37.26 -1.01
CA GLU D 131 6.96 37.32 -2.43
C GLU D 131 6.64 38.73 -2.96
N ALA D 132 7.50 39.68 -2.65
CA ALA D 132 7.31 41.08 -3.03
C ALA D 132 7.67 41.38 -4.49
N LEU D 133 8.17 40.38 -5.21
CA LEU D 133 8.73 40.59 -6.56
C LEU D 133 7.98 39.89 -7.68
N ASN D 134 7.89 40.57 -8.83
CA ASN D 134 7.45 39.97 -10.08
C ASN D 134 8.58 39.10 -10.66
N GLU D 135 8.27 38.29 -11.67
CA GLU D 135 9.28 37.42 -12.26
C GLU D 135 10.44 38.20 -12.92
N ASP D 136 10.16 39.42 -13.37
CA ASP D 136 11.18 40.28 -13.97
C ASP D 136 11.95 41.16 -12.97
N GLY D 137 11.71 40.95 -11.67
CA GLY D 137 12.42 41.68 -10.63
C GLY D 137 11.80 43.00 -10.21
N THR D 138 10.75 43.43 -10.91
CA THR D 138 9.97 44.61 -10.50
C THR D 138 9.14 44.26 -9.26
N TYR D 139 8.67 45.28 -8.55
CA TYR D 139 7.82 45.07 -7.39
C TYR D 139 6.42 44.59 -7.80
N ARG D 140 5.99 43.52 -7.15
CA ARG D 140 4.66 42.97 -7.35
C ARG D 140 3.60 43.94 -6.81
N ASP D 141 2.58 44.17 -7.62
CA ASP D 141 1.47 45.03 -7.23
C ASP D 141 0.70 44.39 -6.07
N SER D 142 0.44 45.20 -5.05
CA SER D 142 -0.38 44.81 -3.90
C SER D 142 -0.86 46.08 -3.22
N VAL D 143 -1.82 45.93 -2.29
CA VAL D 143 -2.30 47.07 -1.50
C VAL D 143 -1.15 47.80 -0.78
N PHE D 144 -0.15 47.05 -0.32
CA PHE D 144 1.01 47.63 0.36
C PHE D 144 1.84 48.52 -0.56
N LEU D 145 2.11 48.07 -1.78
CA LEU D 145 2.86 48.86 -2.75
C LEU D 145 2.05 50.08 -3.23
N ARG D 146 0.77 49.86 -3.48
CA ARG D 146 -0.08 50.94 -4.00
C ARG D 146 -0.20 52.09 -3.02
N VAL D 147 -0.37 51.76 -1.74
CA VAL D 147 -0.71 52.75 -0.73
C VAL D 147 0.51 53.38 -0.06
N ILE D 148 1.54 52.56 0.17
CA ILE D 148 2.73 53.01 0.88
C ILE D 148 3.94 53.23 -0.05
N GLY D 149 3.94 52.58 -1.20
CA GLY D 149 5.07 52.65 -2.13
C GLY D 149 6.16 51.66 -1.78
N GLU D 150 7.29 51.74 -2.49
CA GLU D 150 8.46 50.89 -2.25
C GLU D 150 8.85 50.85 -0.77
N ALA D 151 8.59 51.95 -0.07
CA ALA D 151 8.93 52.10 1.35
C ALA D 151 8.29 51.08 2.30
N TYR D 152 7.23 50.41 1.86
CA TYR D 152 6.54 49.45 2.73
C TYR D 152 7.45 48.31 3.20
N ILE D 153 8.40 47.93 2.36
CA ILE D 153 9.35 46.86 2.66
C ILE D 153 10.27 47.21 3.83
N PRO D 154 11.07 48.30 3.72
CA PRO D 154 11.86 48.70 4.89
C PRO D 154 11.00 49.06 6.12
N ILE D 155 9.85 49.69 5.90
CA ILE D 155 8.93 50.02 7.00
C ILE D 155 8.50 48.75 7.73
N ALA D 156 8.10 47.72 6.98
CA ALA D 156 7.75 46.41 7.55
C ALA D 156 8.89 45.84 8.38
N PHE D 157 10.12 45.94 7.85
CA PHE D 157 11.31 45.48 8.57
C PHE D 157 11.61 46.31 9.82
N ARG D 158 11.35 47.62 9.77
CA ARG D 158 11.50 48.48 10.96
C ARG D 158 10.51 48.08 12.06
N MET D 159 9.26 47.85 11.66
CA MET D 159 8.22 47.42 12.60
C MET D 159 8.53 46.06 13.23
N ALA D 160 9.02 45.13 12.40
CA ALA D 160 9.38 43.80 12.85
C ALA D 160 10.53 43.83 13.85
N LEU D 161 11.55 44.64 13.56
CA LEU D 161 12.69 44.82 14.45
C LEU D 161 12.27 45.33 15.83
N ALA D 162 11.34 46.29 15.86
CA ALA D 162 10.84 46.86 17.11
C ALA D 162 10.02 45.84 17.90
N ALA D 163 9.21 45.05 17.21
CA ALA D 163 8.33 44.08 17.86
C ALA D 163 9.06 42.89 18.48
N ASP D 164 10.09 42.39 17.79
CA ASP D 164 10.89 41.27 18.28
C ASP D 164 12.29 41.28 17.68
N PRO D 165 13.25 41.96 18.35
CA PRO D 165 14.62 42.03 17.86
C PRO D 165 15.42 40.73 18.04
N THR D 166 14.83 39.76 18.75
CA THR D 166 15.53 38.50 19.07
C THR D 166 15.42 37.43 18.00
N THR D 167 14.52 37.63 17.04
CA THR D 167 14.32 36.68 15.94
C THR D 167 15.22 37.01 14.75
N LYS D 168 15.28 36.12 13.78
CA LYS D 168 15.95 36.40 12.51
C LYS D 168 14.93 36.93 11.51
N LEU D 169 15.18 38.13 11.00
CA LEU D 169 14.26 38.82 10.09
C LEU D 169 14.58 38.49 8.62
N TYR D 170 13.71 37.69 8.00
CA TYR D 170 13.95 37.19 6.65
C TYR D 170 13.08 37.85 5.59
N TYR D 171 13.65 38.06 4.41
CA TYR D 171 12.85 38.25 3.19
C TYR D 171 12.75 36.89 2.49
N ASN D 172 11.55 36.50 2.07
CA ASN D 172 11.32 35.17 1.52
C ASN D 172 10.67 35.26 0.15
N ASP D 173 11.16 34.45 -0.81
CA ASP D 173 10.62 34.48 -2.17
C ASP D 173 11.00 33.23 -2.97
N TYR D 174 10.24 32.98 -4.04
CA TYR D 174 10.49 31.86 -4.94
C TYR D 174 11.18 32.32 -6.22
N ASN D 175 11.68 31.35 -6.98
CA ASN D 175 12.39 31.60 -8.25
C ASN D 175 13.55 32.60 -8.15
N LEU D 176 14.24 32.60 -7.01
CA LEU D 176 15.48 33.37 -6.88
C LEU D 176 16.71 32.54 -7.24
N GLU D 177 16.51 31.24 -7.44
CA GLU D 177 17.61 30.27 -7.57
C GLU D 177 18.34 30.32 -8.91
N TYR D 178 17.76 31.02 -9.88
CA TYR D 178 18.24 30.96 -11.26
C TYR D 178 19.25 32.06 -11.64
N GLY D 179 19.53 32.97 -10.71
CA GLY D 179 20.52 34.03 -10.95
C GLY D 179 20.13 34.94 -12.10
N ASN D 180 18.94 35.53 -12.00
CA ASN D 180 18.41 36.38 -13.05
C ASN D 180 17.96 37.71 -12.48
N ALA D 181 17.06 38.40 -13.18
CA ALA D 181 16.54 39.69 -12.72
C ALA D 181 15.79 39.59 -11.37
N LYS D 182 15.15 38.46 -11.11
CA LYS D 182 14.42 38.30 -9.85
C LYS D 182 15.40 38.19 -8.69
N THR D 183 16.48 37.43 -8.89
CA THR D 183 17.56 37.32 -7.90
C THR D 183 18.10 38.71 -7.57
N GLU D 184 18.31 39.52 -8.60
CA GLU D 184 18.79 40.89 -8.46
C GLU D 184 17.79 41.78 -7.73
N GLY D 185 16.50 41.53 -7.96
CA GLY D 185 15.42 42.21 -7.21
C GLY D 185 15.49 41.93 -5.72
N ALA D 186 15.84 40.70 -5.35
CA ALA D 186 16.01 40.34 -3.94
C ALA D 186 17.20 41.09 -3.34
N LYS D 187 18.27 41.25 -4.13
CA LYS D 187 19.42 42.05 -3.71
C LYS D 187 19.02 43.52 -3.53
N ARG D 188 18.25 44.05 -4.48
CA ARG D 188 17.71 45.41 -4.39
C ARG D 188 16.94 45.60 -3.08
N ILE D 189 16.10 44.63 -2.74
CA ILE D 189 15.34 44.66 -1.49
C ILE D 189 16.26 44.68 -0.27
N ALA D 190 17.29 43.82 -0.26
CA ALA D 190 18.21 43.75 0.88
C ALA D 190 19.04 45.04 1.00
N ARG D 191 19.49 45.55 -0.13
CA ARG D 191 20.23 46.81 -0.19
C ARG D 191 19.37 47.96 0.31
N LEU D 192 18.09 47.96 -0.08
CA LEU D 192 17.14 49.00 0.34
C LEU D 192 16.95 49.04 1.87
N VAL D 193 16.75 47.88 2.47
CA VAL D 193 16.59 47.79 3.94
C VAL D 193 17.85 48.27 4.67
N LYS D 194 19.01 47.87 4.18
CA LYS D 194 20.28 48.29 4.76
C LYS D 194 20.54 49.80 4.60
N SER D 195 20.06 50.38 3.50
CA SER D 195 20.25 51.82 3.25
C SER D 195 19.47 52.68 4.26
N TYR D 196 18.41 52.10 4.83
CA TYR D 196 17.62 52.72 5.90
C TYR D 196 18.27 52.55 7.27
N GLY D 197 19.39 51.86 7.33
CA GLY D 197 20.05 51.55 8.60
C GLY D 197 19.33 50.46 9.41
N LEU D 198 18.48 49.70 8.73
CA LEU D 198 17.68 48.66 9.38
C LEU D 198 18.35 47.30 9.25
N ARG D 199 17.77 46.30 9.91
CA ARG D 199 18.35 44.97 9.96
C ARG D 199 17.57 44.00 9.08
N ILE D 200 18.27 43.36 8.14
CA ILE D 200 17.75 42.18 7.45
C ILE D 200 18.74 41.04 7.68
N ASP D 201 18.28 40.01 8.40
CA ASP D 201 19.13 38.91 8.85
C ASP D 201 19.28 37.79 7.82
N GLY D 202 18.29 37.63 6.95
CA GLY D 202 18.31 36.53 5.99
C GLY D 202 17.49 36.70 4.74
N ILE D 203 17.86 35.95 3.72
CA ILE D 203 17.05 35.80 2.53
C ILE D 203 16.64 34.33 2.42
N GLY D 204 15.33 34.11 2.37
CA GLY D 204 14.78 32.77 2.21
C GLY D 204 14.53 32.48 0.75
N LEU D 205 15.18 31.44 0.24
CA LEU D 205 14.89 30.95 -1.10
C LEU D 205 13.91 29.79 -0.98
N GLN D 206 12.70 29.98 -1.46
CA GLN D 206 11.66 28.96 -1.28
C GLN D 206 12.05 27.60 -1.84
N ALA D 207 12.73 27.60 -2.98
CA ALA D 207 13.18 26.36 -3.62
C ALA D 207 12.03 25.44 -4.02
N HIS D 208 10.99 26.02 -4.61
CA HIS D 208 9.97 25.23 -5.30
C HIS D 208 10.49 24.98 -6.71
N MET D 209 11.19 23.86 -6.86
CA MET D 209 11.93 23.52 -8.07
C MET D 209 11.24 22.42 -8.88
N THR D 210 11.81 22.09 -10.03
CA THR D 210 11.39 20.90 -10.78
C THR D 210 12.61 20.02 -11.08
N SER D 211 12.36 18.75 -11.38
CA SER D 211 13.41 17.82 -11.77
C SER D 211 13.39 17.56 -13.27
N GLU D 212 12.36 18.10 -13.93
CA GLU D 212 12.18 18.03 -15.38
C GLU D 212 11.29 19.21 -15.77
N SER D 213 11.30 19.59 -17.05
CA SER D 213 10.44 20.65 -17.54
CA SER D 213 10.44 20.65 -17.54
C SER D 213 8.97 20.32 -17.28
N THR D 214 8.25 21.25 -16.66
CA THR D 214 6.81 21.15 -16.46
C THR D 214 6.18 22.39 -17.09
N PRO D 215 4.85 22.40 -17.27
CA PRO D 215 4.24 23.60 -17.85
C PRO D 215 4.46 24.89 -17.04
N THR D 216 4.66 24.78 -15.73
CA THR D 216 4.84 25.96 -14.89
C THR D 216 6.30 26.37 -14.65
N GLN D 217 7.21 25.43 -14.83
CA GLN D 217 8.64 25.70 -14.71
C GLN D 217 9.43 24.85 -15.72
N ASN D 218 9.87 25.50 -16.80
CA ASN D 218 10.56 24.83 -17.90
C ASN D 218 12.01 24.46 -17.56
N THR D 219 12.62 25.20 -16.63
CA THR D 219 14.01 24.99 -16.27
C THR D 219 14.11 24.09 -15.04
N PRO D 220 14.71 22.88 -15.22
CA PRO D 220 14.85 21.97 -14.08
C PRO D 220 15.96 22.46 -13.16
N THR D 221 16.00 21.91 -11.94
CA THR D 221 17.01 22.27 -10.94
C THR D 221 18.39 22.40 -11.59
N PRO D 222 19.01 23.59 -11.48
CA PRO D 222 20.34 23.85 -12.04
C PRO D 222 21.45 23.00 -11.43
N SER D 223 22.65 23.10 -11.99
CA SER D 223 23.82 22.40 -11.46
C SER D 223 24.09 22.86 -10.04
N ARG D 224 24.71 21.99 -9.25
CA ARG D 224 25.11 22.32 -7.89
C ARG D 224 25.97 23.59 -7.83
N ALA D 225 26.90 23.73 -8.77
CA ALA D 225 27.83 24.88 -8.78
C ALA D 225 27.11 26.20 -9.04
N LYS D 226 26.18 26.21 -9.99
CA LYS D 226 25.41 27.42 -10.29
C LYS D 226 24.53 27.82 -9.11
N LEU D 227 23.87 26.84 -8.49
CA LEU D 227 23.06 27.10 -7.30
C LEU D 227 23.87 27.65 -6.14
N ALA D 228 25.06 27.06 -5.92
CA ALA D 228 25.96 27.53 -4.85
C ALA D 228 26.42 28.96 -5.11
N SER D 229 26.69 29.29 -6.38
CA SER D 229 27.08 30.64 -6.79
C SER D 229 25.96 31.65 -6.53
N VAL D 230 24.72 31.26 -6.84
CA VAL D 230 23.56 32.13 -6.60
C VAL D 230 23.37 32.36 -5.11
N LEU D 231 23.39 31.26 -4.35
CA LEU D 231 23.26 31.28 -2.89
C LEU D 231 24.32 32.17 -2.24
N GLN D 232 25.58 31.99 -2.65
CA GLN D 232 26.68 32.77 -2.10
C GLN D 232 26.59 34.25 -2.53
N GLY D 233 26.14 34.48 -3.76
CA GLY D 233 25.89 35.85 -4.25
C GLY D 233 24.92 36.61 -3.36
N LEU D 234 23.89 35.91 -2.87
CA LEU D 234 22.95 36.48 -1.94
C LEU D 234 23.54 36.66 -0.54
N ALA D 235 24.29 35.66 -0.06
CA ALA D 235 24.97 35.78 1.25
C ALA D 235 25.97 36.94 1.27
N ASP D 236 26.51 37.26 0.10
CA ASP D 236 27.46 38.37 -0.07
C ASP D 236 26.92 39.71 0.42
N LEU D 237 25.60 39.85 0.42
CA LEU D 237 24.92 41.07 0.92
C LEU D 237 25.17 41.29 2.42
N GLY D 238 25.65 40.26 3.11
CA GLY D 238 25.80 40.30 4.56
C GLY D 238 24.57 39.75 5.26
N VAL D 239 24.05 38.64 4.74
CA VAL D 239 22.89 37.97 5.30
C VAL D 239 23.10 36.46 5.34
N ASP D 240 22.36 35.78 6.22
CA ASP D 240 22.21 34.33 6.14
C ASP D 240 21.27 34.00 4.98
N VAL D 241 21.39 32.78 4.46
CA VAL D 241 20.45 32.29 3.46
C VAL D 241 19.94 30.93 3.93
N ALA D 242 18.81 30.51 3.36
CA ALA D 242 18.20 29.24 3.73
C ALA D 242 17.23 28.84 2.63
N TYR D 243 17.12 27.54 2.40
CA TYR D 243 16.06 27.02 1.55
C TYR D 243 14.88 26.76 2.47
N THR D 244 13.76 27.42 2.18
CA THR D 244 12.67 27.55 3.15
C THR D 244 11.43 26.72 2.85
N GLU D 245 11.21 26.36 1.59
CA GLU D 245 10.00 25.63 1.21
C GLU D 245 10.32 24.57 0.15
N LEU D 246 11.44 23.86 0.33
CA LEU D 246 11.97 22.96 -0.69
C LEU D 246 11.03 21.81 -1.07
N ASP D 247 10.70 21.76 -2.35
CA ASP D 247 10.12 20.59 -2.97
C ASP D 247 10.50 20.61 -4.44
N ILE D 248 10.54 19.44 -5.06
CA ILE D 248 11.01 19.31 -6.42
C ILE D 248 10.02 18.46 -7.20
N ARG D 249 9.15 19.13 -7.93
CA ARG D 249 8.03 18.48 -8.60
C ARG D 249 8.39 17.99 -10.00
N MET D 250 7.57 17.08 -10.51
CA MET D 250 7.73 16.48 -11.83
C MET D 250 6.35 16.31 -12.46
N ASN D 251 6.31 15.90 -13.72
CA ASN D 251 5.04 15.53 -14.35
C ASN D 251 4.66 14.13 -13.94
N THR D 252 3.50 13.99 -13.30
CA THR D 252 3.05 12.70 -12.76
C THR D 252 2.43 11.83 -13.86
N PRO D 253 2.44 10.49 -13.69
CA PRO D 253 2.94 9.70 -12.55
C PRO D 253 4.47 9.55 -12.53
N ALA D 254 5.01 9.38 -11.32
CA ALA D 254 6.43 9.08 -11.14
C ALA D 254 6.72 7.69 -11.70
N THR D 255 7.94 7.50 -12.20
CA THR D 255 8.43 6.19 -12.63
C THR D 255 9.76 5.98 -11.92
N GLN D 256 10.31 4.76 -11.98
CA GLN D 256 11.66 4.51 -11.45
C GLN D 256 12.63 5.59 -11.90
N GLN D 257 12.66 5.86 -13.20
CA GLN D 257 13.61 6.80 -13.79
C GLN D 257 13.42 8.22 -13.30
N LYS D 258 12.16 8.66 -13.28
CA LYS D 258 11.83 10.01 -12.82
C LYS D 258 12.19 10.19 -11.35
N LEU D 259 11.97 9.15 -10.54
CA LEU D 259 12.33 9.19 -9.14
C LEU D 259 13.85 9.32 -8.95
N GLN D 260 14.61 8.66 -9.81
CA GLN D 260 16.08 8.75 -9.75
C GLN D 260 16.57 10.13 -10.20
N THR D 261 16.04 10.63 -11.31
CA THR D 261 16.33 11.98 -11.80
C THR D 261 15.98 13.02 -10.74
N ASN D 262 14.85 12.79 -10.05
CA ASN D 262 14.43 13.65 -8.94
C ASN D 262 15.39 13.60 -7.75
N ALA D 263 15.89 12.41 -7.42
CA ALA D 263 16.90 12.25 -6.37
C ALA D 263 18.19 13.02 -6.67
N ASP D 264 18.62 12.96 -7.93
CA ASP D 264 19.79 13.71 -8.41
C ASP D 264 19.58 15.22 -8.27
N ALA D 265 18.37 15.69 -8.59
CA ALA D 265 18.00 17.10 -8.41
C ALA D 265 18.08 17.53 -6.95
N TYR D 266 17.57 16.71 -6.03
CA TYR D 266 17.70 16.97 -4.59
C TYR D 266 19.18 17.06 -4.17
N ALA D 267 19.99 16.14 -4.66
CA ALA D 267 21.43 16.15 -4.35
C ALA D 267 22.07 17.47 -4.75
N ARG D 268 21.71 17.97 -5.94
CA ARG D 268 22.29 19.22 -6.46
C ARG D 268 21.98 20.41 -5.57
N ILE D 269 20.69 20.63 -5.28
CA ILE D 269 20.29 21.78 -4.47
C ILE D 269 20.69 21.64 -2.98
N VAL D 270 20.52 20.46 -2.40
CA VAL D 270 20.97 20.21 -1.02
C VAL D 270 22.49 20.43 -0.93
N GLY D 271 23.20 19.91 -1.95
CA GLY D 271 24.64 20.13 -2.08
C GLY D 271 25.04 21.59 -2.06
N SER D 272 24.28 22.43 -2.77
CA SER D 272 24.59 23.85 -2.86
C SER D 272 24.57 24.54 -1.49
N CYS D 273 23.66 24.11 -0.60
CA CYS D 273 23.63 24.60 0.77
C CYS D 273 24.88 24.19 1.54
N MET D 274 25.31 22.94 1.35
CA MET D 274 26.54 22.44 1.98
C MET D 274 27.77 23.26 1.55
N ASP D 275 27.72 23.78 0.33
CA ASP D 275 28.81 24.56 -0.26
C ASP D 275 28.91 26.01 0.20
N VAL D 276 27.87 26.49 0.88
CA VAL D 276 27.79 27.90 1.28
C VAL D 276 27.72 28.01 2.80
N LYS D 277 28.74 28.65 3.38
CA LYS D 277 28.89 28.77 4.83
C LYS D 277 27.66 29.37 5.51
N ARG D 278 27.09 30.40 4.89
CA ARG D 278 25.98 31.16 5.47
C ARG D 278 24.59 30.57 5.17
N CYS D 279 24.55 29.41 4.49
CA CYS D 279 23.31 28.66 4.35
C CYS D 279 23.10 27.89 5.65
N VAL D 280 22.18 28.37 6.47
CA VAL D 280 22.01 27.87 7.83
C VAL D 280 21.20 26.57 7.91
N GLY D 281 20.35 26.34 6.93
CA GLY D 281 19.48 25.16 6.97
C GLY D 281 18.51 25.01 5.83
N ILE D 282 17.78 23.91 5.87
CA ILE D 282 16.84 23.54 4.82
C ILE D 282 15.52 23.15 5.45
N THR D 283 14.43 23.67 4.91
CA THR D 283 13.07 23.27 5.26
C THR D 283 12.39 22.73 4.02
N VAL D 284 11.93 21.47 4.09
CA VAL D 284 11.10 20.92 3.01
C VAL D 284 9.65 21.32 3.24
N TRP D 285 8.88 21.48 2.17
CA TRP D 285 7.50 21.96 2.32
C TRP D 285 6.54 20.79 2.56
N GLY D 286 6.70 20.13 3.70
CA GLY D 286 5.90 18.95 4.04
C GLY D 286 6.72 17.67 4.04
N ILE D 287 6.26 16.69 4.81
CA ILE D 287 6.88 15.38 4.87
C ILE D 287 6.44 14.50 3.69
N SER D 288 5.12 14.40 3.48
CA SER D 288 4.56 13.44 2.53
C SER D 288 3.86 14.05 1.31
N ASP D 289 4.08 13.45 0.15
CA ASP D 289 3.33 13.76 -1.08
C ASP D 289 1.80 13.78 -0.87
N LYS D 290 1.32 12.98 0.09
CA LYS D 290 -0.11 12.87 0.40
C LYS D 290 -0.79 14.23 0.62
N TYR D 291 -0.08 15.17 1.24
CA TYR D 291 -0.66 16.47 1.60
C TYR D 291 0.03 17.69 0.98
N SER D 292 0.76 17.45 -0.11
CA SER D 292 1.46 18.51 -0.85
C SER D 292 0.49 19.38 -1.64
N TRP D 293 0.76 20.69 -1.65
CA TRP D 293 0.00 21.68 -2.43
C TRP D 293 0.05 21.45 -3.95
N VAL D 294 1.07 20.75 -4.42
CA VAL D 294 1.37 20.72 -5.87
C VAL D 294 0.23 20.20 -6.77
N PRO D 295 -0.25 18.95 -6.55
CA PRO D 295 -1.26 18.38 -7.46
C PRO D 295 -2.55 19.20 -7.58
N GLY D 296 -2.98 19.82 -6.49
CA GLY D 296 -4.21 20.63 -6.50
C GLY D 296 -4.06 21.97 -7.22
N THR D 297 -2.94 22.65 -6.93
CA THR D 297 -2.63 23.94 -7.57
C THR D 297 -2.32 23.76 -9.06
N PHE D 298 -1.46 22.79 -9.37
CA PHE D 298 -1.06 22.50 -10.74
C PHE D 298 -1.32 21.04 -11.13
N PRO D 299 -2.57 20.69 -11.46
CA PRO D 299 -2.87 19.30 -11.85
C PRO D 299 -1.93 18.77 -12.92
N GLY D 300 -1.48 17.52 -12.77
CA GLY D 300 -0.50 16.91 -13.68
C GLY D 300 0.93 17.03 -13.22
N GLU D 301 1.15 17.86 -12.20
CA GLU D 301 2.46 17.97 -11.54
C GLU D 301 2.38 17.41 -10.13
N GLY D 302 3.50 16.94 -9.60
CA GLY D 302 3.50 16.35 -8.24
C GLY D 302 4.73 15.54 -7.88
N SER D 303 4.52 14.57 -6.99
CA SER D 303 5.58 13.71 -6.45
C SER D 303 6.82 14.51 -6.00
N ALA D 304 6.61 15.64 -5.32
CA ALA D 304 7.67 16.61 -5.06
C ALA D 304 8.46 16.48 -3.75
N LEU D 305 7.99 15.63 -2.84
CA LEU D 305 8.58 15.56 -1.50
C LEU D 305 9.43 14.31 -1.25
N LEU D 306 9.97 14.17 -0.04
CA LEU D 306 10.91 13.09 0.28
C LEU D 306 10.27 11.77 0.72
N TRP D 307 9.03 11.84 1.21
CA TRP D 307 8.25 10.64 1.52
C TRP D 307 7.01 10.57 0.62
N ASN D 308 6.66 9.38 0.18
CA ASN D 308 5.53 9.22 -0.73
C ASN D 308 4.19 9.22 0.01
N ASP D 309 3.11 8.92 -0.71
CA ASP D 309 1.74 8.90 -0.16
C ASP D 309 1.53 7.89 0.96
N ASN D 310 2.39 6.87 0.99
CA ASN D 310 2.33 5.82 2.01
C ASN D 310 3.29 6.06 3.17
N PHE D 311 3.84 7.27 3.24
CA PHE D 311 4.83 7.65 4.27
C PHE D 311 6.11 6.79 4.22
N GLN D 312 6.49 6.37 3.01
CA GLN D 312 7.73 5.64 2.79
C GLN D 312 8.77 6.54 2.12
N LYS D 313 10.02 6.44 2.55
CA LYS D 313 11.13 7.21 1.95
C LYS D 313 11.29 6.92 0.46
N LYS D 314 11.38 8.00 -0.30
CA LYS D 314 11.64 7.92 -1.74
C LYS D 314 13.16 7.99 -1.96
N PRO D 315 13.64 7.62 -3.16
CA PRO D 315 15.09 7.68 -3.42
C PRO D 315 15.71 9.04 -3.08
N SER D 316 14.92 10.11 -3.24
CA SER D 316 15.35 11.47 -2.92
C SER D 316 15.71 11.67 -1.45
N TYR D 317 15.08 10.91 -0.56
CA TYR D 317 15.47 10.95 0.86
C TYR D 317 16.94 10.53 1.00
N THR D 318 17.29 9.41 0.38
CA THR D 318 18.63 8.84 0.47
C THR D 318 19.69 9.77 -0.15
N SER D 319 19.38 10.33 -1.32
CA SER D 319 20.32 11.24 -1.98
C SER D 319 20.54 12.51 -1.16
N THR D 320 19.47 13.03 -0.56
CA THR D 320 19.55 14.15 0.37
C THR D 320 20.44 13.84 1.59
N LEU D 321 20.16 12.72 2.27
CA LEU D 321 20.93 12.34 3.46
C LEU D 321 22.40 12.14 3.14
N ASN D 322 22.68 11.41 2.06
CA ASN D 322 24.06 11.13 1.65
C ASN D 322 24.82 12.39 1.24
N THR D 323 24.12 13.32 0.59
CA THR D 323 24.72 14.62 0.22
C THR D 323 25.10 15.42 1.47
N ILE D 324 24.21 15.48 2.45
CA ILE D 324 24.52 16.18 3.71
C ILE D 324 25.73 15.55 4.41
N ASN D 325 25.80 14.21 4.41
CA ASN D 325 26.85 13.47 5.11
C ASN D 325 28.23 13.42 4.42
N ARG D 326 28.27 13.82 3.14
CA ARG D 326 29.48 13.72 2.32
C ARG D 326 30.65 14.55 2.86
N ARG D 327 31.83 13.93 2.94
CA ARG D 327 33.03 14.61 3.44
C ARG D 327 34.12 14.72 2.36
N ALA E 1 18.60 -36.86 -47.05
CA ALA E 1 18.69 -35.72 -46.08
C ALA E 1 19.11 -36.22 -44.69
N ALA E 2 19.57 -35.29 -43.86
CA ALA E 2 19.96 -35.60 -42.48
C ALA E 2 18.81 -36.20 -41.68
N SER E 3 19.14 -37.11 -40.76
CA SER E 3 18.15 -37.85 -39.98
C SER E 3 18.08 -37.40 -38.51
N GLY E 4 18.93 -36.45 -38.14
CA GLY E 4 18.96 -35.89 -36.80
C GLY E 4 19.00 -34.37 -36.84
N LEU E 5 18.56 -33.74 -35.75
CA LEU E 5 18.38 -32.28 -35.72
C LEU E 5 19.69 -31.50 -35.83
N GLU E 6 20.69 -31.89 -35.03
CA GLU E 6 22.02 -31.27 -35.09
C GLU E 6 22.64 -31.39 -36.47
N ALA E 7 22.63 -32.61 -37.02
CA ALA E 7 23.14 -32.89 -38.37
C ALA E 7 22.42 -32.05 -39.42
N ALA E 8 21.10 -31.94 -39.29
CA ALA E 8 20.28 -31.13 -40.19
C ALA E 8 20.66 -29.66 -40.16
N MET E 9 20.87 -29.12 -38.95
CA MET E 9 21.24 -27.71 -38.80
C MET E 9 22.60 -27.44 -39.45
N LYS E 10 23.58 -28.30 -39.15
CA LYS E 10 24.91 -28.20 -39.73
C LYS E 10 24.88 -28.32 -41.25
N ALA E 11 24.13 -29.29 -41.77
CA ALA E 11 23.96 -29.46 -43.22
C ALA E 11 23.28 -28.25 -43.85
N ALA E 12 22.50 -27.52 -43.07
CA ALA E 12 21.78 -26.36 -43.57
C ALA E 12 22.52 -25.04 -43.32
N GLY E 13 23.79 -25.13 -42.92
CA GLY E 13 24.64 -23.95 -42.72
C GLY E 13 24.45 -23.23 -41.39
N LYS E 14 23.74 -23.88 -40.47
CA LYS E 14 23.52 -23.34 -39.12
C LYS E 14 24.58 -23.90 -38.17
N GLN E 15 24.60 -23.40 -36.93
CA GLN E 15 25.65 -23.79 -35.98
C GLN E 15 25.31 -25.00 -35.10
N TYR E 16 24.06 -25.10 -34.68
CA TYR E 16 23.66 -26.16 -33.73
C TYR E 16 22.15 -26.36 -33.62
N PHE E 17 21.77 -27.54 -33.14
CA PHE E 17 20.47 -27.71 -32.48
C PHE E 17 20.78 -28.16 -31.05
N GLY E 18 20.20 -27.49 -30.06
CA GLY E 18 20.50 -27.76 -28.66
C GLY E 18 19.30 -28.07 -27.78
N THR E 19 19.55 -28.31 -26.51
CA THR E 19 18.48 -28.50 -25.52
C THR E 19 18.91 -28.11 -24.12
N ALA E 20 17.95 -27.66 -23.32
CA ALA E 20 18.16 -27.51 -21.88
C ALA E 20 18.32 -28.89 -21.28
N LEU E 21 19.06 -28.97 -20.18
CA LEU E 21 19.26 -30.23 -19.48
C LEU E 21 19.34 -30.03 -17.98
N THR E 22 18.56 -30.84 -17.25
CA THR E 22 18.80 -31.10 -15.85
C THR E 22 19.29 -32.55 -15.72
N VAL E 23 20.48 -32.72 -15.15
CA VAL E 23 21.06 -34.03 -14.92
C VAL E 23 20.28 -34.71 -13.80
N ARG E 24 19.84 -35.94 -14.05
CA ARG E 24 19.04 -36.72 -13.09
C ARG E 24 19.27 -38.22 -13.26
N ASN E 25 18.72 -39.02 -12.34
CA ASN E 25 18.85 -40.49 -12.41
C ASN E 25 18.26 -41.08 -13.68
N ASP E 26 17.07 -40.60 -14.05
CA ASP E 26 16.39 -41.02 -15.27
C ASP E 26 17.26 -40.70 -16.49
N GLN E 27 17.62 -41.74 -17.24
CA GLN E 27 18.56 -41.60 -18.36
C GLN E 27 17.88 -41.35 -19.71
N GLY E 28 16.55 -41.28 -19.73
CA GLY E 28 15.78 -41.12 -20.96
C GLY E 28 16.21 -39.96 -21.84
N GLU E 29 16.45 -38.80 -21.23
CA GLU E 29 16.85 -37.61 -21.95
C GLU E 29 18.32 -37.64 -22.40
N ILE E 30 19.22 -37.99 -21.47
CA ILE E 30 20.65 -38.00 -21.79
C ILE E 30 21.01 -39.03 -22.88
N ASP E 31 20.28 -40.15 -22.92
CA ASP E 31 20.49 -41.17 -23.95
C ASP E 31 20.20 -40.65 -25.36
N ILE E 32 19.20 -39.77 -25.48
CA ILE E 32 18.89 -39.09 -26.73
C ILE E 32 19.95 -38.03 -27.05
N ILE E 33 20.34 -37.27 -26.02
CA ILE E 33 21.38 -36.24 -26.14
C ILE E 33 22.74 -36.84 -26.56
N ASN E 34 23.00 -38.06 -26.10
CA ASN E 34 24.20 -38.85 -26.46
C ASN E 34 24.41 -39.01 -27.96
N ASN E 35 23.31 -38.93 -28.72
CA ASN E 35 23.34 -39.07 -30.16
C ASN E 35 23.87 -37.78 -30.82
N LYS E 36 25.10 -37.86 -31.33
CA LYS E 36 25.77 -36.74 -32.01
C LYS E 36 25.04 -36.26 -33.26
N ASN E 37 24.23 -37.15 -33.83
CA ASN E 37 23.38 -36.84 -34.98
C ASN E 37 22.24 -35.91 -34.59
N GLU E 38 21.83 -35.99 -33.32
CA GLU E 38 20.59 -35.36 -32.82
C GLU E 38 20.80 -34.00 -32.15
N ILE E 39 21.74 -33.95 -31.21
CA ILE E 39 21.98 -32.77 -30.36
C ILE E 39 23.46 -32.41 -30.35
N GLY E 40 23.75 -31.11 -30.45
CA GLY E 40 25.14 -30.62 -30.41
C GLY E 40 25.40 -29.42 -29.50
N SER E 41 24.40 -29.05 -28.69
CA SER E 41 24.54 -27.96 -27.73
C SER E 41 23.68 -28.25 -26.49
N ILE E 42 24.19 -27.84 -25.32
CA ILE E 42 23.50 -28.03 -24.04
C ILE E 42 23.38 -26.70 -23.29
N THR E 43 22.20 -26.44 -22.74
CA THR E 43 22.01 -25.33 -21.78
C THR E 43 21.69 -25.93 -20.41
N PRO E 44 22.54 -25.67 -19.40
CA PRO E 44 22.18 -26.11 -18.05
C PRO E 44 20.89 -25.40 -17.62
N GLU E 45 19.88 -26.18 -17.24
CA GLU E 45 18.56 -25.62 -16.92
C GLU E 45 18.54 -24.74 -15.67
N ASN E 46 19.28 -25.13 -14.63
CA ASN E 46 19.27 -24.42 -13.35
C ASN E 46 20.64 -24.19 -12.71
N ALA E 47 21.59 -25.08 -13.03
CA ALA E 47 22.85 -25.20 -12.30
C ALA E 47 23.78 -23.97 -12.32
N MET E 48 23.60 -23.09 -13.29
CA MET E 48 24.45 -21.90 -13.39
C MET E 48 23.72 -20.60 -12.99
N LYS E 49 22.46 -20.74 -12.56
CA LYS E 49 21.70 -19.60 -12.03
C LYS E 49 22.24 -19.14 -10.69
N TRP E 50 22.04 -17.87 -10.37
CA TRP E 50 22.67 -17.24 -9.20
C TRP E 50 22.41 -18.03 -7.90
N GLU E 51 21.15 -18.33 -7.61
CA GLU E 51 20.79 -19.04 -6.38
C GLU E 51 21.43 -20.44 -6.28
N ALA E 52 21.69 -21.06 -7.44
CA ALA E 52 22.30 -22.39 -7.46
C ALA E 52 23.81 -22.32 -7.28
N ILE E 53 24.47 -21.42 -8.01
CA ILE E 53 25.94 -21.39 -8.10
C ILE E 53 26.62 -20.51 -7.03
N GLN E 54 25.92 -19.50 -6.52
CA GLN E 54 26.41 -18.74 -5.36
C GLN E 54 25.30 -18.59 -4.30
N PRO E 55 24.94 -19.70 -3.63
CA PRO E 55 23.80 -19.72 -2.70
C PRO E 55 24.02 -18.88 -1.45
N ASN E 56 25.27 -18.79 -0.99
CA ASN E 56 25.66 -17.92 0.11
C ASN E 56 26.72 -16.96 -0.40
N ARG E 57 26.76 -15.75 0.17
CA ARG E 57 27.71 -14.74 -0.30
C ARG E 57 29.15 -15.20 -0.16
N GLY E 58 29.85 -15.26 -1.29
CA GLY E 58 31.27 -15.64 -1.33
C GLY E 58 31.53 -17.13 -1.31
N GLN E 59 30.48 -17.94 -1.23
CA GLN E 59 30.63 -19.39 -1.20
C GLN E 59 29.97 -20.05 -2.42
N PHE E 60 30.78 -20.30 -3.45
CA PHE E 60 30.26 -20.83 -4.70
C PHE E 60 30.03 -22.34 -4.63
N ASN E 61 29.01 -22.79 -5.35
CA ASN E 61 28.68 -24.21 -5.44
C ASN E 61 28.92 -24.70 -6.86
N TRP E 62 30.16 -25.11 -7.13
CA TRP E 62 30.58 -25.49 -8.48
C TRP E 62 30.09 -26.87 -8.91
N GLY E 63 29.76 -27.71 -7.93
CA GLY E 63 29.36 -29.10 -8.16
C GLY E 63 28.41 -29.37 -9.31
N PRO E 64 27.13 -28.96 -9.16
CA PRO E 64 26.15 -29.14 -10.24
C PRO E 64 26.53 -28.45 -11.55
N ALA E 65 27.08 -27.24 -11.48
CA ALA E 65 27.49 -26.52 -12.69
C ALA E 65 28.61 -27.24 -13.44
N ASP E 66 29.62 -27.74 -12.71
CA ASP E 66 30.71 -28.53 -13.29
C ASP E 66 30.17 -29.76 -14.02
N GLN E 67 29.20 -30.42 -13.39
CA GLN E 67 28.58 -31.64 -13.93
C GLN E 67 27.86 -31.36 -15.26
N HIS E 68 27.09 -30.28 -15.32
CA HIS E 68 26.37 -29.89 -16.53
C HIS E 68 27.31 -29.42 -17.65
N ALA E 69 28.36 -28.67 -17.29
CA ALA E 69 29.36 -28.26 -18.26
C ALA E 69 30.06 -29.49 -18.85
N ALA E 70 30.39 -30.45 -17.98
CA ALA E 70 31.05 -31.70 -18.38
C ALA E 70 30.22 -32.54 -19.32
N ALA E 71 28.89 -32.49 -19.16
CA ALA E 71 27.96 -33.16 -20.08
C ALA E 71 28.18 -32.68 -21.51
N ALA E 72 28.45 -31.38 -21.67
CA ALA E 72 28.78 -30.79 -22.96
C ALA E 72 30.21 -31.11 -23.41
N THR E 73 31.19 -30.78 -22.58
CA THR E 73 32.60 -30.87 -22.97
C THR E 73 33.08 -32.30 -23.24
N SER E 74 32.58 -33.27 -22.46
CA SER E 74 32.93 -34.68 -22.65
C SER E 74 32.42 -35.26 -23.97
N ARG E 75 31.43 -34.60 -24.56
CA ARG E 75 30.83 -35.02 -25.82
C ARG E 75 31.26 -34.15 -27.00
N GLY E 76 32.07 -33.14 -26.72
CA GLY E 76 32.47 -32.16 -27.74
C GLY E 76 31.34 -31.22 -28.15
N TYR E 77 30.37 -31.04 -27.25
CA TYR E 77 29.20 -30.19 -27.55
C TYR E 77 29.43 -28.74 -27.15
N GLU E 78 28.73 -27.84 -27.84
CA GLU E 78 28.66 -26.43 -27.45
C GLU E 78 27.89 -26.30 -26.13
N LEU E 79 28.04 -25.15 -25.48
CA LEU E 79 27.43 -24.93 -24.18
C LEU E 79 26.90 -23.51 -24.10
N ARG E 80 25.60 -23.37 -23.84
CA ARG E 80 25.01 -22.07 -23.61
C ARG E 80 24.89 -21.88 -22.12
N CYS E 81 25.69 -20.96 -21.58
CA CYS E 81 25.73 -20.74 -20.15
C CYS E 81 24.67 -19.71 -19.76
N HIS E 82 23.95 -19.99 -18.68
CA HIS E 82 22.65 -19.38 -18.40
C HIS E 82 22.38 -19.43 -16.89
N THR E 83 22.24 -18.29 -16.21
CA THR E 83 22.36 -16.92 -16.76
C THR E 83 22.91 -16.05 -15.63
N LEU E 84 23.50 -14.90 -15.96
CA LEU E 84 24.16 -14.05 -14.95
C LEU E 84 23.23 -13.09 -14.23
N VAL E 85 22.83 -12.02 -14.89
CA VAL E 85 22.04 -10.98 -14.24
C VAL E 85 20.57 -11.20 -14.55
N TRP E 86 19.79 -11.53 -13.51
CA TRP E 86 18.39 -11.94 -13.65
C TRP E 86 17.65 -11.74 -12.33
N HIS E 87 16.43 -11.21 -12.43
CA HIS E 87 15.58 -10.92 -11.25
C HIS E 87 15.08 -12.19 -10.57
N SER E 88 14.95 -13.28 -11.33
CA SER E 88 14.38 -14.51 -10.79
C SER E 88 15.48 -15.43 -10.24
N GLN E 89 15.11 -16.30 -9.33
CA GLN E 89 16.04 -17.25 -8.70
C GLN E 89 17.32 -16.54 -8.21
N LEU E 90 17.11 -15.47 -7.46
CA LEU E 90 18.16 -14.81 -6.70
C LEU E 90 18.11 -15.34 -5.27
N PRO E 91 19.27 -15.60 -4.66
CA PRO E 91 19.28 -16.00 -3.25
C PRO E 91 18.91 -14.81 -2.38
N SER E 92 18.41 -15.08 -1.19
CA SER E 92 17.96 -14.01 -0.29
C SER E 92 19.04 -12.96 0.01
N TRP E 93 20.30 -13.39 0.14
CA TRP E 93 21.38 -12.44 0.44
C TRP E 93 21.57 -11.36 -0.63
N VAL E 94 21.19 -11.65 -1.88
CA VAL E 94 21.14 -10.63 -2.93
C VAL E 94 19.82 -9.86 -2.90
N ALA E 95 18.70 -10.59 -3.07
CA ALA E 95 17.36 -9.99 -3.17
C ALA E 95 17.02 -9.09 -1.98
N ASN E 96 17.37 -9.54 -0.78
CA ASN E 96 17.05 -8.84 0.46
C ASN E 96 18.24 -8.12 1.11
N GLY E 97 19.33 -7.97 0.35
CA GLY E 97 20.52 -7.29 0.84
C GLY E 97 20.34 -5.78 0.93
N ASN E 98 21.17 -5.16 1.77
CA ASN E 98 21.16 -3.72 1.92
C ASN E 98 22.27 -3.12 1.06
N TRP E 99 21.92 -2.73 -0.16
CA TRP E 99 22.90 -2.30 -1.16
C TRP E 99 22.85 -0.82 -1.44
N ASN E 100 23.97 -0.29 -1.93
CA ASN E 100 23.98 0.97 -2.67
C ASN E 100 24.58 0.68 -4.04
N ASN E 101 24.60 1.68 -4.92
CA ASN E 101 25.10 1.49 -6.28
C ASN E 101 26.48 0.83 -6.31
N GLN E 102 27.43 1.36 -5.54
CA GLN E 102 28.78 0.81 -5.51
C GLN E 102 28.88 -0.62 -4.95
N THR E 103 28.17 -0.90 -3.85
CA THR E 103 28.28 -2.23 -3.23
C THR E 103 27.63 -3.34 -4.04
N LEU E 104 26.50 -3.04 -4.69
CA LEU E 104 25.85 -4.01 -5.56
C LEU E 104 26.67 -4.29 -6.83
N GLN E 105 27.26 -3.23 -7.40
CA GLN E 105 28.14 -3.37 -8.57
C GLN E 105 29.32 -4.30 -8.26
N ALA E 106 29.93 -4.12 -7.08
CA ALA E 106 31.06 -4.97 -6.65
C ALA E 106 30.66 -6.45 -6.51
N VAL E 107 29.48 -6.69 -5.96
CA VAL E 107 28.91 -8.04 -5.89
C VAL E 107 28.67 -8.61 -7.29
N MET E 108 28.12 -7.78 -8.17
CA MET E 108 27.89 -8.18 -9.57
C MET E 108 29.20 -8.57 -10.24
N ARG E 109 30.22 -7.73 -10.08
CA ARG E 109 31.54 -7.97 -10.68
C ARG E 109 32.15 -9.28 -10.19
N ASP E 110 32.12 -9.49 -8.88
CA ASP E 110 32.69 -10.71 -8.28
C ASP E 110 32.00 -11.97 -8.77
N HIS E 111 30.68 -11.93 -8.88
CA HIS E 111 29.88 -13.06 -9.39
C HIS E 111 30.24 -13.36 -10.85
N ILE E 112 30.20 -12.33 -11.69
CA ILE E 112 30.49 -12.45 -13.11
C ILE E 112 31.92 -12.96 -13.36
N ASN E 113 32.89 -12.37 -12.65
CA ASN E 113 34.28 -12.80 -12.73
C ASN E 113 34.48 -14.24 -12.32
N ALA E 114 33.86 -14.63 -11.20
CA ALA E 114 33.99 -15.99 -10.68
C ALA E 114 33.43 -17.04 -11.63
N VAL E 115 32.20 -16.81 -12.08
CA VAL E 115 31.46 -17.80 -12.88
C VAL E 115 31.95 -17.86 -14.34
N MET E 116 32.06 -16.71 -15.00
CA MET E 116 32.61 -16.68 -16.36
C MET E 116 34.08 -17.12 -16.37
N GLY E 117 34.82 -16.73 -15.33
CA GLY E 117 36.23 -17.10 -15.19
C GLY E 117 36.44 -18.61 -15.12
N ARG E 118 35.61 -19.29 -14.34
CA ARG E 118 35.73 -20.75 -14.18
C ARG E 118 35.49 -21.52 -15.47
N TYR E 119 34.48 -21.09 -16.24
CA TYR E 119 34.04 -21.80 -17.44
C TYR E 119 34.53 -21.21 -18.76
N ARG E 120 35.43 -20.23 -18.68
CA ARG E 120 36.04 -19.64 -19.86
C ARG E 120 36.65 -20.74 -20.74
N GLY E 121 36.28 -20.75 -22.02
CA GLY E 121 36.77 -21.75 -22.96
C GLY E 121 35.79 -22.91 -23.13
N LYS E 122 34.74 -22.92 -22.31
CA LYS E 122 33.71 -23.95 -22.40
C LYS E 122 32.34 -23.35 -22.75
N CYS E 123 32.08 -22.12 -22.32
CA CYS E 123 30.83 -21.42 -22.63
C CYS E 123 30.88 -20.78 -24.02
N THR E 124 30.10 -21.34 -24.94
CA THR E 124 29.98 -20.84 -26.31
C THR E 124 29.19 -19.55 -26.33
N HIS E 125 28.11 -19.53 -25.54
CA HIS E 125 27.26 -18.36 -25.36
C HIS E 125 27.11 -18.10 -23.86
N TRP E 126 26.87 -16.85 -23.51
CA TRP E 126 26.45 -16.48 -22.17
C TRP E 126 25.21 -15.61 -22.29
N ASP E 127 24.16 -15.99 -21.57
CA ASP E 127 23.02 -15.12 -21.36
C ASP E 127 23.43 -14.17 -20.24
N VAL E 128 23.91 -13.00 -20.62
CA VAL E 128 24.46 -12.02 -19.66
C VAL E 128 23.35 -11.37 -18.82
N VAL E 129 22.36 -10.81 -19.50
CA VAL E 129 21.19 -10.25 -18.84
C VAL E 129 19.97 -10.99 -19.38
N ASN E 130 19.08 -11.37 -18.46
CA ASN E 130 17.90 -12.15 -18.80
C ASN E 130 16.64 -11.42 -18.33
N GLU E 131 15.64 -11.36 -19.23
CA GLU E 131 14.29 -10.88 -18.90
C GLU E 131 14.26 -9.51 -18.19
N ALA E 132 14.93 -8.52 -18.79
CA ALA E 132 15.01 -7.17 -18.24
C ALA E 132 13.81 -6.28 -18.59
N LEU E 133 12.85 -6.83 -19.34
CA LEU E 133 11.73 -6.03 -19.88
C LEU E 133 10.36 -6.46 -19.36
N ASN E 134 9.51 -5.46 -19.07
CA ASN E 134 8.07 -5.69 -18.85
C ASN E 134 7.38 -5.95 -20.18
N GLU E 135 6.16 -6.49 -20.11
CA GLU E 135 5.41 -6.83 -21.33
C GLU E 135 5.16 -5.62 -22.24
N ASP E 136 5.14 -4.42 -21.66
CA ASP E 136 4.94 -3.19 -22.42
C ASP E 136 6.26 -2.56 -22.92
N GLY E 137 7.39 -3.21 -22.65
CA GLY E 137 8.67 -2.73 -23.15
C GLY E 137 9.46 -1.84 -22.20
N THR E 138 8.81 -1.39 -21.12
CA THR E 138 9.52 -0.68 -20.04
C THR E 138 10.43 -1.68 -19.30
N TYR E 139 11.39 -1.17 -18.52
CA TYR E 139 12.28 -2.04 -17.77
C TYR E 139 11.58 -2.73 -16.60
N ARG E 140 11.76 -4.04 -16.50
CA ARG E 140 11.25 -4.80 -15.37
C ARG E 140 11.94 -4.36 -14.09
N ASP E 141 11.14 -4.16 -13.04
CA ASP E 141 11.63 -3.84 -11.71
C ASP E 141 12.44 -5.01 -11.13
N SER E 142 13.58 -4.68 -10.52
CA SER E 142 14.41 -5.65 -9.81
C SER E 142 15.39 -4.87 -8.94
N VAL E 143 16.08 -5.58 -8.04
CA VAL E 143 17.10 -4.93 -7.19
C VAL E 143 18.15 -4.21 -8.05
N PHE E 144 18.52 -4.81 -9.18
CA PHE E 144 19.51 -4.21 -10.09
C PHE E 144 19.04 -2.87 -10.67
N LEU E 145 17.81 -2.83 -11.17
CA LEU E 145 17.25 -1.60 -11.72
C LEU E 145 17.11 -0.50 -10.65
N ARG E 146 16.56 -0.86 -9.50
CA ARG E 146 16.34 0.10 -8.43
C ARG E 146 17.64 0.71 -7.89
N VAL E 147 18.64 -0.13 -7.67
CA VAL E 147 19.90 0.30 -7.05
C VAL E 147 20.89 0.92 -8.06
N ILE E 148 21.00 0.34 -9.25
CA ILE E 148 22.00 0.77 -10.24
C ILE E 148 21.42 1.65 -11.37
N GLY E 149 20.12 1.56 -11.58
CA GLY E 149 19.47 2.28 -12.68
C GLY E 149 19.57 1.47 -13.95
N GLU E 150 19.08 2.03 -15.06
CA GLU E 150 19.10 1.33 -16.35
C GLU E 150 20.54 1.02 -16.82
N ALA E 151 21.50 1.77 -16.28
CA ALA E 151 22.92 1.54 -16.56
C ALA E 151 23.39 0.15 -16.14
N TYR E 152 22.63 -0.54 -15.30
CA TYR E 152 23.00 -1.90 -14.88
C TYR E 152 23.17 -2.86 -16.05
N ILE E 153 22.43 -2.62 -17.13
CA ILE E 153 22.48 -3.49 -18.30
C ILE E 153 23.80 -3.37 -19.06
N PRO E 154 24.16 -2.17 -19.54
CA PRO E 154 25.48 -2.06 -20.18
C PRO E 154 26.63 -2.35 -19.21
N ILE E 155 26.45 -2.01 -17.93
CA ILE E 155 27.48 -2.31 -16.92
C ILE E 155 27.70 -3.84 -16.81
N ALA E 156 26.62 -4.61 -16.79
CA ALA E 156 26.72 -6.07 -16.81
C ALA E 156 27.47 -6.57 -18.06
N PHE E 157 27.15 -6.01 -19.22
CA PHE E 157 27.83 -6.37 -20.46
C PHE E 157 29.30 -5.95 -20.47
N ARG E 158 29.62 -4.82 -19.84
CA ARG E 158 31.01 -4.40 -19.68
C ARG E 158 31.80 -5.41 -18.84
N MET E 159 31.20 -5.82 -17.72
CA MET E 159 31.84 -6.77 -16.80
C MET E 159 32.02 -8.15 -17.44
N ALA E 160 31.01 -8.58 -18.19
CA ALA E 160 31.04 -9.85 -18.90
C ALA E 160 32.14 -9.87 -19.96
N LEU E 161 32.25 -8.79 -20.72
CA LEU E 161 33.30 -8.66 -21.74
C LEU E 161 34.70 -8.75 -21.13
N ALA E 162 34.89 -8.14 -19.96
CA ALA E 162 36.18 -8.19 -19.25
C ALA E 162 36.49 -9.60 -18.74
N ALA E 163 35.49 -10.27 -18.19
CA ALA E 163 35.66 -11.63 -17.66
C ALA E 163 35.94 -12.69 -18.74
N ASP E 164 35.29 -12.57 -19.89
CA ASP E 164 35.45 -13.56 -20.98
C ASP E 164 35.07 -12.98 -22.35
N PRO E 165 36.05 -12.39 -23.05
CA PRO E 165 35.80 -11.83 -24.39
C PRO E 165 35.62 -12.89 -25.49
N THR E 166 35.96 -14.15 -25.18
CA THR E 166 35.92 -15.23 -26.18
C THR E 166 34.52 -15.81 -26.42
N THR E 167 33.60 -15.54 -25.49
CA THR E 167 32.22 -16.05 -25.58
C THR E 167 31.34 -15.10 -26.40
N LYS E 168 30.15 -15.57 -26.78
CA LYS E 168 29.13 -14.70 -27.36
C LYS E 168 28.25 -14.12 -26.25
N LEU E 169 28.21 -12.79 -26.19
CA LEU E 169 27.46 -12.08 -25.15
C LEU E 169 26.03 -11.80 -25.61
N TYR E 170 25.07 -12.48 -24.98
CA TYR E 170 23.66 -12.43 -25.37
C TYR E 170 22.77 -11.71 -24.35
N TYR E 171 21.82 -10.94 -24.86
CA TYR E 171 20.62 -10.57 -24.10
C TYR E 171 19.54 -11.62 -24.41
N ASN E 172 18.85 -12.09 -23.37
CA ASN E 172 17.84 -13.15 -23.54
C ASN E 172 16.49 -12.73 -22.96
N ASP E 173 15.40 -12.99 -23.69
CA ASP E 173 14.07 -12.64 -23.21
C ASP E 173 12.97 -13.41 -23.95
N TYR E 174 11.78 -13.45 -23.35
CA TYR E 174 10.62 -14.10 -23.95
C TYR E 174 9.62 -13.08 -24.49
N ASN E 175 8.70 -13.57 -25.32
CA ASN E 175 7.63 -12.75 -25.92
C ASN E 175 8.13 -11.59 -26.80
N LEU E 176 9.33 -11.75 -27.35
CA LEU E 176 9.87 -10.80 -28.33
C LEU E 176 9.43 -11.17 -29.75
N GLU E 177 8.85 -12.35 -29.91
CA GLU E 177 8.50 -12.92 -31.22
C GLU E 177 7.37 -12.22 -31.96
N TYR E 178 6.59 -11.39 -31.24
CA TYR E 178 5.34 -10.86 -31.78
C TYR E 178 5.45 -9.47 -32.43
N GLY E 179 6.66 -8.91 -32.45
CA GLY E 179 6.92 -7.62 -33.09
C GLY E 179 6.10 -6.48 -32.52
N ASN E 180 6.16 -6.33 -31.19
CA ASN E 180 5.39 -5.32 -30.46
C ASN E 180 6.31 -4.40 -29.64
N ALA E 181 5.78 -3.77 -28.60
CA ALA E 181 6.54 -2.86 -27.77
C ALA E 181 7.69 -3.55 -27.01
N LYS E 182 7.50 -4.82 -26.65
CA LYS E 182 8.55 -5.58 -25.97
C LYS E 182 9.73 -5.86 -26.92
N THR E 183 9.41 -6.21 -28.16
CA THR E 183 10.41 -6.38 -29.22
C THR E 183 11.27 -5.11 -29.36
N GLU E 184 10.60 -3.96 -29.37
CA GLU E 184 11.25 -2.64 -29.47
C GLU E 184 12.11 -2.35 -28.23
N GLY E 185 11.67 -2.82 -27.07
CA GLY E 185 12.46 -2.74 -25.84
C GLY E 185 13.77 -3.51 -25.96
N ALA E 186 13.74 -4.66 -26.61
CA ALA E 186 14.95 -5.45 -26.84
C ALA E 186 15.92 -4.71 -27.76
N LYS E 187 15.37 -4.02 -28.77
CA LYS E 187 16.17 -3.18 -29.66
C LYS E 187 16.79 -2.00 -28.91
N ARG E 188 16.01 -1.41 -28.01
CA ARG E 188 16.50 -0.34 -27.12
C ARG E 188 17.70 -0.81 -26.30
N ILE E 189 17.61 -2.03 -25.75
CA ILE E 189 18.70 -2.59 -24.95
C ILE E 189 19.97 -2.78 -25.79
N ALA E 190 19.82 -3.40 -26.97
CA ALA E 190 20.95 -3.61 -27.88
C ALA E 190 21.63 -2.29 -28.23
N ARG E 191 20.84 -1.28 -28.54
CA ARG E 191 21.36 0.04 -28.88
C ARG E 191 22.04 0.71 -27.70
N LEU E 192 21.47 0.53 -26.51
CA LEU E 192 22.04 1.08 -25.27
C LEU E 192 23.44 0.52 -25.02
N VAL E 193 23.59 -0.79 -25.13
CA VAL E 193 24.90 -1.43 -24.94
C VAL E 193 25.91 -0.95 -25.98
N LYS E 194 25.48 -0.89 -27.25
CA LYS E 194 26.34 -0.40 -28.33
C LYS E 194 26.75 1.07 -28.13
N SER E 195 25.85 1.88 -27.59
CA SER E 195 26.13 3.31 -27.36
C SER E 195 27.17 3.58 -26.26
N TYR E 196 27.40 2.58 -25.40
CA TYR E 196 28.45 2.66 -24.39
C TYR E 196 29.81 2.25 -24.96
N GLY E 197 29.81 1.85 -26.24
CA GLY E 197 31.03 1.37 -26.89
C GLY E 197 31.32 -0.07 -26.51
N LEU E 198 30.27 -0.79 -26.11
CA LEU E 198 30.40 -2.16 -25.61
C LEU E 198 29.89 -3.17 -26.63
N ARG E 199 30.07 -4.45 -26.31
CA ARG E 199 29.75 -5.54 -27.22
C ARG E 199 28.50 -6.30 -26.76
N ILE E 200 27.50 -6.35 -27.65
CA ILE E 200 26.43 -7.32 -27.53
C ILE E 200 26.42 -8.14 -28.83
N ASP E 201 26.60 -9.44 -28.68
CA ASP E 201 26.82 -10.33 -29.82
C ASP E 201 25.52 -10.95 -30.33
N GLY E 202 24.58 -11.17 -29.43
CA GLY E 202 23.34 -11.84 -29.78
C GLY E 202 22.13 -11.39 -28.98
N ILE E 203 20.96 -11.58 -29.58
CA ILE E 203 19.70 -11.51 -28.86
C ILE E 203 19.07 -12.90 -28.88
N GLY E 204 18.75 -13.40 -27.69
CA GLY E 204 18.11 -14.70 -27.54
C GLY E 204 16.61 -14.53 -27.41
N LEU E 205 15.88 -15.15 -28.33
CA LEU E 205 14.43 -15.20 -28.24
C LEU E 205 14.03 -16.55 -27.64
N GLN E 206 13.47 -16.51 -26.42
CA GLN E 206 13.16 -17.73 -25.69
C GLN E 206 12.21 -18.66 -26.44
N ALA E 207 11.27 -18.08 -27.16
CA ALA E 207 10.29 -18.85 -27.95
C ALA E 207 9.50 -19.83 -27.08
N HIS E 208 8.97 -19.33 -25.96
CA HIS E 208 7.96 -20.06 -25.19
C HIS E 208 6.62 -19.70 -25.80
N MET E 209 6.16 -20.53 -26.73
CA MET E 209 5.00 -20.23 -27.56
C MET E 209 3.83 -21.18 -27.26
N THR E 210 2.70 -20.93 -27.93
CA THR E 210 1.58 -21.86 -27.95
C THR E 210 1.25 -22.25 -29.41
N SER E 211 0.57 -23.39 -29.57
CA SER E 211 0.12 -23.85 -30.87
C SER E 211 -1.37 -23.58 -31.08
N GLU E 212 -1.98 -22.99 -30.06
CA GLU E 212 -3.41 -22.68 -30.05
C GLU E 212 -3.60 -21.68 -28.92
N SER E 213 -4.75 -20.99 -28.91
CA SER E 213 -5.07 -20.07 -27.82
CA SER E 213 -5.07 -20.07 -27.83
C SER E 213 -5.15 -20.82 -26.49
N THR E 214 -4.48 -20.27 -25.48
CA THR E 214 -4.56 -20.81 -24.12
C THR E 214 -4.90 -19.67 -23.17
N PRO E 215 -5.42 -19.98 -21.96
CA PRO E 215 -5.76 -18.89 -21.03
C PRO E 215 -4.58 -17.97 -20.67
N THR E 216 -3.34 -18.48 -20.76
CA THR E 216 -2.15 -17.67 -20.44
C THR E 216 -1.59 -16.93 -21.65
N GLN E 217 -1.85 -17.44 -22.85
CA GLN E 217 -1.35 -16.85 -24.09
C GLN E 217 -2.34 -17.06 -25.23
N ASN E 218 -3.09 -16.02 -25.54
CA ASN E 218 -4.15 -16.06 -26.54
C ASN E 218 -3.65 -16.17 -27.99
N THR E 219 -2.45 -15.66 -28.24
CA THR E 219 -1.90 -15.62 -29.60
C THR E 219 -1.01 -16.84 -29.87
N PRO E 220 -1.46 -17.73 -30.79
CA PRO E 220 -0.63 -18.87 -31.16
C PRO E 220 0.57 -18.43 -32.00
N THR E 221 1.57 -19.32 -32.11
CA THR E 221 2.76 -19.07 -32.93
C THR E 221 2.37 -18.40 -34.24
N PRO E 222 2.87 -17.16 -34.47
CA PRO E 222 2.53 -16.42 -35.69
C PRO E 222 3.05 -17.09 -36.97
N SER E 223 2.78 -16.48 -38.11
CA SER E 223 3.18 -17.02 -39.41
C SER E 223 4.71 -17.06 -39.54
N ARG E 224 5.19 -17.96 -40.39
CA ARG E 224 6.62 -18.07 -40.68
C ARG E 224 7.20 -16.74 -41.14
N ALA E 225 6.44 -16.02 -41.98
CA ALA E 225 6.87 -14.73 -42.54
C ALA E 225 7.00 -13.63 -41.49
N LYS E 226 5.99 -13.51 -40.61
CA LYS E 226 6.01 -12.51 -39.55
C LYS E 226 7.16 -12.76 -38.58
N LEU E 227 7.33 -14.01 -38.18
CA LEU E 227 8.44 -14.42 -37.32
C LEU E 227 9.81 -14.11 -37.95
N ALA E 228 9.95 -14.38 -39.25
CA ALA E 228 11.20 -14.09 -39.96
C ALA E 228 11.51 -12.59 -40.03
N SER E 229 10.47 -11.77 -40.17
CA SER E 229 10.66 -10.31 -40.22
C SER E 229 11.03 -9.74 -38.84
N VAL E 230 10.45 -10.29 -37.78
CA VAL E 230 10.83 -9.92 -36.41
C VAL E 230 12.30 -10.27 -36.16
N LEU E 231 12.65 -11.52 -36.48
CA LEU E 231 14.02 -12.00 -36.42
C LEU E 231 15.02 -11.14 -37.20
N GLN E 232 14.66 -10.82 -38.44
CA GLN E 232 15.52 -9.99 -39.28
C GLN E 232 15.69 -8.58 -38.73
N GLY E 233 14.59 -7.99 -38.25
CA GLY E 233 14.60 -6.67 -37.65
C GLY E 233 15.53 -6.58 -36.45
N LEU E 234 15.63 -7.68 -35.70
CA LEU E 234 16.56 -7.78 -34.58
C LEU E 234 18.00 -7.95 -35.07
N ALA E 235 18.20 -8.83 -36.05
CA ALA E 235 19.53 -9.03 -36.65
C ALA E 235 20.09 -7.74 -37.25
N ASP E 236 19.20 -6.92 -37.80
CA ASP E 236 19.54 -5.62 -38.41
C ASP E 236 20.27 -4.65 -37.48
N LEU E 237 20.12 -4.86 -36.18
CA LEU E 237 20.80 -4.03 -35.17
C LEU E 237 22.30 -4.27 -35.19
N GLY E 238 22.71 -5.37 -35.82
CA GLY E 238 24.12 -5.78 -35.86
C GLY E 238 24.41 -6.84 -34.81
N VAL E 239 23.55 -7.84 -34.72
CA VAL E 239 23.67 -8.94 -33.76
C VAL E 239 23.23 -10.27 -34.36
N ASP E 240 23.77 -11.37 -33.82
CA ASP E 240 23.21 -12.69 -34.09
C ASP E 240 21.89 -12.83 -33.35
N VAL E 241 21.04 -13.73 -33.82
CA VAL E 241 19.83 -14.12 -33.09
C VAL E 241 19.78 -15.64 -32.97
N ALA E 242 18.97 -16.12 -32.03
CA ALA E 242 18.78 -17.56 -31.82
C ALA E 242 17.53 -17.80 -30.99
N TYR E 243 16.88 -18.94 -31.24
CA TYR E 243 15.80 -19.39 -30.38
C TYR E 243 16.44 -20.22 -29.28
N THR E 244 16.27 -19.78 -28.03
CA THR E 244 17.08 -20.25 -26.92
C THR E 244 16.39 -21.22 -25.96
N GLU E 245 15.06 -21.18 -25.92
CA GLU E 245 14.30 -21.97 -24.95
C GLU E 245 13.00 -22.50 -25.58
N LEU E 246 13.10 -22.95 -26.84
CA LEU E 246 11.91 -23.30 -27.62
C LEU E 246 11.05 -24.41 -27.03
N ASP E 247 9.80 -24.05 -26.75
CA ASP E 247 8.73 -25.03 -26.53
C ASP E 247 7.41 -24.43 -26.96
N ILE E 248 6.48 -25.27 -27.39
CA ILE E 248 5.20 -24.80 -27.89
C ILE E 248 4.07 -25.57 -27.20
N ARG E 249 3.46 -24.92 -26.21
CA ARG E 249 2.47 -25.57 -25.36
C ARG E 249 1.05 -25.55 -25.93
N MET E 250 0.25 -26.50 -25.48
CA MET E 250 -1.17 -26.58 -25.85
C MET E 250 -2.01 -26.79 -24.59
N ASN E 251 -3.33 -26.67 -24.75
CA ASN E 251 -4.26 -27.07 -23.71
C ASN E 251 -4.27 -28.60 -23.60
N THR E 252 -4.13 -29.13 -22.39
CA THR E 252 -4.10 -30.58 -22.17
C THR E 252 -5.46 -31.12 -21.68
N PRO E 253 -5.72 -32.43 -21.84
CA PRO E 253 -4.90 -33.48 -22.46
C PRO E 253 -4.74 -33.30 -23.97
N ALA E 254 -3.56 -33.68 -24.48
CA ALA E 254 -3.27 -33.63 -25.90
C ALA E 254 -4.19 -34.58 -26.67
N THR E 255 -4.54 -34.17 -27.88
CA THR E 255 -5.29 -35.03 -28.80
C THR E 255 -4.50 -35.16 -30.09
N GLN E 256 -5.00 -36.00 -30.99
CA GLN E 256 -4.37 -36.23 -32.28
C GLN E 256 -4.29 -34.98 -33.14
N GLN E 257 -5.39 -34.23 -33.23
CA GLN E 257 -5.37 -32.97 -33.99
C GLN E 257 -4.51 -31.90 -33.32
N LYS E 258 -4.56 -31.82 -31.99
CA LYS E 258 -3.73 -30.86 -31.25
C LYS E 258 -2.25 -31.09 -31.53
N LEU E 259 -1.82 -32.35 -31.57
CA LEU E 259 -0.43 -32.71 -31.85
C LEU E 259 -0.02 -32.35 -33.28
N GLN E 260 -0.95 -32.52 -34.23
CA GLN E 260 -0.70 -32.14 -35.61
C GLN E 260 -0.63 -30.62 -35.76
N THR E 261 -1.55 -29.91 -35.09
CA THR E 261 -1.56 -28.44 -35.08
C THR E 261 -0.29 -27.89 -34.41
N ASN E 262 0.18 -28.60 -33.38
CA ASN E 262 1.45 -28.30 -32.73
C ASN E 262 2.63 -28.44 -33.68
N ALA E 263 2.65 -29.56 -34.41
CA ALA E 263 3.66 -29.82 -35.43
C ALA E 263 3.76 -28.70 -36.48
N ASP E 264 2.60 -28.19 -36.90
CA ASP E 264 2.54 -27.07 -37.85
C ASP E 264 3.13 -25.80 -37.25
N ALA E 265 2.87 -25.56 -35.96
CA ALA E 265 3.42 -24.40 -35.26
C ALA E 265 4.94 -24.47 -35.18
N TYR E 266 5.47 -25.66 -34.89
CA TYR E 266 6.92 -25.89 -34.90
C TYR E 266 7.54 -25.62 -36.27
N ALA E 267 6.83 -26.03 -37.34
CA ALA E 267 7.28 -25.77 -38.70
C ALA E 267 7.45 -24.29 -39.01
N ARG E 268 6.49 -23.47 -38.54
CA ARG E 268 6.52 -22.02 -38.77
C ARG E 268 7.70 -21.33 -38.08
N ILE E 269 7.92 -21.66 -36.80
CA ILE E 269 8.97 -20.97 -36.02
C ILE E 269 10.39 -21.48 -36.36
N VAL E 270 10.55 -22.79 -36.49
CA VAL E 270 11.82 -23.38 -36.94
C VAL E 270 12.15 -22.85 -38.34
N GLY E 271 11.13 -22.75 -39.19
CA GLY E 271 11.26 -22.19 -40.54
C GLY E 271 11.76 -20.76 -40.58
N SER E 272 11.32 -19.94 -39.61
CA SER E 272 11.74 -18.53 -39.55
C SER E 272 13.22 -18.38 -39.26
N CYS E 273 13.78 -19.31 -38.49
CA CYS E 273 15.23 -19.36 -38.28
C CYS E 273 15.96 -19.67 -39.60
N MET E 274 15.41 -20.60 -40.37
CA MET E 274 15.96 -20.98 -41.68
C MET E 274 15.93 -19.83 -42.70
N ASP E 275 14.98 -18.91 -42.52
CA ASP E 275 14.81 -17.76 -43.41
C ASP E 275 15.76 -16.61 -43.10
N VAL E 276 16.38 -16.63 -41.93
CA VAL E 276 17.24 -15.54 -41.48
C VAL E 276 18.68 -16.02 -41.35
N LYS E 277 19.57 -15.37 -42.10
CA LYS E 277 20.98 -15.76 -42.14
C LYS E 277 21.63 -15.71 -40.75
N ARG E 278 21.34 -14.64 -40.00
CA ARG E 278 21.94 -14.43 -38.69
C ARG E 278 21.29 -15.19 -37.52
N CYS E 279 20.27 -16.02 -37.82
CA CYS E 279 19.77 -16.99 -36.84
C CYS E 279 20.72 -18.17 -36.79
N VAL E 280 21.53 -18.25 -35.74
CA VAL E 280 22.64 -19.20 -35.69
C VAL E 280 22.27 -20.61 -35.22
N GLY E 281 21.17 -20.74 -34.47
CA GLY E 281 20.83 -22.03 -33.88
C GLY E 281 19.52 -22.03 -33.11
N ILE E 282 19.07 -23.23 -32.76
CA ILE E 282 17.84 -23.43 -32.01
C ILE E 282 18.12 -24.32 -30.81
N THR E 283 17.64 -23.90 -29.64
CA THR E 283 17.66 -24.74 -28.43
C THR E 283 16.24 -24.97 -27.94
N VAL E 284 15.83 -26.24 -27.83
CA VAL E 284 14.53 -26.58 -27.25
C VAL E 284 14.66 -26.67 -25.72
N TRP E 285 13.61 -26.30 -25.00
CA TRP E 285 13.69 -26.29 -23.53
C TRP E 285 13.43 -27.66 -22.90
N GLY E 286 14.31 -28.61 -23.20
CA GLY E 286 14.21 -29.98 -22.73
C GLY E 286 13.92 -30.96 -23.86
N ILE E 287 14.26 -32.22 -23.62
CA ILE E 287 13.99 -33.28 -24.60
C ILE E 287 12.55 -33.78 -24.48
N SER E 288 12.16 -34.19 -23.27
CA SER E 288 10.89 -34.87 -23.04
C SER E 288 9.86 -34.05 -22.27
N ASP E 289 8.61 -34.14 -22.70
CA ASP E 289 7.44 -33.63 -21.97
C ASP E 289 7.49 -33.97 -20.47
N LYS E 290 8.07 -35.13 -20.14
CA LYS E 290 8.11 -35.64 -18.76
C LYS E 290 8.69 -34.64 -17.74
N TYR E 291 9.70 -33.88 -18.17
CA TYR E 291 10.39 -32.95 -17.28
C TYR E 291 10.23 -31.48 -17.64
N SER E 292 9.25 -31.19 -18.48
CA SER E 292 8.92 -29.83 -18.86
C SER E 292 8.32 -29.05 -17.69
N TRP E 293 8.68 -27.77 -17.61
CA TRP E 293 8.17 -26.82 -16.62
C TRP E 293 6.66 -26.53 -16.79
N VAL E 294 6.12 -26.75 -17.99
CA VAL E 294 4.78 -26.22 -18.31
C VAL E 294 3.64 -26.68 -17.40
N PRO E 295 3.39 -28.01 -17.30
CA PRO E 295 2.18 -28.45 -16.57
C PRO E 295 2.18 -28.13 -15.06
N GLY E 296 3.35 -28.07 -14.45
CA GLY E 296 3.48 -27.72 -13.04
C GLY E 296 3.42 -26.22 -12.78
N THR E 297 3.57 -25.42 -13.86
CA THR E 297 3.56 -23.95 -13.76
C THR E 297 2.26 -23.34 -14.28
N PHE E 298 1.83 -23.79 -15.46
CA PHE E 298 0.58 -23.34 -16.07
C PHE E 298 -0.40 -24.53 -16.14
N PRO E 299 -1.16 -24.76 -15.05
CA PRO E 299 -2.07 -25.91 -15.01
C PRO E 299 -3.04 -25.94 -16.18
N GLY E 300 -3.24 -27.13 -16.75
CA GLY E 300 -4.08 -27.30 -17.93
C GLY E 300 -3.36 -27.06 -19.25
N GLU E 301 -2.07 -26.76 -19.17
CA GLU E 301 -1.25 -26.56 -20.38
C GLU E 301 -0.05 -27.51 -20.36
N GLY E 302 0.48 -27.84 -21.54
CA GLY E 302 1.61 -28.78 -21.60
C GLY E 302 1.86 -29.38 -22.97
N SER E 303 2.36 -30.62 -22.98
CA SER E 303 2.71 -31.36 -24.20
C SER E 303 3.53 -30.52 -25.20
N ALA E 304 4.49 -29.78 -24.68
CA ALA E 304 5.15 -28.69 -25.42
C ALA E 304 6.42 -29.06 -26.19
N LEU E 305 6.97 -30.24 -25.93
CA LEU E 305 8.28 -30.60 -26.47
C LEU E 305 8.18 -31.64 -27.60
N LEU E 306 9.35 -32.05 -28.12
CA LEU E 306 9.41 -32.91 -29.30
C LEU E 306 9.35 -34.42 -29.00
N TRP E 307 9.71 -34.81 -27.78
CA TRP E 307 9.58 -36.20 -27.33
C TRP E 307 8.53 -36.27 -26.22
N ASN E 308 7.73 -37.35 -26.19
CA ASN E 308 6.70 -37.52 -25.15
C ASN E 308 7.24 -38.11 -23.83
N ASP E 309 6.33 -38.42 -22.90
CA ASP E 309 6.70 -38.98 -21.58
C ASP E 309 7.51 -40.28 -21.65
N ASN E 310 7.30 -41.04 -22.72
CA ASN E 310 7.98 -42.31 -22.93
C ASN E 310 9.25 -42.16 -23.79
N PHE E 311 9.67 -40.91 -24.00
CA PHE E 311 10.86 -40.57 -24.79
C PHE E 311 10.75 -40.99 -26.27
N GLN E 312 9.51 -40.96 -26.76
CA GLN E 312 9.22 -41.26 -28.16
C GLN E 312 9.01 -39.98 -28.95
N LYS E 313 9.48 -39.95 -30.19
CA LYS E 313 9.30 -38.81 -31.08
C LYS E 313 7.82 -38.52 -31.32
N LYS E 314 7.44 -37.25 -31.24
CA LYS E 314 6.08 -36.79 -31.49
C LYS E 314 6.02 -36.23 -32.92
N PRO E 315 4.79 -36.03 -33.47
CA PRO E 315 4.67 -35.45 -34.82
C PRO E 315 5.46 -34.16 -35.03
N SER E 316 5.63 -33.37 -33.96
CA SER E 316 6.41 -32.12 -34.04
C SER E 316 7.90 -32.34 -34.30
N TYR E 317 8.45 -33.49 -33.88
CA TYR E 317 9.83 -33.81 -34.20
C TYR E 317 10.03 -33.91 -35.71
N THR E 318 9.14 -34.65 -36.37
CA THR E 318 9.20 -34.87 -37.81
C THR E 318 9.08 -33.55 -38.59
N SER E 319 8.09 -32.72 -38.22
CA SER E 319 7.91 -31.43 -38.89
C SER E 319 9.10 -30.49 -38.66
N THR E 320 9.71 -30.56 -37.48
CA THR E 320 10.93 -29.79 -37.19
C THR E 320 12.09 -30.25 -38.08
N LEU E 321 12.37 -31.55 -38.08
CA LEU E 321 13.43 -32.12 -38.90
C LEU E 321 13.23 -31.81 -40.39
N ASN E 322 12.04 -32.11 -40.92
CA ASN E 322 11.71 -31.80 -42.31
C ASN E 322 11.87 -30.32 -42.66
N THR E 323 11.46 -29.44 -41.73
CA THR E 323 11.55 -27.98 -41.94
C THR E 323 12.99 -27.48 -42.04
N ILE E 324 13.87 -27.99 -41.19
CA ILE E 324 15.30 -27.67 -41.28
C ILE E 324 15.86 -28.14 -42.63
N ASN E 325 15.47 -29.34 -43.04
CA ASN E 325 15.90 -29.94 -44.31
C ASN E 325 15.33 -29.30 -45.58
N ARG E 326 14.23 -28.57 -45.46
CA ARG E 326 13.61 -27.94 -46.63
C ARG E 326 14.21 -26.56 -46.92
C1 NAG F . -16.47 45.05 -26.12
C2 NAG F . -17.28 46.16 -25.46
C3 NAG F . -18.74 45.74 -25.29
C4 NAG F . -19.33 45.09 -26.55
C5 NAG F . -18.35 44.11 -27.18
C6 NAG F . -18.82 43.63 -28.55
C7 NAG F . -16.19 47.72 -23.95
C8 NAG F . -15.65 47.97 -22.57
N2 NAG F . -16.72 46.52 -24.18
O3 NAG F . -19.50 46.86 -24.89
O4 NAG F . -20.49 44.38 -26.22
O5 NAG F . -17.08 44.69 -27.35
O6 NAG F . -17.86 42.74 -29.08
O7 NAG F . -16.12 48.60 -24.81
C1 NAG F . -21.69 45.14 -26.47
C2 NAG F . -22.79 44.18 -26.96
C3 NAG F . -24.16 44.83 -26.96
C4 NAG F . -24.44 45.52 -25.64
C5 NAG F . -23.31 46.53 -25.37
C6 NAG F . -23.50 47.27 -24.05
C7 NAG F . -22.29 42.38 -28.54
C8 NAG F . -21.99 42.02 -29.96
N2 NAG F . -22.48 43.67 -28.28
O3 NAG F . -25.14 43.83 -27.22
O4 NAG F . -25.70 46.16 -25.64
O5 NAG F . -22.08 45.85 -25.30
O6 NAG F . -22.37 48.07 -23.80
O7 NAG F . -22.35 41.51 -27.67
C1 BMA F . -26.80 45.69 -25.04
C2 BMA F . -27.55 46.87 -24.45
C3 BMA F . -28.74 46.38 -23.62
C4 BMA F . -29.60 45.35 -24.38
C5 BMA F . -28.76 44.26 -25.09
C6 BMA F . -29.65 43.44 -26.02
O2 BMA F . -28.01 47.72 -25.50
O3 BMA F . -29.55 47.51 -23.23
O4 BMA F . -30.48 44.72 -23.44
O5 BMA F . -27.67 44.85 -25.81
O6 BMA F . -29.09 43.26 -27.33
C1 NAG G . -21.14 -42.94 21.03
C2 NAG G . -20.56 -44.10 20.23
C3 NAG G . -21.21 -44.17 18.86
C4 NAG G . -22.74 -44.10 18.93
C5 NAG G . -23.21 -42.99 19.88
C6 NAG G . -24.72 -43.01 20.12
C7 NAG G . -18.23 -44.82 20.62
C8 NAG G . -16.79 -44.55 20.34
N2 NAG G . -19.13 -43.98 20.07
O3 NAG G . -20.79 -45.36 18.23
O4 NAG G . -23.27 -43.81 17.65
O5 NAG G . -22.54 -43.08 21.13
O6 NAG G . -25.07 -41.93 20.96
O7 NAG G . -18.55 -45.78 21.33
C1 NAG G . -23.64 -45.00 16.92
C2 NAG G . -24.85 -44.67 16.04
C3 NAG G . -25.12 -45.78 15.03
C4 NAG G . -23.84 -46.17 14.29
C5 NAG G . -22.80 -46.57 15.33
C6 NAG G . -21.48 -47.04 14.71
C7 NAG G . -26.60 -43.23 16.99
C8 NAG G . -27.80 -43.14 17.89
N2 NAG G . -26.03 -44.42 16.88
O3 NAG G . -26.09 -45.34 14.10
O4 NAG G . -24.08 -47.19 13.33
O5 NAG G . -22.54 -45.45 16.15
O6 NAG G . -20.57 -47.34 15.76
O7 NAG G . -26.20 -42.21 16.42
C1 BMA G . -24.10 -47.05 12.00
C2 BMA G . -23.69 -48.26 11.15
C3 BMA G . -23.68 -47.91 9.65
C4 BMA G . -24.91 -47.12 9.19
C5 BMA G . -25.38 -46.07 10.20
C6 BMA G . -26.77 -45.54 9.86
O2 BMA G . -24.58 -49.34 11.42
O3 BMA G . -23.55 -49.12 8.85
O4 BMA G . -24.57 -46.46 7.95
O5 BMA G . -25.37 -46.57 11.55
O6 BMA G . -27.80 -46.42 10.35
C1 MAN G . -22.68 -49.96 8.28
C2 MAN G . -22.59 -50.93 7.08
C3 MAN G . -22.17 -52.35 7.48
C4 MAN G . -22.34 -52.70 8.97
C5 MAN G . -22.13 -51.53 9.94
C6 MAN G . -21.07 -51.85 10.99
O2 MAN G . -21.69 -50.40 6.13
O3 MAN G . -20.82 -52.59 7.12
O4 MAN G . -23.62 -53.27 9.19
O5 MAN G . -21.74 -50.35 9.25
O6 MAN G . -19.80 -51.96 10.37
C1 MAN G . -20.80 -49.70 5.40
C2 MAN G . -20.34 -50.43 4.15
C3 MAN G . -19.07 -51.25 4.44
C4 MAN G . -18.01 -50.44 5.20
C5 MAN G . -18.62 -49.61 6.34
C6 MAN G . -17.59 -48.64 6.91
O2 MAN G . -20.10 -49.52 3.10
O3 MAN G . -18.52 -51.75 3.25
O4 MAN G . -17.03 -51.31 5.73
O5 MAN G . -19.75 -48.89 5.90
O6 MAN G . -18.08 -48.10 8.12
C1 NAG H . 16.77 -39.75 24.78
C2 NAG H . 16.30 -40.15 26.17
C3 NAG H . 16.93 -39.23 27.22
C4 NAG H . 18.46 -39.13 27.04
C5 NAG H . 18.82 -38.89 25.58
C6 NAG H . 20.33 -38.99 25.34
C7 NAG H . 14.10 -41.19 26.29
C8 NAG H . 12.61 -41.00 26.37
N2 NAG H . 14.84 -40.09 26.26
O3 NAG H . 16.62 -39.75 28.50
O4 NAG H . 18.96 -38.03 27.78
O5 NAG H . 18.17 -39.82 24.73
O6 NAG H . 20.62 -38.63 24.01
O7 NAG H . 14.57 -42.34 26.25
C1 NAG H . 19.45 -38.43 29.06
C2 NAG H . 20.59 -37.49 29.45
C3 NAG H . 21.04 -37.72 30.89
C4 NAG H . 19.84 -37.69 31.83
C5 NAG H . 18.77 -38.67 31.37
C6 NAG H . 17.48 -38.57 32.19
C7 NAG H . 22.12 -36.70 27.74
C8 NAG H . 23.30 -37.01 26.86
N2 NAG H . 21.73 -37.67 28.57
O3 NAG H . 21.97 -36.71 31.26
O4 NAG H . 20.26 -37.95 33.16
O5 NAG H . 18.40 -38.41 30.03
O6 NAG H . 16.65 -39.66 31.88
O7 NAG H . 21.55 -35.60 27.67
C1 BMA H . 20.10 -37.04 34.12
C2 BMA H . 20.02 -37.80 35.44
C3 BMA H . 19.90 -36.83 36.61
C4 BMA H . 20.99 -35.75 36.56
C5 BMA H . 21.18 -35.14 35.16
C6 BMA H . 22.45 -34.28 35.13
O2 BMA H . 21.20 -38.58 35.60
O3 BMA H . 20.00 -37.57 37.83
O4 BMA H . 20.65 -34.70 37.49
O5 BMA H . 21.22 -36.14 34.14
O6 BMA H . 23.56 -34.98 34.55
C1 NAG I . 4.31 56.92 3.18
C2 NAG I . 5.14 57.35 1.97
C3 NAG I . 6.60 56.97 2.18
C4 NAG I . 7.13 57.42 3.55
C5 NAG I . 6.16 57.11 4.69
C6 NAG I . 6.59 57.82 5.96
C7 NAG I . 3.91 57.47 -0.16
C8 NAG I . 3.44 56.72 -1.38
N2 NAG I . 4.61 56.77 0.74
O3 NAG I . 7.37 57.55 1.13
O4 NAG I . 8.34 56.77 3.89
O5 NAG I . 4.84 57.48 4.36
O6 NAG I . 5.90 57.30 7.07
O7 NAG I . 3.65 58.68 -0.06
C1 NAG I . 9.49 57.54 3.46
C2 NAG I . 10.67 57.25 4.38
C3 NAG I . 11.95 57.90 3.87
C4 NAG I . 12.17 57.58 2.39
C5 NAG I . 10.91 57.91 1.57
C6 NAG I . 11.04 57.47 0.11
C7 NAG I . 10.25 56.84 6.77
C8 NAG I . 9.98 57.46 8.11
N2 NAG I . 10.40 57.68 5.74
O3 NAG I . 13.02 57.43 4.65
O4 NAG I . 13.30 58.29 1.90
O5 NAG I . 9.82 57.21 2.13
O6 NAG I . 10.10 58.19 -0.67
O7 NAG I . 10.33 55.61 6.66
C1 BMA I . 14.37 57.63 1.47
C2 BMA I . 15.25 58.45 0.53
C3 BMA I . 16.57 57.73 0.21
C4 BMA I . 17.25 57.20 1.47
C5 BMA I . 16.25 56.47 2.38
C6 BMA I . 16.90 56.08 3.70
O2 BMA I . 15.53 59.71 1.15
O3 BMA I . 17.46 58.62 -0.49
O4 BMA I . 18.31 56.31 1.12
O5 BMA I . 15.11 57.28 2.64
O6 BMA I . 16.98 57.24 4.54
C1 MAN I . 17.17 57.22 5.85
C2 MAN I . 17.36 58.74 5.94
C3 MAN I . 18.84 59.14 5.92
C4 MAN I . 19.72 58.24 6.78
C5 MAN I . 19.36 56.75 6.65
C6 MAN I . 20.12 55.86 7.63
O2 MAN I . 16.74 59.21 7.12
O3 MAN I . 18.98 60.49 6.34
O4 MAN I . 21.06 58.41 6.37
O5 MAN I . 17.96 56.58 6.83
O6 MAN I . 19.69 56.07 8.96
C1 NAG J . 25.51 3.95 -10.57
C2 NAG J . 24.58 4.97 -11.23
C3 NAG J . 24.81 4.96 -12.74
C4 NAG J . 26.29 5.07 -13.09
C5 NAG J . 27.17 4.14 -12.24
C6 NAG J . 28.65 4.47 -12.42
C7 NAG J . 22.47 5.37 -10.02
C8 NAG J . 21.05 4.91 -9.81
N2 NAG J . 23.19 4.68 -10.91
O3 NAG J . 24.08 6.03 -13.31
O4 NAG J . 26.51 4.68 -14.44
O5 NAG J . 26.85 4.25 -10.87
O6 NAG J . 29.42 3.45 -11.81
O7 NAG J . 22.90 6.33 -9.39
C1 NAG J . 26.57 5.81 -15.32
C2 NAG J . 27.47 5.43 -16.50
C3 NAG J . 27.46 6.52 -17.57
C4 NAG J . 26.03 6.92 -17.92
C5 NAG J . 25.21 7.24 -16.65
C6 NAG J . 23.75 7.52 -16.99
C7 NAG J . 29.47 4.03 -16.24
C8 NAG J . 30.87 3.94 -15.69
N2 NAG J . 28.83 5.18 -16.04
O3 NAG J . 28.15 6.06 -18.71
O4 NAG J . 26.01 8.01 -18.81
O5 NAG J . 25.27 6.14 -15.77
O6 NAG J . 23.01 7.69 -15.81
O7 NAG J . 28.98 3.06 -16.83
C1 BMA J . 25.60 7.85 -20.07
C2 BMA J . 25.13 9.15 -20.74
C3 BMA J . 24.88 8.95 -22.23
C4 BMA J . 26.06 8.25 -22.91
C5 BMA J . 26.39 6.95 -22.15
C6 BMA J . 27.53 6.16 -22.79
O2 BMA J . 26.13 10.16 -20.55
O3 BMA J . 24.61 10.23 -22.84
O4 BMA J . 25.74 7.97 -24.27
O5 BMA J . 26.69 7.26 -20.79
O6 BMA J . 28.81 6.71 -22.46
C1 MAN J . 30.00 6.40 -22.99
C2 MAN J . 30.76 7.68 -22.61
C3 MAN J . 30.73 8.68 -23.77
C4 MAN J . 31.16 8.02 -25.08
C5 MAN J . 30.38 6.73 -25.31
C6 MAN J . 30.83 6.01 -26.59
O2 MAN J . 32.09 7.36 -22.28
O3 MAN J . 31.54 9.79 -23.48
O4 MAN J . 30.96 8.93 -26.14
O5 MAN J . 30.51 5.86 -24.19
O6 MAN J . 32.07 5.37 -26.40
C1 EDO K . -10.70 32.24 9.54
O1 EDO K . -11.45 31.45 10.47
C2 EDO K . -9.24 32.32 9.99
O2 EDO K . -8.56 31.11 9.61
C1 EDO L . -18.20 31.12 2.34
O1 EDO L . -17.36 32.10 2.96
C2 EDO L . -17.60 30.74 1.00
O2 EDO L . -16.59 29.75 1.18
C1 EDO M . -24.57 36.48 4.83
O1 EDO M . -23.87 36.27 6.06
C2 EDO M . -23.60 36.58 3.64
O2 EDO M . -22.25 36.33 4.04
C1 EDO N . -8.30 23.30 12.05
O1 EDO N . -9.49 23.31 11.25
C2 EDO N . -7.24 24.18 11.39
O2 EDO N . -6.07 24.27 12.21
C1 EDO O . -11.01 17.01 10.48
O1 EDO O . -10.46 16.89 9.17
C2 EDO O . -11.95 18.20 10.55
O2 EDO O . -11.50 19.28 9.73
C1 EDO P . -2.60 11.97 -9.67
O1 EDO P . -3.68 11.98 -10.60
C2 EDO P . -2.77 10.81 -8.71
O2 EDO P . -2.84 9.60 -9.46
C1 EDO Q . -5.36 28.99 -27.81
O1 EDO Q . -5.29 28.26 -29.04
C2 EDO Q . -4.49 30.24 -27.89
O2 EDO Q . -5.26 31.40 -27.54
C1 EDO R . 5.87 -21.41 4.48
O1 EDO R . 5.74 -20.66 3.26
C2 EDO R . 6.89 -20.75 5.40
O2 EDO R . 6.27 -19.63 6.07
C1 EDO S . -14.95 -4.12 17.53
O1 EDO S . -15.20 -5.24 16.68
C2 EDO S . -13.98 -3.18 16.83
O2 EDO S . -14.70 -2.25 16.02
C1 EDO T . -4.78 -24.30 3.19
O1 EDO T . -4.53 -22.95 3.59
C2 EDO T . -3.91 -24.64 2.00
O2 EDO T . -2.62 -25.01 2.50
C1 EDO U . -32.52 -19.00 6.97
O1 EDO U . -33.63 -19.08 7.87
C2 EDO U . -33.04 -19.11 5.53
O2 EDO U . -32.15 -18.41 4.66
C1 EDO V . -2.47 -31.27 -3.45
O1 EDO V . -1.54 -30.30 -3.94
C2 EDO V . -3.00 -30.86 -2.08
O2 EDO V . -1.95 -30.29 -1.29
C1 EDO W . -31.06 -17.54 -2.95
O1 EDO W . -30.05 -16.57 -2.59
C2 EDO W . -31.77 -18.05 -1.70
O2 EDO W . -30.83 -18.16 -0.63
C1 EDO X . -26.01 -21.42 -12.64
O1 EDO X . -24.74 -22.01 -12.89
C2 EDO X . -26.55 -21.95 -11.32
O2 EDO X . -27.97 -22.09 -11.43
C1 EDO Y . -13.85 -15.06 23.62
O1 EDO Y . -13.47 -14.41 22.39
C2 EDO Y . -12.78 -14.81 24.68
O2 EDO Y . -12.93 -13.47 25.19
C1 EDO Z . -2.69 -14.85 28.31
O1 EDO Z . -3.85 -15.38 28.95
C2 EDO Z . -2.81 -15.04 26.80
O2 EDO Z . -1.55 -15.44 26.24
C1 EDO AA . -8.90 -1.39 18.43
O1 EDO AA . -8.06 -2.04 17.46
C2 EDO AA . -8.80 -2.09 19.77
O2 EDO AA . -8.73 -3.52 19.61
C1 EDO BA . -4.09 -15.94 36.73
O1 EDO BA . -5.52 -15.97 36.71
C2 EDO BA . -3.55 -17.22 36.11
O2 EDO BA . -4.00 -17.32 34.74
C1 EDO CA . 22.43 -13.71 5.56
O1 EDO CA . 23.47 -12.73 5.60
C2 EDO CA . 21.51 -13.50 6.76
O2 EDO CA . 21.12 -12.12 6.82
C1 EDO DA . 23.92 -7.93 18.78
O1 EDO DA . 22.99 -7.52 19.79
C2 EDO DA . 24.32 -9.38 19.02
O2 EDO DA . 24.60 -9.60 20.41
C1 EDO EA . 6.68 28.67 -9.08
O1 EDO EA . 7.24 27.74 -10.00
C2 EDO EA . 7.08 28.25 -7.67
O2 EDO EA . 6.15 27.27 -7.20
C1 EDO FA . 13.69 30.00 -14.50
O1 EDO FA . 12.97 29.34 -15.55
C2 EDO FA . 12.89 31.19 -13.97
O2 EDO FA . 11.58 30.75 -13.57
C1 EDO GA . -1.31 22.98 -15.15
O1 EDO GA . -1.90 22.20 -14.11
C2 EDO GA . 0.10 23.39 -14.73
O2 EDO GA . 0.95 22.25 -14.79
C1 EDO HA . 2.02 -33.88 -21.27
O1 EDO HA . 2.26 -32.63 -20.61
C2 EDO HA . 2.63 -35.04 -20.50
O2 EDO HA . 3.82 -34.65 -19.80
C1 EDO IA . 22.38 4.44 -3.43
O1 EDO IA . 22.35 5.01 -2.12
C2 EDO IA . 23.35 5.23 -4.31
O2 EDO IA . 24.66 4.65 -4.20
C1 EDO JA . -2.86 -30.97 -15.33
O1 EDO JA . -3.78 -30.05 -15.95
C2 EDO JA . -1.66 -30.21 -14.77
O2 EDO JA . -1.25 -29.18 -15.68
#